data_7G00
#
_entry.id   7G00
#
_cell.length_a   78.698
_cell.length_b   129.581
_cell.length_c   115.914
_cell.angle_alpha   90.000
_cell.angle_beta   90.110
_cell.angle_gamma   90.000
#
_symmetry.space_group_name_H-M   'P 1 21 1'
#
loop_
_entity.id
_entity.type
_entity.pdbx_description
1 polymer 'Fatty acid-binding protein, liver'
2 non-polymer '2-{[(3P)-3-(5-tert-butyl-1,2,4-oxadiazol-3-yl)-4,5,6,7-tetrahydro-1-benzothiophen-2-yl]carbamoyl}cyclopent-1-ene-1-carboxylic acid'
3 non-polymer 'THIOCYANATE ION'
4 water water
#
_entity_poly.entity_id   1
_entity_poly.type   'polypeptide(L)'
_entity_poly.pdbx_seq_one_letter_code
;GSHMSFSGKYQLQSQENFEAFMKAIGLPEELIQKGKDIKGVSEIVQNGKHFKFTITAGSKVIQNEFTVGEECELETMTGE
KVKTVVQLEGDNKLVTTFKNIKSVTELNGDIITNTMTLGDIVFKRISKRI
;
_entity_poly.pdbx_strand_id   A,B,C,D,E,F,G,H,I,J,K,L,M,N,O,P
#
loop_
_chem_comp.id
_chem_comp.type
_chem_comp.name
_chem_comp.formula
SCN non-polymer 'THIOCYANATE ION' 'C N S -1'
WII non-polymer '2-{[(3P)-3-(5-tert-butyl-1,2,4-oxadiazol-3-yl)-4,5,6,7-tetrahydro-1-benzothiophen-2-yl]carbamoyl}cyclopent-1-ene-1-carboxylic acid' 'C21 H25 N3 O4 S'
#
# COMPACT_ATOMS: atom_id res chain seq x y z
N MET A 4 31.09 3.79 -1.38
CA MET A 4 31.00 2.86 -2.50
C MET A 4 30.71 3.62 -3.77
N SER A 5 31.42 3.27 -4.84
CA SER A 5 31.26 3.98 -6.11
C SER A 5 30.47 3.20 -7.15
N PHE A 6 29.68 3.94 -7.93
CA PHE A 6 28.86 3.41 -9.03
C PHE A 6 29.63 3.36 -10.33
N SER A 7 30.77 4.06 -10.38
CA SER A 7 31.56 4.17 -11.60
C SER A 7 31.78 2.84 -12.31
N GLY A 8 31.51 2.82 -13.60
CA GLY A 8 31.77 1.62 -14.38
C GLY A 8 31.00 1.53 -15.67
N LYS A 9 31.28 0.49 -16.44
CA LYS A 9 30.57 0.25 -17.68
C LYS A 9 29.75 -1.00 -17.48
N TYR A 10 28.44 -0.92 -17.76
CA TYR A 10 27.52 -2.02 -17.46
C TYR A 10 26.77 -2.53 -18.67
N GLN A 11 26.77 -3.84 -18.86
CA GLN A 11 26.01 -4.41 -19.96
C GLN A 11 24.72 -5.04 -19.48
N LEU A 12 23.62 -4.65 -20.10
CA LEU A 12 22.33 -5.24 -19.80
C LEU A 12 22.34 -6.77 -19.89
N GLN A 13 21.91 -7.43 -18.82
CA GLN A 13 21.81 -8.89 -18.78
C GLN A 13 20.39 -9.33 -19.10
N SER A 14 19.42 -8.71 -18.44
CA SER A 14 18.04 -9.01 -18.72
C SER A 14 17.13 -7.87 -18.31
N GLN A 15 15.92 -7.85 -18.83
CA GLN A 15 14.94 -6.85 -18.42
C GLN A 15 13.53 -7.38 -18.48
N GLU A 16 12.69 -6.87 -17.57
CA GLU A 16 11.28 -7.24 -17.55
C GLU A 16 10.42 -6.03 -17.89
N ASN A 17 9.41 -6.26 -18.72
CA ASN A 17 8.38 -5.25 -19.01
C ASN A 17 8.83 -4.06 -19.83
N PHE A 18 9.85 -4.24 -20.65
CA PHE A 18 10.28 -3.20 -21.58
C PHE A 18 9.13 -2.71 -22.46
N GLU A 19 8.39 -3.64 -23.04
CA GLU A 19 7.35 -3.27 -24.00
C GLU A 19 6.19 -2.56 -23.31
N ALA A 20 5.75 -3.11 -22.18
CA ALA A 20 4.64 -2.53 -21.44
C ALA A 20 4.97 -1.11 -20.99
N PHE A 21 6.19 -0.92 -20.49
CA PHE A 21 6.65 0.38 -20.02
C PHE A 21 6.76 1.38 -21.17
N MET A 22 7.42 1.00 -22.25
CA MET A 22 7.55 1.85 -23.42
C MET A 22 6.20 2.23 -24.05
N LYS A 23 5.23 1.31 -24.00
CA LYS A 23 3.89 1.62 -24.52
C LYS A 23 3.23 2.65 -23.62
N ALA A 24 3.41 2.47 -22.32
CA ALA A 24 2.76 3.35 -21.33
C ALA A 24 3.25 4.79 -21.34
N ILE A 25 4.41 5.01 -21.93
CA ILE A 25 4.98 6.35 -21.98
C ILE A 25 4.88 6.94 -23.38
N GLY A 26 4.24 6.20 -24.27
CA GLY A 26 3.88 6.69 -25.59
C GLY A 26 4.91 6.55 -26.68
N LEU A 27 5.77 5.56 -26.55
CA LEU A 27 6.75 5.28 -27.58
C LEU A 27 6.08 4.58 -28.76
N PRO A 28 6.40 5.08 -29.96
CA PRO A 28 5.93 4.56 -31.23
C PRO A 28 6.28 3.09 -31.27
N GLU A 29 5.31 2.25 -31.66
CA GLU A 29 5.46 0.80 -31.63
C GLU A 29 6.70 0.37 -32.42
N GLU A 30 7.04 1.18 -33.40
CA GLU A 30 8.19 0.93 -34.25
C GLU A 30 9.49 0.93 -33.44
N LEU A 31 9.65 1.90 -32.54
CA LEU A 31 10.84 2.02 -31.67
C LEU A 31 10.86 1.00 -30.55
N ILE A 32 9.69 0.46 -30.24
CA ILE A 32 9.61 -0.57 -29.23
C ILE A 32 10.14 -1.90 -29.75
N GLN A 33 9.72 -2.30 -30.97
CA GLN A 33 10.13 -3.58 -31.50
C GLN A 33 11.62 -3.58 -31.86
N LYS A 34 12.09 -2.43 -32.33
CA LYS A 34 13.47 -2.30 -32.70
C LYS A 34 14.38 -2.40 -31.49
N GLY A 35 13.93 -1.82 -30.38
CA GLY A 35 14.75 -1.67 -29.20
C GLY A 35 14.64 -2.76 -28.14
N LYS A 36 13.51 -3.47 -28.10
CA LYS A 36 13.22 -4.42 -27.01
C LYS A 36 14.27 -5.50 -26.75
N ASP A 37 15.14 -5.79 -27.72
CA ASP A 37 16.08 -6.89 -27.58
C ASP A 37 17.53 -6.41 -27.56
N ILE A 38 17.73 -5.11 -27.73
CA ILE A 38 19.05 -4.54 -27.59
C ILE A 38 19.61 -4.72 -26.16
N LYS A 39 20.83 -5.23 -26.08
CA LYS A 39 21.53 -5.37 -24.82
C LYS A 39 22.82 -4.58 -24.87
N GLY A 40 22.69 -3.28 -24.65
CA GLY A 40 23.80 -2.38 -24.81
C GLY A 40 24.61 -2.14 -23.54
N VAL A 41 25.46 -1.12 -23.60
CA VAL A 41 26.31 -0.77 -22.48
C VAL A 41 25.98 0.60 -21.95
N SER A 42 25.76 0.68 -20.66
CA SER A 42 25.53 1.95 -19.99
C SER A 42 26.75 2.33 -19.17
N GLU A 43 27.15 3.59 -19.23
CA GLU A 43 28.29 4.06 -18.44
C GLU A 43 27.92 5.03 -17.32
N ILE A 44 28.50 4.81 -16.14
CA ILE A 44 28.40 5.76 -15.04
C ILE A 44 29.76 6.28 -14.63
N VAL A 45 29.89 7.60 -14.61
CA VAL A 45 31.07 8.20 -14.03
C VAL A 45 30.67 8.92 -12.75
N GLN A 46 31.16 8.43 -11.61
CA GLN A 46 30.86 9.07 -10.35
C GLN A 46 32.04 9.81 -9.74
N ASN A 47 31.84 11.10 -9.49
CA ASN A 47 32.73 11.93 -8.68
C ASN A 47 32.04 12.50 -7.44
N GLY A 48 32.21 11.81 -6.33
CA GLY A 48 31.55 12.17 -5.08
C GLY A 48 30.04 12.19 -5.19
N LYS A 49 29.48 13.39 -5.21
CA LYS A 49 28.03 13.54 -5.31
C LYS A 49 27.64 13.90 -6.75
N HIS A 50 28.63 13.96 -7.63
CA HIS A 50 28.38 14.29 -9.03
C HIS A 50 28.42 13.03 -9.89
N PHE A 51 27.37 12.83 -10.69
CA PHE A 51 27.22 11.64 -11.53
C PHE A 51 27.07 12.06 -12.98
N LYS A 52 27.71 11.31 -13.88
CA LYS A 52 27.44 11.44 -15.30
C LYS A 52 26.99 10.10 -15.86
N PHE A 53 25.79 10.06 -16.46
CA PHE A 53 25.24 8.85 -17.03
C PHE A 53 25.18 8.91 -18.54
N THR A 54 25.73 7.87 -19.18
CA THR A 54 25.51 7.66 -20.61
C THR A 54 24.81 6.32 -20.77
N ILE A 55 23.50 6.38 -20.97
CA ILE A 55 22.66 5.18 -20.88
C ILE A 55 22.16 4.73 -22.25
N THR A 56 22.23 3.42 -22.51
CA THR A 56 21.64 2.83 -23.70
C THR A 56 20.27 2.24 -23.36
N ALA A 57 19.22 2.93 -23.78
CA ALA A 57 17.86 2.49 -23.50
C ALA A 57 17.14 2.15 -24.79
N GLY A 58 17.01 0.87 -25.11
CA GLY A 58 16.52 0.47 -26.41
C GLY A 58 17.44 0.99 -27.49
N SER A 59 16.89 1.70 -28.47
CA SER A 59 17.70 2.18 -29.57
C SER A 59 18.10 3.64 -29.35
N LYS A 60 17.99 4.12 -28.11
CA LYS A 60 18.31 5.50 -27.79
C LYS A 60 19.43 5.61 -26.77
N VAL A 61 20.31 6.60 -26.94
CA VAL A 61 21.32 6.90 -25.95
C VAL A 61 20.90 8.13 -25.16
N ILE A 62 20.81 7.95 -23.84
CA ILE A 62 20.32 8.98 -22.95
C ILE A 62 21.47 9.51 -22.11
N GLN A 63 21.57 10.83 -22.01
CA GLN A 63 22.63 11.44 -21.22
C GLN A 63 22.16 12.32 -20.06
N ASN A 64 22.66 12.03 -18.86
CA ASN A 64 22.28 12.75 -17.66
C ASN A 64 23.48 13.07 -16.81
N GLU A 65 23.61 14.35 -16.44
CA GLU A 65 24.58 14.77 -15.42
C GLU A 65 23.85 15.44 -14.27
N PHE A 66 24.30 15.16 -13.05
CA PHE A 66 23.65 15.75 -11.87
C PHE A 66 24.51 15.59 -10.65
N THR A 67 24.21 16.41 -9.64
CA THR A 67 24.78 16.24 -8.32
C THR A 67 23.63 15.82 -7.41
N VAL A 68 23.81 14.77 -6.62
CA VAL A 68 22.72 14.33 -5.75
C VAL A 68 22.31 15.42 -4.76
N GLY A 69 21.01 15.62 -4.62
CA GLY A 69 20.50 16.62 -3.71
C GLY A 69 20.27 17.98 -4.37
N GLU A 70 20.84 18.17 -5.55
CA GLU A 70 20.65 19.41 -6.29
C GLU A 70 19.60 19.21 -7.36
N GLU A 71 18.91 20.27 -7.74
CA GLU A 71 17.98 20.22 -8.85
C GLU A 71 18.74 19.90 -10.15
N CYS A 72 18.14 19.09 -11.01
CA CYS A 72 18.78 18.74 -12.27
C CYS A 72 17.72 18.50 -13.33
N GLU A 73 18.16 18.22 -14.55
CA GLU A 73 17.24 17.89 -15.62
C GLU A 73 17.55 16.49 -16.14
N LEU A 74 16.56 15.61 -16.08
CA LEU A 74 16.73 14.25 -16.58
C LEU A 74 16.17 14.17 -17.97
N GLU A 75 16.83 13.41 -18.84
CA GLU A 75 16.32 13.21 -20.18
C GLU A 75 15.42 11.99 -20.21
N THR A 76 14.32 12.15 -20.93
CA THR A 76 13.31 11.13 -21.05
C THR A 76 13.46 10.39 -22.38
N MET A 77 12.78 9.25 -22.53
CA MET A 77 12.83 8.49 -23.78
C MET A 77 12.37 9.35 -24.95
N THR A 78 11.38 10.17 -24.70
CA THR A 78 10.75 10.98 -25.74
C THR A 78 11.55 12.24 -26.09
N GLY A 79 12.74 12.40 -25.51
CA GLY A 79 13.61 13.54 -25.79
C GLY A 79 13.49 14.71 -24.82
N GLU A 80 12.36 14.79 -24.15
CA GLU A 80 12.00 15.84 -23.20
C GLU A 80 12.90 15.93 -21.95
N LYS A 81 13.11 17.12 -21.44
CA LYS A 81 13.86 17.31 -20.18
C LYS A 81 12.90 17.59 -19.01
N VAL A 82 13.10 16.92 -17.88
CA VAL A 82 12.25 17.17 -16.71
C VAL A 82 13.04 17.56 -15.49
N LYS A 83 12.58 18.62 -14.81
CA LYS A 83 13.23 19.07 -13.58
C LYS A 83 12.91 18.09 -12.46
N THR A 84 13.94 17.72 -11.70
CA THR A 84 13.76 16.88 -10.53
C THR A 84 15.04 16.84 -9.71
N VAL A 85 15.08 15.94 -8.73
CA VAL A 85 16.23 15.79 -7.86
C VAL A 85 16.50 14.31 -7.68
N VAL A 86 17.78 13.94 -7.62
CA VAL A 86 18.16 12.57 -7.41
C VAL A 86 18.82 12.48 -6.05
N GLN A 87 18.41 11.48 -5.25
CA GLN A 87 18.93 11.32 -3.91
C GLN A 87 19.72 10.03 -3.77
N LEU A 88 20.68 10.03 -2.85
CA LEU A 88 21.29 8.80 -2.37
C LEU A 88 20.53 8.26 -1.17
N GLU A 89 20.21 6.95 -1.19
CA GLU A 89 19.65 6.27 -0.03
C GLU A 89 20.54 5.11 0.39
N GLY A 90 21.33 5.30 1.43
CA GLY A 90 22.38 4.35 1.70
C GLY A 90 23.49 4.70 0.75
N ASP A 91 24.48 3.82 0.62
CA ASP A 91 25.63 4.10 -0.22
C ASP A 91 25.41 3.61 -1.65
N ASN A 92 24.38 2.80 -1.83
CA ASN A 92 24.26 2.01 -3.06
C ASN A 92 22.94 2.19 -3.80
N LYS A 93 22.17 3.21 -3.46
CA LYS A 93 20.85 3.38 -4.04
C LYS A 93 20.65 4.82 -4.53
N LEU A 94 20.37 4.99 -5.82
CA LEU A 94 19.95 6.29 -6.31
C LEU A 94 18.46 6.26 -6.51
N VAL A 95 17.76 7.25 -5.98
CA VAL A 95 16.30 7.28 -6.05
C VAL A 95 15.82 8.60 -6.63
N THR A 96 14.82 8.57 -7.50
CA THR A 96 14.25 9.80 -8.04
C THR A 96 12.87 9.59 -8.66
N THR A 97 12.21 10.67 -9.02
CA THR A 97 10.86 10.62 -9.60
C THR A 97 10.75 11.65 -10.68
N PHE A 98 10.12 11.29 -11.78
CA PHE A 98 9.87 12.23 -12.85
C PHE A 98 8.71 11.71 -13.70
N LYS A 99 7.81 12.60 -14.10
CA LYS A 99 6.68 12.21 -14.93
C LYS A 99 5.91 11.00 -14.36
N ASN A 100 5.72 10.98 -13.04
CA ASN A 100 5.02 9.88 -12.35
C ASN A 100 5.73 8.54 -12.34
N ILE A 101 7.03 8.58 -12.63
CA ILE A 101 7.87 7.40 -12.64
C ILE A 101 8.79 7.37 -11.41
N LYS A 102 8.68 6.32 -10.62
CA LYS A 102 9.55 6.15 -9.47
C LYS A 102 10.68 5.25 -9.89
N SER A 103 11.89 5.78 -9.83
CA SER A 103 13.08 5.03 -10.23
C SER A 103 13.95 4.75 -9.02
N VAL A 104 14.49 3.55 -8.99
CA VAL A 104 15.43 3.16 -7.97
C VAL A 104 16.54 2.38 -8.62
N THR A 105 17.77 2.89 -8.52
CA THR A 105 18.93 2.30 -9.16
C THR A 105 19.85 1.81 -8.07
N GLU A 106 20.03 0.51 -7.97
CA GLU A 106 20.77 -0.05 -6.85
C GLU A 106 21.96 -0.86 -7.31
N LEU A 107 23.12 -0.63 -6.69
CA LEU A 107 24.33 -1.40 -7.01
C LEU A 107 24.66 -2.44 -5.94
N ASN A 108 24.86 -3.69 -6.35
CA ASN A 108 25.31 -4.72 -5.45
C ASN A 108 26.47 -5.46 -6.04
N GLY A 109 27.68 -5.11 -5.62
CA GLY A 109 28.88 -5.67 -6.22
C GLY A 109 29.07 -5.23 -7.67
N ASP A 110 28.81 -6.15 -8.59
CA ASP A 110 28.96 -5.87 -10.02
C ASP A 110 27.62 -5.78 -10.74
N ILE A 111 26.54 -5.95 -9.99
CA ILE A 111 25.20 -5.95 -10.55
C ILE A 111 24.46 -4.67 -10.20
N ILE A 112 24.01 -3.96 -11.22
CA ILE A 112 23.09 -2.85 -11.02
C ILE A 112 21.65 -3.29 -11.33
N THR A 113 20.74 -2.98 -10.42
CA THR A 113 19.34 -3.23 -10.64
C THR A 113 18.60 -1.91 -10.78
N ASN A 114 18.13 -1.63 -11.98
CA ASN A 114 17.37 -0.42 -12.24
C ASN A 114 15.87 -0.73 -12.30
N THR A 115 15.12 -0.20 -11.35
CA THR A 115 13.70 -0.46 -11.26
C THR A 115 12.91 0.82 -11.45
N MET A 116 12.11 0.88 -12.51
CA MET A 116 11.27 2.05 -12.75
C MET A 116 9.79 1.69 -12.73
N THR A 117 9.03 2.40 -11.89
CA THR A 117 7.63 2.06 -11.66
C THR A 117 6.71 3.15 -12.16
N LEU A 118 5.77 2.78 -13.03
CA LEU A 118 4.82 3.71 -13.63
C LEU A 118 3.43 3.10 -13.60
N GLY A 119 2.59 3.59 -12.70
CA GLY A 119 1.31 2.94 -12.47
C GLY A 119 1.59 1.59 -11.85
N ASP A 120 1.09 0.52 -12.46
CA ASP A 120 1.32 -0.84 -11.95
C ASP A 120 2.43 -1.55 -12.69
N ILE A 121 3.06 -0.86 -13.64
CA ILE A 121 4.10 -1.46 -14.44
C ILE A 121 5.46 -1.34 -13.77
N VAL A 122 6.10 -2.47 -13.50
CA VAL A 122 7.43 -2.48 -12.94
C VAL A 122 8.43 -2.88 -14.02
N PHE A 123 9.06 -1.88 -14.59
CA PHE A 123 10.13 -2.01 -15.55
C PHE A 123 11.45 -2.24 -14.80
N LYS A 124 12.02 -3.44 -14.93
CA LYS A 124 13.24 -3.78 -14.18
C LYS A 124 14.36 -4.21 -15.12
N ARG A 125 15.53 -3.57 -14.97
CA ARG A 125 16.70 -3.88 -15.79
C ARG A 125 17.85 -4.31 -14.92
N ILE A 126 18.52 -5.37 -15.32
CA ILE A 126 19.66 -5.88 -14.58
C ILE A 126 20.92 -5.87 -15.45
N SER A 127 21.94 -5.14 -15.01
CA SER A 127 23.16 -4.99 -15.78
C SER A 127 24.36 -5.44 -14.96
N LYS A 128 25.43 -5.84 -15.64
CA LYS A 128 26.62 -6.37 -14.97
C LYS A 128 27.85 -5.59 -15.44
N ARG A 129 28.74 -5.29 -14.50
CA ARG A 129 29.94 -4.53 -14.83
C ARG A 129 30.81 -5.35 -15.79
N ILE A 130 31.40 -4.68 -16.77
CA ILE A 130 32.32 -5.33 -17.71
C ILE A 130 33.77 -4.85 -17.58
N MET B 4 -9.02 -35.04 -51.86
CA MET B 4 -8.58 -34.98 -50.46
C MET B 4 -9.58 -34.28 -49.54
N SER B 5 -9.65 -34.77 -48.30
CA SER B 5 -10.57 -34.22 -47.30
C SER B 5 -9.84 -33.47 -46.18
N PHE B 6 -10.42 -32.34 -45.79
CA PHE B 6 -9.88 -31.47 -44.74
C PHE B 6 -10.34 -31.91 -43.37
N SER B 7 -11.40 -32.72 -43.33
CA SER B 7 -12.04 -33.12 -42.08
C SER B 7 -11.02 -33.54 -41.02
N GLY B 8 -11.16 -32.98 -39.82
CA GLY B 8 -10.34 -33.43 -38.71
C GLY B 8 -10.26 -32.43 -37.56
N LYS B 9 -9.55 -32.81 -36.51
CA LYS B 9 -9.29 -31.92 -35.41
C LYS B 9 -7.80 -31.60 -35.43
N TYR B 10 -7.46 -30.31 -35.38
CA TYR B 10 -6.07 -29.87 -35.53
C TYR B 10 -5.58 -29.04 -34.35
N GLN B 11 -4.42 -29.40 -33.81
CA GLN B 11 -3.85 -28.60 -32.74
C GLN B 11 -2.73 -27.72 -33.24
N LEU B 12 -2.80 -26.45 -32.92
CA LEU B 12 -1.76 -25.51 -33.30
C LEU B 12 -0.38 -25.96 -32.81
N GLN B 13 0.57 -26.01 -33.72
CA GLN B 13 1.95 -26.37 -33.37
C GLN B 13 2.79 -25.12 -33.17
N SER B 14 2.67 -24.18 -34.09
CA SER B 14 3.41 -22.94 -33.98
C SER B 14 2.75 -21.86 -34.82
N GLN B 15 3.05 -20.60 -34.52
CA GLN B 15 2.56 -19.50 -35.34
C GLN B 15 3.53 -18.34 -35.39
N GLU B 16 3.54 -17.62 -36.51
CA GLU B 16 4.38 -16.45 -36.66
C GLU B 16 3.51 -15.21 -36.77
N ASN B 17 3.93 -14.14 -36.10
CA ASN B 17 3.31 -12.83 -36.25
C ASN B 17 1.90 -12.69 -35.69
N PHE B 18 1.55 -13.51 -34.71
CA PHE B 18 0.27 -13.36 -34.03
C PHE B 18 0.06 -11.91 -33.52
N GLU B 19 1.07 -11.37 -32.83
CA GLU B 19 0.89 -10.08 -32.18
C GLU B 19 0.79 -8.97 -33.19
N ALA B 20 1.65 -9.00 -34.20
CA ALA B 20 1.67 -7.98 -35.24
C ALA B 20 0.35 -7.95 -36.00
N PHE B 21 -0.14 -9.14 -36.36
CA PHE B 21 -1.43 -9.29 -37.03
C PHE B 21 -2.59 -8.81 -36.19
N MET B 22 -2.65 -9.26 -34.93
CA MET B 22 -3.71 -8.83 -34.03
C MET B 22 -3.69 -7.30 -33.76
N LYS B 23 -2.49 -6.69 -33.79
CA LYS B 23 -2.39 -5.25 -33.54
C LYS B 23 -2.88 -4.48 -34.76
N ALA B 24 -2.62 -5.06 -35.92
CA ALA B 24 -3.01 -4.44 -37.19
C ALA B 24 -4.51 -4.43 -37.45
N ILE B 25 -5.25 -5.32 -36.78
CA ILE B 25 -6.69 -5.43 -36.99
C ILE B 25 -7.45 -4.80 -35.82
N GLY B 26 -6.70 -4.22 -34.90
CA GLY B 26 -7.27 -3.44 -33.81
C GLY B 26 -7.72 -4.20 -32.57
N LEU B 27 -7.10 -5.34 -32.31
CA LEU B 27 -7.40 -6.06 -31.10
C LEU B 27 -6.73 -5.40 -29.90
N PRO B 28 -7.50 -5.26 -28.80
CA PRO B 28 -7.03 -4.70 -27.52
C PRO B 28 -5.80 -5.46 -27.06
N GLU B 29 -4.80 -4.78 -26.50
CA GLU B 29 -3.57 -5.44 -26.07
C GLU B 29 -3.83 -6.53 -25.03
N GLU B 30 -4.82 -6.28 -24.17
CA GLU B 30 -5.25 -7.25 -23.19
C GLU B 30 -5.57 -8.59 -23.83
N LEU B 31 -6.30 -8.56 -24.95
CA LEU B 31 -6.67 -9.78 -25.68
C LEU B 31 -5.50 -10.42 -26.45
N ILE B 32 -4.53 -9.59 -26.82
CA ILE B 32 -3.38 -10.09 -27.54
C ILE B 32 -2.44 -10.86 -26.61
N GLN B 33 -2.19 -10.31 -25.43
CA GLN B 33 -1.24 -10.97 -24.51
C GLN B 33 -1.85 -12.26 -23.92
N LYS B 34 -3.14 -12.22 -23.67
CA LYS B 34 -3.83 -13.38 -23.14
C LYS B 34 -3.84 -14.52 -24.15
N GLY B 35 -4.02 -14.18 -25.42
CA GLY B 35 -4.17 -15.16 -26.47
C GLY B 35 -2.95 -15.66 -27.22
N LYS B 36 -1.88 -14.86 -27.23
CA LYS B 36 -0.69 -15.13 -28.06
C LYS B 36 -0.05 -16.50 -27.85
N ASP B 37 -0.25 -17.12 -26.70
CA ASP B 37 0.43 -18.37 -26.38
C ASP B 37 -0.51 -19.57 -26.30
N ILE B 38 -1.79 -19.32 -26.50
CA ILE B 38 -2.76 -20.40 -26.57
C ILE B 38 -2.53 -21.31 -27.78
N LYS B 39 -2.45 -22.61 -27.55
CA LYS B 39 -2.33 -23.61 -28.61
C LYS B 39 -3.50 -24.55 -28.56
N GLY B 40 -4.62 -24.12 -29.14
CA GLY B 40 -5.86 -24.83 -29.00
C GLY B 40 -6.14 -25.77 -30.15
N VAL B 41 -7.38 -26.22 -30.22
CA VAL B 41 -7.78 -27.17 -31.25
C VAL B 41 -8.84 -26.59 -32.17
N SER B 42 -8.57 -26.65 -33.47
CA SER B 42 -9.51 -26.22 -34.47
C SER B 42 -10.11 -27.45 -35.14
N GLU B 43 -11.41 -27.42 -35.41
CA GLU B 43 -12.08 -28.54 -36.08
C GLU B 43 -12.64 -28.16 -37.45
N ILE B 44 -12.43 -29.05 -38.41
CA ILE B 44 -13.04 -28.89 -39.72
C ILE B 44 -13.91 -30.10 -40.03
N VAL B 45 -15.16 -29.82 -40.37
CA VAL B 45 -16.01 -30.86 -40.89
C VAL B 45 -16.27 -30.57 -42.38
N GLN B 46 -15.76 -31.44 -43.23
CA GLN B 46 -16.00 -31.27 -44.66
C GLN B 46 -16.98 -32.29 -45.23
N ASN B 47 -18.02 -31.77 -45.87
CA ASN B 47 -18.99 -32.58 -46.59
C ASN B 47 -19.05 -32.16 -48.04
N GLY B 48 -18.24 -32.79 -48.89
CA GLY B 48 -18.22 -32.44 -50.30
C GLY B 48 -17.68 -31.05 -50.55
N LYS B 49 -18.55 -30.09 -50.91
CA LYS B 49 -18.15 -28.70 -51.08
C LYS B 49 -18.51 -27.84 -49.89
N HIS B 50 -19.19 -28.44 -48.90
CA HIS B 50 -19.63 -27.72 -47.71
C HIS B 50 -18.70 -27.94 -46.52
N PHE B 51 -18.31 -26.84 -45.89
CA PHE B 51 -17.33 -26.86 -44.78
C PHE B 51 -17.94 -26.26 -43.53
N LYS B 52 -17.66 -26.86 -42.39
CA LYS B 52 -17.97 -26.23 -41.11
C LYS B 52 -16.68 -26.07 -40.31
N PHE B 53 -16.36 -24.85 -39.90
CA PHE B 53 -15.13 -24.57 -39.14
C PHE B 53 -15.44 -24.15 -37.73
N THR B 54 -14.79 -24.79 -36.77
CA THR B 54 -14.82 -24.32 -35.38
C THR B 54 -13.38 -24.06 -34.98
N ILE B 55 -13.00 -22.78 -35.00
CA ILE B 55 -11.59 -22.38 -34.92
C ILE B 55 -11.27 -21.72 -33.59
N THR B 56 -10.15 -22.12 -33.00
CA THR B 56 -9.65 -21.47 -31.80
C THR B 56 -8.57 -20.45 -32.18
N ALA B 57 -8.91 -19.18 -32.13
CA ALA B 57 -7.97 -18.14 -32.50
C ALA B 57 -7.70 -17.28 -31.28
N GLY B 58 -6.51 -17.46 -30.68
CA GLY B 58 -6.21 -16.81 -29.42
C GLY B 58 -7.24 -17.25 -28.40
N SER B 59 -7.87 -16.30 -27.73
CA SER B 59 -8.81 -16.64 -26.68
C SER B 59 -10.25 -16.63 -27.19
N LYS B 60 -10.42 -16.66 -28.51
CA LYS B 60 -11.75 -16.61 -29.12
C LYS B 60 -12.04 -17.84 -29.95
N VAL B 61 -13.29 -18.29 -29.92
CA VAL B 61 -13.74 -19.37 -30.78
C VAL B 61 -14.54 -18.81 -31.93
N ILE B 62 -14.09 -19.10 -33.14
CA ILE B 62 -14.68 -18.55 -34.34
C ILE B 62 -15.40 -19.66 -35.08
N GLN B 63 -16.61 -19.37 -35.54
CA GLN B 63 -17.40 -20.35 -36.27
C GLN B 63 -17.82 -19.92 -37.66
N ASN B 64 -17.49 -20.76 -38.65
CA ASN B 64 -17.77 -20.50 -40.06
C ASN B 64 -18.34 -21.71 -40.76
N GLU B 65 -19.47 -21.52 -41.44
CA GLU B 65 -20.01 -22.55 -42.34
C GLU B 65 -20.17 -21.97 -43.73
N PHE B 66 -19.79 -22.73 -44.74
CA PHE B 66 -19.90 -22.26 -46.11
C PHE B 66 -19.82 -23.40 -47.09
N THR B 67 -20.25 -23.11 -48.33
CA THR B 67 -20.05 -24.01 -49.45
C THR B 67 -19.09 -23.25 -50.38
N VAL B 68 -18.04 -23.93 -50.86
CA VAL B 68 -17.08 -23.25 -51.71
C VAL B 68 -17.75 -22.78 -53.00
N GLY B 69 -17.46 -21.55 -53.40
CA GLY B 69 -18.02 -20.99 -54.62
C GLY B 69 -19.28 -20.20 -54.37
N GLU B 70 -19.91 -20.41 -53.21
CA GLU B 70 -21.12 -19.67 -52.87
C GLU B 70 -20.79 -18.52 -51.95
N GLU B 71 -21.60 -17.47 -51.99
CA GLU B 71 -21.41 -16.35 -51.08
C GLU B 71 -21.65 -16.83 -49.65
N CYS B 72 -20.87 -16.32 -48.70
CA CYS B 72 -20.99 -16.71 -47.31
C CYS B 72 -20.60 -15.57 -46.40
N GLU B 73 -20.77 -15.77 -45.09
CA GLU B 73 -20.34 -14.77 -44.13
C GLU B 73 -19.27 -15.35 -43.22
N LEU B 74 -18.11 -14.70 -43.20
CA LEU B 74 -17.02 -15.15 -42.35
C LEU B 74 -17.01 -14.31 -41.09
N GLU B 75 -16.73 -14.96 -39.96
CA GLU B 75 -16.62 -14.24 -38.71
C GLU B 75 -15.20 -13.76 -38.51
N THR B 76 -15.09 -12.54 -38.04
CA THR B 76 -13.83 -11.88 -37.82
C THR B 76 -13.44 -11.93 -36.33
N MET B 77 -12.17 -11.64 -36.01
CA MET B 77 -11.74 -11.60 -34.61
C MET B 77 -12.60 -10.67 -33.78
N THR B 78 -12.98 -9.56 -34.40
CA THR B 78 -13.69 -8.48 -33.72
C THR B 78 -15.19 -8.76 -33.58
N GLY B 79 -15.64 -9.94 -33.99
CA GLY B 79 -17.05 -10.33 -33.89
C GLY B 79 -17.90 -10.10 -35.14
N GLU B 80 -17.42 -9.19 -35.98
CA GLU B 80 -18.08 -8.75 -37.22
C GLU B 80 -18.23 -9.86 -38.30
N LYS B 81 -19.31 -9.82 -39.07
CA LYS B 81 -19.49 -10.76 -40.18
C LYS B 81 -19.20 -10.07 -41.51
N VAL B 82 -18.45 -10.72 -42.40
CA VAL B 82 -18.15 -10.12 -43.70
C VAL B 82 -18.56 -11.02 -44.85
N LYS B 83 -19.23 -10.44 -45.84
CA LYS B 83 -19.63 -11.20 -47.03
C LYS B 83 -18.40 -11.45 -47.87
N THR B 84 -18.26 -12.68 -48.36
CA THR B 84 -17.20 -13.05 -49.29
C THR B 84 -17.46 -14.45 -49.88
N VAL B 85 -16.47 -14.99 -50.57
CA VAL B 85 -16.57 -16.32 -51.16
C VAL B 85 -15.27 -17.08 -50.89
N VAL B 86 -15.37 -18.37 -50.62
CA VAL B 86 -14.19 -19.20 -50.40
C VAL B 86 -14.07 -20.16 -51.57
N GLN B 87 -12.88 -20.24 -52.15
CA GLN B 87 -12.66 -21.12 -53.29
C GLN B 87 -11.73 -22.27 -52.96
N LEU B 88 -11.88 -23.37 -53.71
CA LEU B 88 -10.86 -24.42 -53.70
C LEU B 88 -9.87 -24.16 -54.83
N GLU B 89 -8.59 -24.28 -54.55
CA GLU B 89 -7.54 -24.23 -55.56
C GLU B 89 -6.72 -25.50 -55.50
N GLY B 90 -6.97 -26.42 -56.42
CA GLY B 90 -6.43 -27.76 -56.27
C GLY B 90 -7.32 -28.43 -55.24
N ASP B 91 -6.88 -29.58 -54.73
CA ASP B 91 -7.71 -30.36 -53.82
C ASP B 91 -7.46 -29.98 -52.36
N ASN B 92 -6.38 -29.25 -52.14
CA ASN B 92 -5.86 -29.06 -50.80
C ASN B 92 -5.70 -27.62 -50.33
N LYS B 93 -6.31 -26.67 -51.04
CA LYS B 93 -6.09 -25.25 -50.76
C LYS B 93 -7.42 -24.49 -50.73
N LEU B 94 -7.74 -23.90 -49.58
CA LEU B 94 -8.88 -22.99 -49.50
C LEU B 94 -8.37 -21.57 -49.51
N VAL B 95 -8.92 -20.75 -50.38
CA VAL B 95 -8.45 -19.38 -50.59
C VAL B 95 -9.62 -18.41 -50.49
N THR B 96 -9.40 -17.29 -49.82
CA THR B 96 -10.42 -16.26 -49.68
C THR B 96 -9.83 -14.91 -49.24
N THR B 97 -10.67 -13.87 -49.33
CA THR B 97 -10.27 -12.53 -48.98
C THR B 97 -11.40 -11.87 -48.23
N PHE B 98 -11.05 -11.09 -47.21
CA PHE B 98 -12.03 -10.32 -46.46
C PHE B 98 -11.31 -9.24 -45.70
N LYS B 99 -11.88 -8.04 -45.69
CA LYS B 99 -11.28 -6.91 -44.98
C LYS B 99 -9.81 -6.71 -45.33
N ASN B 100 -9.45 -6.86 -46.61
CA ASN B 100 -8.06 -6.72 -47.07
C ASN B 100 -7.09 -7.78 -46.58
N ILE B 101 -7.63 -8.85 -46.04
CA ILE B 101 -6.82 -9.97 -45.56
C ILE B 101 -6.87 -11.13 -46.55
N LYS B 102 -5.73 -11.61 -46.98
CA LYS B 102 -5.69 -12.65 -47.97
C LYS B 102 -5.32 -13.95 -47.30
N SER B 103 -6.28 -14.85 -47.23
CA SER B 103 -6.12 -16.09 -46.47
C SER B 103 -5.97 -17.29 -47.40
N VAL B 104 -4.98 -18.13 -47.11
CA VAL B 104 -4.76 -19.37 -47.82
C VAL B 104 -4.59 -20.50 -46.81
N THR B 105 -5.45 -21.51 -46.89
CA THR B 105 -5.42 -22.61 -45.94
C THR B 105 -5.08 -23.87 -46.68
N GLU B 106 -3.93 -24.45 -46.40
CA GLU B 106 -3.46 -25.57 -47.20
C GLU B 106 -3.23 -26.81 -46.35
N LEU B 107 -3.71 -27.96 -46.83
CA LEU B 107 -3.51 -29.23 -46.14
C LEU B 107 -2.47 -30.10 -46.84
N ASN B 108 -1.50 -30.57 -46.08
CA ASN B 108 -0.51 -31.52 -46.59
C ASN B 108 -0.36 -32.68 -45.64
N GLY B 109 -1.06 -33.77 -45.93
CA GLY B 109 -1.05 -34.91 -45.03
C GLY B 109 -1.80 -34.60 -43.77
N ASP B 110 -1.05 -34.40 -42.68
CA ASP B 110 -1.64 -34.13 -41.37
C ASP B 110 -1.39 -32.69 -40.91
N ILE B 111 -0.69 -31.93 -41.75
CA ILE B 111 -0.32 -30.55 -41.43
C ILE B 111 -1.17 -29.56 -42.21
N ILE B 112 -1.88 -28.69 -41.51
CA ILE B 112 -2.52 -27.56 -42.15
C ILE B 112 -1.70 -26.28 -41.95
N THR B 113 -1.49 -25.55 -43.04
CA THR B 113 -0.78 -24.31 -42.98
C THR B 113 -1.74 -23.21 -43.33
N ASN B 114 -2.08 -22.38 -42.34
CA ASN B 114 -2.96 -21.25 -42.54
C ASN B 114 -2.18 -19.95 -42.61
N THR B 115 -2.18 -19.34 -43.78
CA THR B 115 -1.45 -18.12 -44.03
C THR B 115 -2.40 -16.96 -44.32
N MET B 116 -2.38 -15.95 -43.46
CA MET B 116 -3.18 -14.76 -43.67
C MET B 116 -2.31 -13.54 -43.82
N THR B 117 -2.53 -12.80 -44.91
CA THR B 117 -1.69 -11.66 -45.27
C THR B 117 -2.46 -10.35 -45.21
N LEU B 118 -1.95 -9.39 -44.44
CA LEU B 118 -2.59 -8.10 -44.27
C LEU B 118 -1.54 -7.03 -44.36
N GLY B 119 -1.53 -6.28 -45.46
CA GLY B 119 -0.44 -5.37 -45.74
C GLY B 119 0.83 -6.20 -45.92
N ASP B 120 1.84 -5.93 -45.12
CA ASP B 120 3.08 -6.68 -45.24
C ASP B 120 3.24 -7.71 -44.14
N ILE B 121 2.19 -7.88 -43.35
CA ILE B 121 2.23 -8.82 -42.25
C ILE B 121 1.77 -10.21 -42.69
N VAL B 122 2.65 -11.19 -42.55
CA VAL B 122 2.29 -12.56 -42.89
C VAL B 122 2.08 -13.36 -41.61
N PHE B 123 0.81 -13.56 -41.26
CA PHE B 123 0.37 -14.31 -40.11
C PHE B 123 0.25 -15.75 -40.51
N LYS B 124 1.13 -16.60 -39.98
CA LYS B 124 1.18 -17.99 -40.42
C LYS B 124 0.97 -18.95 -39.24
N ARG B 125 0.01 -19.86 -39.37
CA ARG B 125 -0.26 -20.84 -38.34
C ARG B 125 -0.10 -22.25 -38.89
N ILE B 126 0.58 -23.09 -38.14
CA ILE B 126 0.78 -24.48 -38.51
C ILE B 126 0.18 -25.44 -37.47
N SER B 127 -0.80 -26.24 -37.90
CA SER B 127 -1.50 -27.16 -37.02
C SER B 127 -1.35 -28.60 -37.49
N LYS B 128 -1.48 -29.52 -36.55
CA LYS B 128 -1.32 -30.94 -36.86
C LYS B 128 -2.57 -31.73 -36.47
N ARG B 129 -2.96 -32.69 -37.30
CA ARG B 129 -4.13 -33.49 -36.97
C ARG B 129 -3.86 -34.29 -35.72
N ILE B 130 -4.88 -34.42 -34.86
CA ILE B 130 -4.77 -35.24 -33.65
C ILE B 130 -5.69 -36.46 -33.68
N MET C 4 -11.32 27.42 -38.87
CA MET C 4 -10.50 26.66 -39.83
C MET C 4 -11.35 25.72 -40.67
N SER C 5 -11.08 25.71 -41.97
CA SER C 5 -11.88 24.95 -42.92
C SER C 5 -10.99 24.03 -43.76
N PHE C 6 -11.47 22.82 -43.98
CA PHE C 6 -10.81 21.93 -44.92
C PHE C 6 -11.19 22.27 -46.36
N SER C 7 -12.24 23.06 -46.54
CA SER C 7 -12.73 23.39 -47.87
C SER C 7 -11.63 23.82 -48.82
N GLY C 8 -11.62 23.22 -50.01
CA GLY C 8 -10.67 23.64 -51.03
C GLY C 8 -10.46 22.62 -52.14
N LYS C 9 -9.68 23.01 -53.14
CA LYS C 9 -9.27 22.09 -54.17
C LYS C 9 -7.77 21.83 -54.01
N TYR C 10 -7.39 20.55 -53.94
CA TYR C 10 -6.01 20.18 -53.64
C TYR C 10 -5.37 19.34 -54.72
N GLN C 11 -4.18 19.72 -55.16
CA GLN C 11 -3.46 18.93 -56.14
C GLN C 11 -2.38 18.10 -55.46
N LEU C 12 -2.36 16.80 -55.77
CA LEU C 12 -1.36 15.91 -55.24
C LEU C 12 0.06 16.40 -55.60
N GLN C 13 0.93 16.50 -54.60
CA GLN C 13 2.30 16.94 -54.82
C GLN C 13 3.22 15.74 -54.87
N SER C 14 3.06 14.84 -53.91
CA SER C 14 3.85 13.62 -53.88
C SER C 14 3.16 12.54 -53.06
N GLN C 15 3.56 11.28 -53.26
CA GLN C 15 3.01 10.18 -52.50
C GLN C 15 4.01 9.06 -52.34
N GLU C 16 3.93 8.36 -51.20
CA GLU C 16 4.80 7.23 -50.94
C GLU C 16 3.96 5.96 -50.86
N ASN C 17 4.46 4.88 -51.45
CA ASN C 17 3.86 3.55 -51.31
C ASN C 17 2.51 3.34 -51.99
N PHE C 18 2.25 4.08 -53.05
CA PHE C 18 1.04 3.89 -53.84
C PHE C 18 0.94 2.44 -54.32
N GLU C 19 2.03 1.90 -54.84
CA GLU C 19 1.96 0.59 -55.47
C GLU C 19 1.80 -0.52 -54.44
N ALA C 20 2.55 -0.42 -53.35
CA ALA C 20 2.50 -1.40 -52.28
C ALA C 20 1.11 -1.43 -51.65
N PHE C 21 0.55 -0.25 -51.44
CA PHE C 21 -0.80 -0.13 -50.90
C PHE C 21 -1.86 -0.71 -51.85
N MET C 22 -1.82 -0.28 -53.10
CA MET C 22 -2.80 -0.74 -54.07
C MET C 22 -2.74 -2.25 -54.28
N LYS C 23 -1.54 -2.81 -54.19
CA LYS C 23 -1.39 -4.24 -54.35
C LYS C 23 -2.05 -4.92 -53.15
N ALA C 24 -1.74 -4.42 -51.96
CA ALA C 24 -2.23 -5.01 -50.71
C ALA C 24 -3.74 -5.07 -50.62
N ILE C 25 -4.42 -4.21 -51.36
CA ILE C 25 -5.86 -4.16 -51.30
C ILE C 25 -6.49 -4.84 -52.50
N GLY C 26 -5.64 -5.44 -53.34
CA GLY C 26 -6.11 -6.29 -54.42
C GLY C 26 -6.42 -5.61 -55.75
N LEU C 27 -5.81 -4.47 -56.00
CA LEU C 27 -5.98 -3.80 -57.28
C LEU C 27 -5.16 -4.49 -58.37
N PRO C 28 -5.80 -4.70 -59.54
CA PRO C 28 -5.13 -5.32 -60.68
C PRO C 28 -3.93 -4.48 -61.07
N GLU C 29 -2.85 -5.11 -61.53
CA GLU C 29 -1.64 -4.36 -61.87
C GLU C 29 -1.91 -3.34 -62.94
N GLU C 30 -2.72 -3.71 -63.93
CA GLU C 30 -3.07 -2.79 -65.01
C GLU C 30 -3.44 -1.40 -64.44
N LEU C 31 -4.35 -1.39 -63.47
CA LEU C 31 -4.79 -0.14 -62.84
C LEU C 31 -3.73 0.50 -61.97
N ILE C 32 -2.83 -0.29 -61.40
CA ILE C 32 -1.80 0.27 -60.55
C ILE C 32 -0.79 1.06 -61.38
N GLN C 33 -0.38 0.49 -62.50
CA GLN C 33 0.64 1.13 -63.34
C GLN C 33 0.06 2.36 -64.06
N LYS C 34 -1.18 2.26 -64.47
CA LYS C 34 -1.86 3.38 -65.11
C LYS C 34 -2.01 4.56 -64.15
N GLY C 35 -2.26 4.26 -62.86
CA GLY C 35 -2.63 5.28 -61.91
C GLY C 35 -1.53 5.84 -61.04
N LYS C 36 -0.45 5.07 -60.89
CA LYS C 36 0.65 5.40 -59.95
C LYS C 36 1.27 6.79 -60.12
N ASP C 37 1.18 7.36 -61.32
CA ASP C 37 1.83 8.64 -61.61
C ASP C 37 0.86 9.79 -61.83
N ILE C 38 -0.44 9.51 -61.79
CA ILE C 38 -1.43 10.57 -61.87
C ILE C 38 -1.35 11.52 -60.68
N LYS C 39 -1.28 12.82 -60.95
CA LYS C 39 -1.33 13.84 -59.90
C LYS C 39 -2.52 14.73 -60.12
N GLY C 40 -3.68 14.28 -59.65
CA GLY C 40 -4.93 14.96 -59.94
C GLY C 40 -5.35 15.92 -58.86
N VAL C 41 -6.62 16.33 -58.92
CA VAL C 41 -7.17 17.27 -57.97
C VAL C 41 -8.31 16.68 -57.15
N SER C 42 -8.19 16.76 -55.83
CA SER C 42 -9.22 16.34 -54.89
C SER C 42 -9.94 17.55 -54.32
N GLU C 43 -11.26 17.49 -54.22
CA GLU C 43 -12.01 18.60 -53.66
C GLU C 43 -12.67 18.26 -52.33
N ILE C 44 -12.56 19.17 -51.38
CA ILE C 44 -13.32 19.05 -50.14
C ILE C 44 -14.27 20.24 -50.00
N VAL C 45 -15.53 19.94 -49.76
CA VAL C 45 -16.49 20.95 -49.35
C VAL C 45 -16.89 20.67 -47.91
N GLN C 46 -16.49 21.57 -47.01
CA GLN C 46 -16.85 21.44 -45.60
C GLN C 46 -17.89 22.45 -45.20
N ASN C 47 -18.97 21.95 -44.64
CA ASN C 47 -20.03 22.82 -44.17
C ASN C 47 -20.35 22.40 -42.75
N GLY C 48 -19.80 23.17 -41.81
CA GLY C 48 -19.93 22.84 -40.40
C GLY C 48 -19.33 21.50 -40.10
N LYS C 49 -20.17 20.54 -39.72
CA LYS C 49 -19.72 19.19 -39.37
C LYS C 49 -19.79 18.26 -40.59
N HIS C 50 -20.26 18.79 -41.71
CA HIS C 50 -20.54 17.96 -42.87
C HIS C 50 -19.47 18.13 -43.94
N PHE C 51 -19.06 17.00 -44.49
CA PHE C 51 -18.00 17.01 -45.48
C PHE C 51 -18.46 16.33 -46.76
N LYS C 52 -18.08 16.90 -47.88
CA LYS C 52 -18.25 16.23 -49.18
C LYS C 52 -16.88 16.12 -49.84
N PHE C 53 -16.47 14.89 -50.13
CA PHE C 53 -15.17 14.63 -50.77
C PHE C 53 -15.34 14.13 -52.20
N THR C 54 -14.66 14.78 -53.13
CA THR C 54 -14.52 14.24 -54.49
C THR C 54 -13.03 14.03 -54.71
N ILE C 55 -12.60 12.78 -54.56
CA ILE C 55 -11.18 12.44 -54.49
C ILE C 55 -10.67 11.77 -55.77
N THR C 56 -9.50 12.18 -56.24
CA THR C 56 -8.85 11.52 -57.36
C THR C 56 -7.79 10.55 -56.85
N ALA C 57 -8.09 9.27 -56.92
CA ALA C 57 -7.17 8.27 -56.41
C ALA C 57 -6.72 7.38 -57.56
N GLY C 58 -5.51 7.61 -58.04
CA GLY C 58 -5.05 6.94 -59.25
C GLY C 58 -5.96 7.32 -60.41
N SER C 59 -6.51 6.32 -61.08
CA SER C 59 -7.34 6.57 -62.23
C SER C 59 -8.82 6.51 -61.87
N LYS C 60 -9.12 6.54 -60.58
CA LYS C 60 -10.50 6.48 -60.08
C LYS C 60 -10.93 7.74 -59.32
N VAL C 61 -12.17 8.16 -59.54
CA VAL C 61 -12.74 9.23 -58.76
C VAL C 61 -13.64 8.66 -57.66
N ILE C 62 -13.31 8.99 -56.41
CA ILE C 62 -14.01 8.48 -55.24
C ILE C 62 -14.85 9.58 -54.60
N GLN C 63 -16.09 9.25 -54.29
CA GLN C 63 -17.00 10.22 -53.69
C GLN C 63 -17.51 9.84 -52.31
N ASN C 64 -17.30 10.72 -51.33
CA ASN C 64 -17.73 10.49 -49.95
C ASN C 64 -18.42 11.71 -49.36
N GLU C 65 -19.62 11.51 -48.82
CA GLU C 65 -20.30 12.51 -48.01
C GLU C 65 -20.52 11.96 -46.62
N PHE C 66 -20.27 12.78 -45.60
CA PHE C 66 -20.54 12.36 -44.23
C PHE C 66 -20.60 13.54 -43.28
N THR C 67 -21.19 13.30 -42.11
CA THR C 67 -21.14 14.23 -40.99
C THR C 67 -20.26 13.58 -39.93
N VAL C 68 -19.29 14.30 -39.39
CA VAL C 68 -18.39 13.68 -38.41
C VAL C 68 -19.16 13.23 -37.18
N GLY C 69 -18.84 12.03 -36.70
CA GLY C 69 -19.51 11.46 -35.54
C GLY C 69 -20.73 10.63 -35.88
N GLU C 70 -21.25 10.79 -37.09
CA GLU C 70 -22.39 9.99 -37.55
C GLU C 70 -21.91 8.80 -38.37
N GLU C 71 -22.68 7.73 -38.37
CA GLU C 71 -22.37 6.59 -39.23
C GLU C 71 -22.48 7.01 -40.70
N CYS C 72 -21.57 6.51 -41.53
CA CYS C 72 -21.58 6.84 -42.96
C CYS C 72 -21.06 5.68 -43.76
N GLU C 73 -21.10 5.82 -45.07
CA GLU C 73 -20.52 4.81 -45.97
C GLU C 73 -19.40 5.42 -46.78
N LEU C 74 -18.21 4.89 -46.62
CA LEU C 74 -17.05 5.30 -47.40
C LEU C 74 -16.89 4.41 -48.62
N GLU C 75 -16.50 5.00 -49.74
CA GLU C 75 -16.26 4.23 -50.94
C GLU C 75 -14.81 3.81 -50.99
N THR C 76 -14.60 2.59 -51.42
CA THR C 76 -13.28 2.00 -51.47
C THR C 76 -12.77 2.02 -52.90
N MET C 77 -11.47 1.74 -53.08
CA MET C 77 -10.90 1.70 -54.44
C MET C 77 -11.65 0.69 -55.30
N THR C 78 -12.04 -0.41 -54.67
CA THR C 78 -12.64 -1.54 -55.37
C THR C 78 -14.12 -1.33 -55.72
N GLY C 79 -14.65 -0.14 -55.42
CA GLY C 79 -16.06 0.18 -55.65
C GLY C 79 -17.01 -0.06 -54.46
N GLU C 80 -16.56 -0.88 -53.52
CA GLU C 80 -17.35 -1.32 -52.36
C GLU C 80 -17.65 -0.21 -51.34
N LYS C 81 -18.80 -0.29 -50.67
CA LYS C 81 -19.14 0.67 -49.63
C LYS C 81 -18.96 0.04 -48.26
N VAL C 82 -18.34 0.76 -47.33
CA VAL C 82 -18.13 0.23 -45.97
C VAL C 82 -18.69 1.15 -44.90
N LYS C 83 -19.44 0.59 -43.96
CA LYS C 83 -19.99 1.36 -42.85
C LYS C 83 -18.87 1.71 -41.88
N THR C 84 -18.84 2.97 -41.46
CA THR C 84 -17.88 3.41 -40.45
C THR C 84 -18.27 4.80 -39.95
N VAL C 85 -17.37 5.41 -39.19
CA VAL C 85 -17.57 6.76 -38.66
C VAL C 85 -16.27 7.55 -38.80
N VAL C 86 -16.39 8.81 -39.15
CA VAL C 86 -15.22 9.69 -39.28
C VAL C 86 -15.27 10.69 -38.14
N GLN C 87 -14.14 10.85 -37.43
CA GLN C 87 -14.08 11.77 -36.30
C GLN C 87 -13.17 12.96 -36.58
N LEU C 88 -13.46 14.08 -35.94
CA LEU C 88 -12.50 15.16 -35.85
C LEU C 88 -11.61 14.99 -34.61
N GLU C 89 -10.30 15.15 -34.78
CA GLU C 89 -9.37 15.14 -33.64
C GLU C 89 -8.61 16.46 -33.68
N GLY C 90 -9.03 17.40 -32.85
CA GLY C 90 -8.51 18.75 -32.97
C GLY C 90 -9.28 19.37 -34.12
N ASP C 91 -8.82 20.50 -34.61
CA ASP C 91 -9.56 21.22 -35.64
C ASP C 91 -9.16 20.79 -37.05
N ASN C 92 -8.04 20.08 -37.15
CA ASN C 92 -7.36 19.91 -38.43
C ASN C 92 -7.07 18.45 -38.82
N LYS C 93 -7.73 17.50 -38.14
CA LYS C 93 -7.43 16.08 -38.34
C LYS C 93 -8.72 15.29 -38.47
N LEU C 94 -8.90 14.63 -39.62
CA LEU C 94 -9.99 13.69 -39.76
C LEU C 94 -9.43 12.28 -39.62
N VAL C 95 -10.05 11.49 -38.75
CA VAL C 95 -9.57 10.14 -38.47
C VAL C 95 -10.68 9.11 -38.65
N THR C 96 -10.33 7.96 -39.25
CA THR C 96 -11.30 6.89 -39.46
C THR C 96 -10.65 5.56 -39.75
N THR C 97 -11.45 4.50 -39.76
CA THR C 97 -10.96 3.15 -40.00
C THR C 97 -11.98 2.42 -40.84
N PHE C 98 -11.49 1.64 -41.80
CA PHE C 98 -12.35 0.80 -42.62
C PHE C 98 -11.51 -0.30 -43.26
N LYS C 99 -12.04 -1.52 -43.31
CA LYS C 99 -11.34 -2.66 -43.89
C LYS C 99 -9.90 -2.80 -43.40
N ASN C 100 -9.67 -2.58 -42.09
CA ASN C 100 -8.34 -2.66 -41.47
C ASN C 100 -7.36 -1.57 -41.90
N ILE C 101 -7.88 -0.51 -42.48
CA ILE C 101 -7.09 0.65 -42.85
C ILE C 101 -7.28 1.76 -41.87
N LYS C 102 -6.18 2.32 -41.38
CA LYS C 102 -6.29 3.45 -40.48
C LYS C 102 -5.93 4.70 -41.25
N SER C 103 -6.88 5.61 -41.30
CA SER C 103 -6.81 6.79 -42.12
C SER C 103 -6.67 8.03 -41.23
N VAL C 104 -5.68 8.86 -41.50
CA VAL C 104 -5.57 10.17 -40.85
C VAL C 104 -5.33 11.26 -41.88
N THR C 105 -6.25 12.21 -41.96
CA THR C 105 -6.17 13.28 -42.93
C THR C 105 -5.96 14.57 -42.18
N GLU C 106 -4.80 15.19 -42.37
CA GLU C 106 -4.45 16.36 -41.57
C GLU C 106 -4.17 17.60 -42.42
N LEU C 107 -4.76 18.73 -42.04
CA LEU C 107 -4.55 20.00 -42.76
C LEU C 107 -3.64 20.93 -41.99
N ASN C 108 -2.59 21.43 -42.66
CA ASN C 108 -1.68 22.44 -42.09
C ASN C 108 -1.49 23.56 -43.10
N GLY C 109 -2.26 24.63 -42.92
CA GLY C 109 -2.19 25.73 -43.85
C GLY C 109 -2.78 25.35 -45.18
N ASP C 110 -1.92 25.15 -46.18
CA ASP C 110 -2.35 24.82 -47.53
C ASP C 110 -2.04 23.38 -47.90
N ILE C 111 -1.42 22.66 -46.97
CA ILE C 111 -0.96 21.31 -47.24
C ILE C 111 -1.80 20.28 -46.49
N ILE C 112 -2.42 19.37 -47.25
CA ILE C 112 -3.07 18.23 -46.62
C ILE C 112 -2.14 17.01 -46.65
N THR C 113 -2.04 16.33 -45.51
CA THR C 113 -1.30 15.10 -45.44
C THR C 113 -2.27 13.95 -45.17
N ASN C 114 -2.47 13.10 -46.18
CA ASN C 114 -3.33 11.95 -46.02
C ASN C 114 -2.52 10.68 -45.81
N THR C 115 -2.63 10.09 -44.62
CA THR C 115 -1.86 8.92 -44.28
C THR C 115 -2.77 7.71 -44.03
N MET C 116 -2.59 6.67 -44.82
CA MET C 116 -3.41 5.47 -44.67
C MET C 116 -2.53 4.28 -44.38
N THR C 117 -2.82 3.61 -43.27
CA THR C 117 -1.98 2.50 -42.81
C THR C 117 -2.72 1.15 -42.88
N LEU C 118 -2.10 0.20 -43.56
CA LEU C 118 -2.68 -1.13 -43.76
C LEU C 118 -1.61 -2.17 -43.52
N GLY C 119 -1.68 -2.86 -42.40
CA GLY C 119 -0.59 -3.73 -42.01
C GLY C 119 0.59 -2.83 -41.72
N ASP C 120 1.73 -3.09 -42.34
CA ASP C 120 2.86 -2.24 -42.04
C ASP C 120 3.13 -1.28 -43.20
N ILE C 121 2.17 -1.17 -44.10
CA ILE C 121 2.31 -0.29 -45.26
C ILE C 121 1.75 1.08 -44.94
N VAL C 122 2.60 2.10 -45.06
CA VAL C 122 2.14 3.45 -44.81
C VAL C 122 2.05 4.21 -46.11
N PHE C 123 0.82 4.32 -46.60
CA PHE C 123 0.50 5.03 -47.81
C PHE C 123 0.29 6.50 -47.46
N LYS C 124 1.18 7.36 -47.93
CA LYS C 124 1.15 8.79 -47.55
C LYS C 124 1.03 9.70 -48.77
N ARG C 125 0.06 10.60 -48.77
CA ARG C 125 -0.17 11.49 -49.89
C ARG C 125 -0.13 12.91 -49.41
N ILE C 126 0.56 13.78 -50.16
CA ILE C 126 0.69 15.17 -49.80
C ILE C 126 0.17 16.07 -50.89
N SER C 127 -0.87 16.86 -50.57
CA SER C 127 -1.53 17.72 -51.56
C SER C 127 -1.52 19.17 -51.12
N LYS C 128 -1.58 20.06 -52.10
CA LYS C 128 -1.47 21.50 -51.84
C LYS C 128 -2.67 22.20 -52.42
N ARG C 129 -3.19 23.18 -51.67
CA ARG C 129 -4.37 23.91 -52.12
C ARG C 129 -4.02 24.73 -53.38
N ILE C 130 -4.93 24.74 -54.35
CA ILE C 130 -4.71 25.50 -55.56
C ILE C 130 -5.66 26.70 -55.67
N MET D 4 38.69 -27.97 -36.27
CA MET D 4 38.07 -28.71 -37.36
C MET D 4 36.86 -27.97 -37.93
N SER D 5 36.75 -27.89 -39.25
CA SER D 5 35.66 -27.15 -39.90
C SER D 5 34.63 -28.04 -40.56
N PHE D 6 33.35 -27.79 -40.24
CA PHE D 6 32.26 -28.50 -40.89
C PHE D 6 32.08 -28.00 -42.30
N SER D 7 32.65 -26.84 -42.61
CA SER D 7 32.45 -26.21 -43.91
C SER D 7 32.62 -27.18 -45.08
N GLY D 8 31.67 -27.16 -46.00
CA GLY D 8 31.78 -27.95 -47.20
C GLY D 8 30.47 -28.23 -47.91
N LYS D 9 30.55 -28.93 -49.03
CA LYS D 9 29.34 -29.37 -49.72
C LYS D 9 29.26 -30.89 -49.63
N TYR D 10 28.12 -31.41 -49.20
CA TYR D 10 28.00 -32.85 -48.91
C TYR D 10 26.88 -33.48 -49.69
N GLN D 11 27.19 -34.60 -50.36
CA GLN D 11 26.16 -35.36 -51.08
C GLN D 11 25.71 -36.56 -50.27
N LEU D 12 24.40 -36.73 -50.14
CA LEU D 12 23.84 -37.86 -49.43
C LEU D 12 24.29 -39.16 -50.07
N GLN D 13 24.84 -40.06 -49.27
CA GLN D 13 25.27 -41.38 -49.74
C GLN D 13 24.18 -42.42 -49.48
N SER D 14 23.66 -42.42 -48.25
CA SER D 14 22.60 -43.35 -47.89
C SER D 14 21.82 -42.83 -46.69
N GLN D 15 20.61 -43.35 -46.50
CA GLN D 15 19.82 -42.98 -45.34
C GLN D 15 18.90 -44.12 -44.91
N GLU D 16 18.63 -44.18 -43.62
CA GLU D 16 17.75 -45.19 -43.08
C GLU D 16 16.55 -44.50 -42.46
N ASN D 17 15.37 -45.09 -42.67
CA ASN D 17 14.13 -44.66 -42.03
C ASN D 17 13.56 -43.30 -42.47
N PHE D 18 13.90 -42.87 -43.68
CA PHE D 18 13.32 -41.67 -44.25
C PHE D 18 11.79 -41.70 -44.19
N GLU D 19 11.20 -42.79 -44.65
CA GLU D 19 9.74 -42.84 -44.77
C GLU D 19 9.06 -42.86 -43.41
N ALA D 20 9.58 -43.68 -42.51
CA ALA D 20 9.02 -43.79 -41.18
C ALA D 20 9.07 -42.44 -40.47
N PHE D 21 10.22 -41.77 -40.60
CA PHE D 21 10.40 -40.48 -39.95
C PHE D 21 9.44 -39.43 -40.51
N MET D 22 9.45 -39.29 -41.84
CA MET D 22 8.55 -38.35 -42.51
C MET D 22 7.07 -38.58 -42.22
N LYS D 23 6.62 -39.84 -42.16
CA LYS D 23 5.24 -40.08 -41.79
C LYS D 23 5.00 -39.66 -40.34
N ALA D 24 5.93 -39.99 -39.44
CA ALA D 24 5.80 -39.67 -38.02
C ALA D 24 5.63 -38.18 -37.74
N ILE D 25 6.17 -37.34 -38.62
CA ILE D 25 6.08 -35.90 -38.44
C ILE D 25 4.96 -35.28 -39.24
N GLY D 26 4.20 -36.13 -39.95
CA GLY D 26 2.98 -35.73 -40.62
C GLY D 26 3.08 -35.29 -42.07
N LEU D 27 4.12 -35.73 -42.79
CA LEU D 27 4.25 -35.39 -44.20
C LEU D 27 3.36 -36.35 -45.06
N PRO D 28 2.78 -35.88 -46.20
CA PRO D 28 1.87 -36.76 -46.96
C PRO D 28 2.56 -37.89 -47.73
N GLU D 29 1.88 -39.01 -47.89
CA GLU D 29 2.52 -40.19 -48.48
C GLU D 29 3.01 -39.95 -49.91
N GLU D 30 2.24 -39.21 -50.68
CA GLU D 30 2.67 -38.79 -52.01
C GLU D 30 4.04 -38.08 -51.97
N LEU D 31 4.14 -37.00 -51.21
CA LEU D 31 5.39 -36.24 -51.06
C LEU D 31 6.58 -37.06 -50.57
N ILE D 32 6.36 -37.85 -49.52
CA ILE D 32 7.35 -38.83 -49.03
C ILE D 32 7.89 -39.74 -50.15
N GLN D 33 7.02 -40.14 -51.06
CA GLN D 33 7.43 -40.99 -52.17
C GLN D 33 8.27 -40.24 -53.19
N LYS D 34 7.90 -38.99 -53.44
CA LYS D 34 8.68 -38.15 -54.36
C LYS D 34 10.09 -37.95 -53.82
N GLY D 35 10.23 -37.80 -52.50
CA GLY D 35 11.49 -37.37 -51.91
C GLY D 35 12.42 -38.46 -51.43
N LYS D 36 11.85 -39.62 -51.09
CA LYS D 36 12.60 -40.69 -50.42
C LYS D 36 13.86 -41.14 -51.13
N ASP D 37 13.98 -40.86 -52.43
CA ASP D 37 15.11 -41.38 -53.21
C ASP D 37 16.02 -40.27 -53.73
N ILE D 38 15.67 -39.03 -53.46
CA ILE D 38 16.53 -37.91 -53.78
C ILE D 38 17.84 -37.99 -53.01
N LYS D 39 18.96 -37.89 -53.74
CA LYS D 39 20.28 -37.79 -53.11
C LYS D 39 20.93 -36.46 -53.48
N GLY D 40 20.56 -35.41 -52.77
CA GLY D 40 21.00 -34.08 -53.13
C GLY D 40 22.26 -33.63 -52.40
N VAL D 41 22.51 -32.33 -52.48
CA VAL D 41 23.69 -31.74 -51.85
C VAL D 41 23.30 -30.75 -50.76
N SER D 42 23.86 -30.95 -49.57
CA SER D 42 23.70 -30.01 -48.47
C SER D 42 24.97 -29.20 -48.29
N GLU D 43 24.83 -27.90 -48.03
CA GLU D 43 26.00 -27.07 -47.79
C GLU D 43 26.09 -26.52 -46.35
N ILE D 44 27.28 -26.57 -45.78
CA ILE D 44 27.56 -25.94 -44.50
C ILE D 44 28.62 -24.87 -44.68
N VAL D 45 28.31 -23.67 -44.24
CA VAL D 45 29.34 -22.64 -44.09
C VAL D 45 29.56 -22.36 -42.61
N GLN D 46 30.75 -22.69 -42.13
CA GLN D 46 31.10 -22.46 -40.73
C GLN D 46 32.10 -21.32 -40.59
N ASN D 47 31.70 -20.33 -39.82
CA ASN D 47 32.54 -19.23 -39.41
C ASN D 47 32.56 -19.24 -37.89
N GLY D 48 33.57 -19.88 -37.31
CA GLY D 48 33.68 -20.00 -35.86
C GLY D 48 32.52 -20.70 -35.20
N LYS D 49 31.79 -19.98 -34.34
CA LYS D 49 30.65 -20.59 -33.67
C LYS D 49 29.42 -20.37 -34.53
N HIS D 50 29.62 -19.76 -35.69
CA HIS D 50 28.49 -19.41 -36.54
C HIS D 50 28.35 -20.31 -37.77
N PHE D 51 27.17 -20.88 -37.91
CA PHE D 51 26.90 -21.84 -38.96
C PHE D 51 25.77 -21.38 -39.88
N LYS D 52 25.98 -21.58 -41.18
CA LYS D 52 24.88 -21.44 -42.13
C LYS D 52 24.64 -22.78 -42.82
N PHE D 53 23.43 -23.30 -42.69
CA PHE D 53 23.06 -24.57 -43.35
C PHE D 53 22.09 -24.37 -44.51
N THR D 54 22.44 -24.93 -45.66
CA THR D 54 21.51 -25.05 -46.78
C THR D 54 21.35 -26.55 -47.08
N ILE D 55 20.29 -27.12 -46.57
CA ILE D 55 20.10 -28.57 -46.53
C ILE D 55 19.05 -29.05 -47.52
N THR D 56 19.38 -30.12 -48.25
CA THR D 56 18.40 -30.76 -49.15
C THR D 56 17.78 -31.94 -48.42
N ALA D 57 16.53 -31.77 -47.97
CA ALA D 57 15.84 -32.84 -47.29
C ALA D 57 14.64 -33.28 -48.13
N GLY D 58 14.79 -34.42 -48.79
CA GLY D 58 13.74 -34.87 -49.70
C GLY D 58 13.63 -33.85 -50.83
N SER D 59 12.41 -33.38 -51.08
CA SER D 59 12.21 -32.46 -52.18
C SER D 59 12.20 -31.04 -51.70
N LYS D 60 12.67 -30.83 -50.48
CA LYS D 60 12.62 -29.50 -49.86
C LYS D 60 14.01 -29.00 -49.51
N VAL D 61 14.25 -27.72 -49.72
CA VAL D 61 15.48 -27.08 -49.27
C VAL D 61 15.26 -26.27 -47.99
N ILE D 62 16.02 -26.63 -46.96
CA ILE D 62 15.85 -26.09 -45.63
C ILE D 62 17.03 -25.18 -45.31
N GLN D 63 16.75 -24.01 -44.76
CA GLN D 63 17.82 -23.08 -44.42
C GLN D 63 17.88 -22.70 -42.93
N ASN D 64 19.06 -22.85 -42.35
CA ASN D 64 19.26 -22.54 -40.94
C ASN D 64 20.55 -21.76 -40.74
N GLU D 65 20.45 -20.63 -40.02
CA GLU D 65 21.63 -19.92 -39.54
C GLU D 65 21.59 -19.86 -38.04
N PHE D 66 22.72 -20.08 -37.40
CA PHE D 66 22.78 -19.96 -35.94
C PHE D 66 24.21 -19.83 -35.45
N THR D 67 24.34 -19.34 -34.22
CA THR D 67 25.60 -19.37 -33.49
C THR D 67 25.42 -20.36 -32.36
N VAL D 68 26.36 -21.30 -32.19
CA VAL D 68 26.21 -22.32 -31.16
C VAL D 68 26.14 -21.67 -29.80
N GLY D 69 25.23 -22.16 -28.97
CA GLY D 69 25.06 -21.66 -27.63
C GLY D 69 24.06 -20.52 -27.54
N GLU D 70 23.76 -19.89 -28.67
CA GLU D 70 22.75 -18.84 -28.71
C GLU D 70 21.38 -19.40 -29.12
N GLU D 71 20.32 -18.71 -28.71
CA GLU D 71 18.99 -19.11 -29.12
C GLU D 71 18.87 -18.87 -30.61
N CYS D 72 18.17 -19.77 -31.31
CA CYS D 72 17.97 -19.66 -32.76
C CYS D 72 16.63 -20.25 -33.18
N GLU D 73 16.30 -20.09 -34.46
CA GLU D 73 15.11 -20.71 -35.02
C GLU D 73 15.51 -21.71 -36.08
N LEU D 74 15.10 -22.96 -35.88
CA LEU D 74 15.36 -23.99 -36.86
C LEU D 74 14.13 -24.17 -37.73
N GLU D 75 14.34 -24.37 -39.02
CA GLU D 75 13.23 -24.67 -39.92
C GLU D 75 12.96 -26.17 -39.96
N THR D 76 11.68 -26.49 -39.94
CA THR D 76 11.22 -27.86 -39.93
C THR D 76 10.75 -28.28 -41.31
N MET D 77 10.55 -29.58 -41.54
CA MET D 77 10.04 -30.08 -42.82
C MET D 77 8.73 -29.43 -43.20
N THR D 78 7.90 -29.19 -42.18
CA THR D 78 6.56 -28.66 -42.36
C THR D 78 6.49 -27.13 -42.55
N GLY D 79 7.65 -26.48 -42.58
CA GLY D 79 7.73 -25.05 -42.87
C GLY D 79 7.86 -24.20 -41.61
N GLU D 80 7.44 -24.80 -40.51
CA GLU D 80 7.43 -24.21 -39.18
C GLU D 80 8.82 -23.83 -38.58
N LYS D 81 8.88 -22.74 -37.83
CA LYS D 81 10.12 -22.33 -37.19
C LYS D 81 10.01 -22.65 -35.70
N VAL D 82 11.04 -23.29 -35.14
CA VAL D 82 11.03 -23.62 -33.71
C VAL D 82 12.23 -23.03 -32.96
N LYS D 83 11.96 -22.43 -31.80
CA LYS D 83 13.03 -21.86 -30.98
C LYS D 83 13.79 -22.98 -30.31
N THR D 84 15.12 -22.90 -30.34
CA THR D 84 15.95 -23.86 -29.63
C THR D 84 17.41 -23.37 -29.59
N VAL D 85 18.32 -24.25 -29.17
CA VAL D 85 19.74 -23.92 -29.11
C VAL D 85 20.51 -25.10 -29.65
N VAL D 86 21.57 -24.81 -30.40
CA VAL D 86 22.45 -25.85 -30.93
C VAL D 86 23.78 -25.79 -30.20
N GLN D 87 24.26 -26.93 -29.71
CA GLN D 87 25.54 -26.99 -28.99
C GLN D 87 26.61 -27.75 -29.74
N LEU D 88 27.87 -27.39 -29.47
CA LEU D 88 29.01 -28.22 -29.88
C LEU D 88 29.36 -29.19 -28.77
N GLU D 89 29.52 -30.46 -29.11
CA GLU D 89 30.00 -31.47 -28.17
C GLU D 89 31.29 -32.10 -28.71
N GLY D 90 32.43 -31.63 -28.20
CA GLY D 90 33.69 -31.96 -28.84
C GLY D 90 33.79 -31.05 -30.04
N ASP D 91 34.73 -31.31 -30.93
CA ASP D 91 34.96 -30.43 -32.06
C ASP D 91 34.10 -30.80 -33.27
N ASN D 92 33.49 -31.98 -33.23
CA ASN D 92 32.93 -32.58 -34.43
C ASN D 92 31.46 -33.00 -34.33
N LYS D 93 30.77 -32.51 -33.32
CA LYS D 93 29.39 -32.94 -33.04
C LYS D 93 28.48 -31.73 -32.75
N LEU D 94 27.46 -31.54 -33.60
CA LEU D 94 26.43 -30.56 -33.31
C LEU D 94 25.21 -31.28 -32.76
N VAL D 95 24.70 -30.81 -31.63
CA VAL D 95 23.62 -31.48 -30.95
C VAL D 95 22.50 -30.49 -30.66
N THR D 96 21.25 -30.93 -30.87
CA THR D 96 20.11 -30.07 -30.57
C THR D 96 18.81 -30.86 -30.46
N THR D 97 17.76 -30.17 -30.00
CA THR D 97 16.46 -30.77 -29.82
C THR D 97 15.38 -29.80 -30.21
N PHE D 98 14.35 -30.28 -30.91
CA PHE D 98 13.21 -29.47 -31.29
C PHE D 98 12.05 -30.40 -31.58
N LYS D 99 10.86 -30.03 -31.12
CA LYS D 99 9.64 -30.80 -31.38
C LYS D 99 9.81 -32.29 -31.03
N ASN D 100 10.46 -32.57 -29.90
CA ASN D 100 10.72 -33.95 -29.46
C ASN D 100 11.67 -34.78 -30.32
N ILE D 101 12.51 -34.08 -31.07
CA ILE D 101 13.47 -34.77 -31.90
C ILE D 101 14.84 -34.41 -31.42
N LYS D 102 15.63 -35.42 -31.09
CA LYS D 102 16.99 -35.17 -30.74
C LYS D 102 17.84 -35.36 -31.99
N SER D 103 18.68 -34.38 -32.27
CA SER D 103 19.48 -34.36 -33.48
C SER D 103 20.96 -34.30 -33.13
N VAL D 104 21.73 -35.20 -33.74
CA VAL D 104 23.17 -35.22 -33.58
C VAL D 104 23.79 -35.29 -34.96
N THR D 105 24.59 -34.27 -35.26
CA THR D 105 25.29 -34.17 -36.54
C THR D 105 26.79 -34.31 -36.30
N GLU D 106 27.38 -35.39 -36.78
CA GLU D 106 28.77 -35.64 -36.47
C GLU D 106 29.64 -35.72 -37.72
N LEU D 107 30.79 -35.05 -37.68
CA LEU D 107 31.73 -35.07 -38.82
C LEU D 107 32.98 -35.91 -38.53
N ASN D 108 33.28 -36.83 -39.43
CA ASN D 108 34.49 -37.65 -39.31
C ASN D 108 35.21 -37.63 -40.64
N GLY D 109 36.20 -36.76 -40.76
CA GLY D 109 36.93 -36.62 -42.02
C GLY D 109 36.06 -36.00 -43.10
N ASP D 110 35.58 -36.82 -44.02
CA ASP D 110 34.76 -36.34 -45.13
C ASP D 110 33.32 -36.81 -45.02
N ILE D 111 33.03 -37.57 -43.96
CA ILE D 111 31.71 -38.15 -43.78
C ILE D 111 30.95 -37.47 -42.65
N ILE D 112 29.79 -36.92 -42.98
CA ILE D 112 28.88 -36.43 -41.95
C ILE D 112 27.80 -37.47 -41.67
N THR D 113 27.54 -37.72 -40.40
CA THR D 113 26.49 -38.63 -40.01
C THR D 113 25.44 -37.83 -39.25
N ASN D 114 24.29 -37.66 -39.87
CA ASN D 114 23.20 -36.93 -39.23
C ASN D 114 22.14 -37.89 -38.70
N THR D 115 22.00 -37.93 -37.38
CA THR D 115 21.09 -38.86 -36.74
C THR D 115 19.98 -38.13 -36.02
N MET D 116 18.74 -38.35 -36.45
CA MET D 116 17.60 -37.70 -35.79
C MET D 116 16.66 -38.72 -35.19
N THR D 117 16.39 -38.57 -33.89
CA THR D 117 15.61 -39.56 -33.17
C THR D 117 14.28 -39.01 -32.70
N LEU D 118 13.20 -39.69 -33.08
CA LEU D 118 11.84 -39.27 -32.74
C LEU D 118 11.02 -40.47 -32.29
N GLY D 119 10.75 -40.53 -30.99
CA GLY D 119 10.19 -41.74 -30.43
C GLY D 119 11.18 -42.89 -30.62
N ASP D 120 10.65 -43.96 -31.20
CA ASP D 120 11.40 -45.17 -31.51
C ASP D 120 11.96 -45.16 -32.94
N ILE D 121 12.05 -43.99 -33.55
CA ILE D 121 12.51 -43.94 -34.93
C ILE D 121 13.88 -43.28 -35.03
N VAL D 122 14.84 -43.99 -35.62
CA VAL D 122 16.15 -43.42 -35.78
C VAL D 122 16.39 -43.17 -37.25
N PHE D 123 16.25 -41.89 -37.62
CA PHE D 123 16.43 -41.43 -38.97
C PHE D 123 17.90 -41.05 -39.09
N LYS D 124 18.64 -41.80 -39.92
CA LYS D 124 20.08 -41.61 -40.03
C LYS D 124 20.46 -41.34 -41.47
N ARG D 125 21.20 -40.26 -41.68
CA ARG D 125 21.67 -39.87 -43.01
C ARG D 125 23.18 -39.80 -43.04
N ILE D 126 23.77 -40.32 -44.11
CA ILE D 126 25.20 -40.31 -44.26
C ILE D 126 25.62 -39.62 -45.55
N SER D 127 26.41 -38.54 -45.42
CA SER D 127 26.80 -37.73 -46.57
C SER D 127 28.30 -37.64 -46.66
N LYS D 128 28.80 -37.41 -47.87
CA LYS D 128 30.22 -37.34 -48.12
C LYS D 128 30.62 -36.01 -48.80
N ARG D 129 31.72 -35.42 -48.35
CA ARG D 129 32.15 -34.16 -48.92
C ARG D 129 32.47 -34.35 -50.40
N ILE D 130 32.11 -33.37 -51.23
CA ILE D 130 32.43 -33.41 -52.67
C ILE D 130 33.41 -32.32 -53.09
N SER E 2 -0.46 -44.97 -13.80
CA SER E 2 0.05 -44.88 -12.43
C SER E 2 -1.04 -44.45 -11.44
N HIS E 3 -1.27 -43.15 -11.37
CA HIS E 3 -2.33 -42.56 -10.55
C HIS E 3 -3.46 -42.14 -11.51
N MET E 4 -4.60 -41.70 -10.98
CA MET E 4 -5.73 -41.30 -11.85
C MET E 4 -5.52 -39.97 -12.56
N SER E 5 -5.79 -39.95 -13.87
CA SER E 5 -5.49 -38.78 -14.68
C SER E 5 -6.67 -38.22 -15.44
N PHE E 6 -6.79 -36.91 -15.35
CA PHE E 6 -7.77 -36.17 -16.12
C PHE E 6 -7.18 -35.76 -17.47
N SER E 7 -5.87 -35.94 -17.64
CA SER E 7 -5.19 -35.47 -18.85
C SER E 7 -5.90 -35.90 -20.12
N GLY E 8 -6.12 -34.97 -21.03
CA GLY E 8 -6.66 -35.29 -22.33
C GLY E 8 -7.30 -34.14 -23.07
N LYS E 9 -7.77 -34.41 -24.28
CA LYS E 9 -8.53 -33.42 -25.04
C LYS E 9 -9.98 -33.89 -25.14
N TYR E 10 -10.91 -33.03 -24.76
CA TYR E 10 -12.32 -33.42 -24.66
C TYR E 10 -13.24 -32.60 -25.53
N GLN E 11 -14.07 -33.25 -26.32
CA GLN E 11 -15.03 -32.52 -27.14
C GLN E 11 -16.40 -32.54 -26.49
N LEU E 12 -17.01 -31.37 -26.37
CA LEU E 12 -18.35 -31.28 -25.85
C LEU E 12 -19.33 -32.14 -26.65
N GLN E 13 -20.07 -32.99 -25.96
CA GLN E 13 -21.08 -33.85 -26.59
C GLN E 13 -22.48 -33.22 -26.47
N SER E 14 -22.81 -32.74 -25.28
CA SER E 14 -24.10 -32.10 -25.04
C SER E 14 -24.05 -31.23 -23.79
N GLN E 15 -24.97 -30.26 -23.70
CA GLN E 15 -25.04 -29.42 -22.51
C GLN E 15 -26.46 -28.98 -22.22
N GLU E 16 -26.77 -28.83 -20.95
CA GLU E 16 -28.08 -28.35 -20.54
C GLU E 16 -27.95 -26.98 -19.86
N ASN E 17 -28.89 -26.10 -20.17
CA ASN E 17 -29.00 -24.79 -19.51
C ASN E 17 -27.89 -23.79 -19.78
N PHE E 18 -27.27 -23.89 -20.95
CA PHE E 18 -26.24 -22.93 -21.37
C PHE E 18 -26.79 -21.50 -21.33
N GLU E 19 -27.97 -21.32 -21.92
CA GLU E 19 -28.53 -19.98 -22.07
C GLU E 19 -28.96 -19.39 -20.73
N ALA E 20 -29.65 -20.21 -19.93
CA ALA E 20 -30.08 -19.79 -18.60
C ALA E 20 -28.90 -19.39 -17.73
N PHE E 21 -27.85 -20.21 -17.75
CA PHE E 21 -26.68 -19.93 -16.96
C PHE E 21 -25.98 -18.66 -17.43
N MET E 22 -25.76 -18.56 -18.74
CA MET E 22 -25.08 -17.40 -19.31
C MET E 22 -25.83 -16.08 -19.07
N LYS E 23 -27.16 -16.14 -19.18
CA LYS E 23 -28.01 -15.01 -18.85
C LYS E 23 -27.82 -14.63 -17.37
N ALA E 24 -27.86 -15.62 -16.48
CA ALA E 24 -27.76 -15.41 -15.03
C ALA E 24 -26.46 -14.75 -14.57
N ILE E 25 -25.41 -14.86 -15.38
CA ILE E 25 -24.11 -14.30 -15.00
C ILE E 25 -23.85 -13.01 -15.76
N GLY E 26 -24.84 -12.58 -16.54
CA GLY E 26 -24.78 -11.27 -17.17
C GLY E 26 -24.11 -11.21 -18.54
N LEU E 27 -24.10 -12.31 -19.26
CA LEU E 27 -23.57 -12.28 -20.61
C LEU E 27 -24.60 -11.67 -21.57
N PRO E 28 -24.19 -10.69 -22.39
CA PRO E 28 -25.00 -10.10 -23.47
C PRO E 28 -25.69 -11.16 -24.36
N GLU E 29 -26.95 -10.93 -24.72
CA GLU E 29 -27.73 -11.94 -25.42
C GLU E 29 -27.11 -12.32 -26.76
N GLU E 30 -26.54 -11.32 -27.42
CA GLU E 30 -25.78 -11.48 -28.66
C GLU E 30 -24.81 -12.66 -28.58
N LEU E 31 -23.90 -12.60 -27.60
CA LEU E 31 -22.88 -13.63 -27.40
C LEU E 31 -23.49 -14.98 -27.08
N ILE E 32 -24.50 -14.97 -26.23
CA ILE E 32 -25.15 -16.21 -25.82
C ILE E 32 -25.66 -16.98 -27.02
N GLN E 33 -26.20 -16.27 -27.99
CA GLN E 33 -26.72 -16.90 -29.20
C GLN E 33 -25.60 -17.41 -30.12
N LYS E 34 -24.52 -16.63 -30.20
CA LYS E 34 -23.38 -17.04 -31.01
C LYS E 34 -22.75 -18.32 -30.45
N GLY E 35 -22.72 -18.43 -29.13
CA GLY E 35 -21.96 -19.48 -28.47
C GLY E 35 -22.72 -20.73 -28.10
N LYS E 36 -24.03 -20.61 -27.97
CA LYS E 36 -24.86 -21.70 -27.40
C LYS E 36 -24.74 -23.04 -28.13
N ASP E 37 -24.29 -23.02 -29.38
CA ASP E 37 -24.27 -24.25 -30.19
C ASP E 37 -22.85 -24.70 -30.53
N ILE E 38 -21.86 -23.91 -30.14
CA ILE E 38 -20.47 -24.33 -30.29
C ILE E 38 -20.15 -25.60 -29.50
N LYS E 39 -19.60 -26.58 -30.18
CA LYS E 39 -19.11 -27.80 -29.55
C LYS E 39 -17.60 -27.92 -29.75
N GLY E 40 -16.85 -27.18 -28.95
CA GLY E 40 -15.41 -27.15 -29.09
C GLY E 40 -14.65 -28.18 -28.27
N VAL E 41 -13.34 -27.99 -28.21
CA VAL E 41 -12.46 -28.91 -27.53
C VAL E 41 -11.78 -28.25 -26.34
N SER E 42 -11.90 -28.89 -25.17
CA SER E 42 -11.22 -28.43 -23.96
C SER E 42 -10.05 -29.37 -23.69
N GLU E 43 -8.95 -28.80 -23.23
CA GLU E 43 -7.79 -29.61 -22.91
C GLU E 43 -7.41 -29.53 -21.43
N ILE E 44 -7.12 -30.68 -20.84
CA ILE E 44 -6.59 -30.75 -19.49
C ILE E 44 -5.21 -31.36 -19.50
N VAL E 45 -4.26 -30.68 -18.90
CA VAL E 45 -2.97 -31.29 -18.64
C VAL E 45 -2.79 -31.46 -17.15
N GLN E 46 -2.70 -32.70 -16.71
CA GLN E 46 -2.54 -32.99 -15.28
C GLN E 46 -1.18 -33.54 -14.98
N ASN E 47 -0.51 -32.95 -14.01
CA ASN E 47 0.67 -33.58 -13.45
C ASN E 47 0.47 -33.75 -11.97
N GLY E 48 0.31 -35.00 -11.57
CA GLY E 48 0.02 -35.32 -10.20
C GLY E 48 -1.17 -34.55 -9.70
N LYS E 49 -0.92 -33.38 -9.14
CA LYS E 49 -1.99 -32.60 -8.56
C LYS E 49 -1.94 -31.17 -9.10
N HIS E 50 -1.03 -30.95 -10.06
CA HIS E 50 -1.00 -29.72 -10.84
C HIS E 50 -1.88 -29.84 -12.07
N PHE E 51 -2.71 -28.83 -12.33
CA PHE E 51 -3.62 -28.87 -13.48
C PHE E 51 -3.48 -27.63 -14.35
N LYS E 52 -3.48 -27.85 -15.67
CA LYS E 52 -3.61 -26.74 -16.61
C LYS E 52 -4.86 -26.96 -17.46
N PHE E 53 -5.78 -25.99 -17.44
CA PHE E 53 -6.98 -26.09 -18.25
C PHE E 53 -6.97 -25.07 -19.39
N THR E 54 -7.29 -25.54 -20.60
CA THR E 54 -7.61 -24.67 -21.72
C THR E 54 -9.00 -25.02 -22.21
N ILE E 55 -9.98 -24.22 -21.78
CA ILE E 55 -11.39 -24.56 -21.90
C ILE E 55 -12.10 -23.71 -22.93
N THR E 56 -12.89 -24.38 -23.78
CA THR E 56 -13.72 -23.70 -24.77
C THR E 56 -15.12 -23.55 -24.22
N ALA E 57 -15.47 -22.34 -23.80
CA ALA E 57 -16.79 -22.09 -23.26
C ALA E 57 -17.54 -21.12 -24.16
N GLY E 58 -18.46 -21.63 -24.96
CA GLY E 58 -19.15 -20.81 -25.93
C GLY E 58 -18.11 -20.30 -26.89
N SER E 59 -18.06 -18.99 -27.10
CA SER E 59 -17.15 -18.44 -28.08
C SER E 59 -15.90 -17.93 -27.38
N LYS E 60 -15.73 -18.32 -26.13
CA LYS E 60 -14.57 -17.85 -25.36
C LYS E 60 -13.62 -18.99 -24.96
N VAL E 61 -12.32 -18.73 -25.01
CA VAL E 61 -11.33 -19.67 -24.49
C VAL E 61 -10.88 -19.22 -23.12
N ILE E 62 -11.08 -20.10 -22.14
CA ILE E 62 -10.76 -19.81 -20.75
C ILE E 62 -9.54 -20.59 -20.33
N GLN E 63 -8.61 -19.94 -19.63
CA GLN E 63 -7.38 -20.60 -19.19
C GLN E 63 -7.17 -20.57 -17.67
N ASN E 64 -6.97 -21.75 -17.09
CA ASN E 64 -6.76 -21.90 -15.65
C ASN E 64 -5.61 -22.84 -15.32
N GLU E 65 -4.70 -22.39 -14.46
CA GLU E 65 -3.65 -23.24 -13.91
C GLU E 65 -3.76 -23.21 -12.41
N PHE E 66 -3.60 -24.36 -11.78
CA PHE E 66 -3.68 -24.44 -10.33
C PHE E 66 -3.12 -25.74 -9.80
N THR E 67 -2.81 -25.75 -8.51
CA THR E 67 -2.46 -26.95 -7.79
C THR E 67 -3.59 -27.18 -6.80
N VAL E 68 -4.12 -28.39 -6.72
CA VAL E 68 -5.26 -28.62 -5.84
C VAL E 68 -4.87 -28.38 -4.39
N GLY E 69 -5.74 -27.68 -3.67
CA GLY E 69 -5.49 -27.37 -2.28
C GLY E 69 -4.80 -26.03 -2.06
N GLU E 70 -4.19 -25.50 -3.12
CA GLU E 70 -3.55 -24.19 -3.04
C GLU E 70 -4.50 -23.10 -3.53
N GLU E 71 -4.31 -21.89 -3.03
CA GLU E 71 -5.09 -20.77 -3.52
C GLU E 71 -4.73 -20.54 -4.98
N CYS E 72 -5.73 -20.20 -5.79
CA CYS E 72 -5.50 -19.92 -7.21
C CYS E 72 -6.47 -18.88 -7.73
N GLU E 73 -6.30 -18.49 -8.99
CA GLU E 73 -7.21 -17.56 -9.62
C GLU E 73 -7.87 -18.21 -10.81
N LEU E 74 -9.19 -18.28 -10.76
CA LEU E 74 -9.96 -18.87 -11.84
C LEU E 74 -10.44 -17.76 -12.74
N GLU E 75 -10.44 -18.01 -14.04
CA GLU E 75 -10.98 -17.04 -14.98
C GLU E 75 -12.48 -17.28 -15.20
N THR E 76 -13.22 -16.18 -15.24
CA THR E 76 -14.66 -16.21 -15.40
C THR E 76 -15.04 -15.91 -16.85
N MET E 77 -16.29 -16.15 -17.22
CA MET E 77 -16.76 -15.85 -18.59
C MET E 77 -16.55 -14.38 -18.92
N THR E 78 -16.72 -13.54 -17.90
CA THR E 78 -16.72 -12.08 -18.06
C THR E 78 -15.29 -11.50 -18.10
N GLY E 79 -14.28 -12.36 -18.06
CA GLY E 79 -12.88 -11.93 -18.10
C GLY E 79 -12.20 -11.79 -16.73
N GLU E 80 -13.03 -11.61 -15.72
CA GLU E 80 -12.61 -11.39 -14.33
C GLU E 80 -11.86 -12.59 -13.69
N LYS E 81 -10.91 -12.30 -12.79
CA LYS E 81 -10.20 -13.35 -12.04
C LYS E 81 -10.72 -13.42 -10.61
N VAL E 82 -11.02 -14.64 -10.11
CA VAL E 82 -11.50 -14.79 -8.73
C VAL E 82 -10.61 -15.72 -7.89
N LYS E 83 -10.26 -15.28 -6.68
CA LYS E 83 -9.48 -16.11 -5.80
C LYS E 83 -10.36 -17.24 -5.26
N THR E 84 -9.83 -18.45 -5.27
CA THR E 84 -10.51 -19.58 -4.66
C THR E 84 -9.55 -20.76 -4.54
N VAL E 85 -10.08 -21.94 -4.22
CA VAL E 85 -9.29 -23.15 -4.11
C VAL E 85 -10.04 -24.29 -4.78
N VAL E 86 -9.29 -25.14 -5.48
CA VAL E 86 -9.87 -26.33 -6.09
C VAL E 86 -9.46 -27.58 -5.30
N GLN E 87 -10.41 -28.44 -4.98
CA GLN E 87 -10.11 -29.66 -4.24
C GLN E 87 -10.36 -30.90 -5.05
N LEU E 88 -9.61 -31.97 -4.73
CA LEU E 88 -9.93 -33.30 -5.24
C LEU E 88 -10.85 -34.01 -4.23
N GLU E 89 -11.93 -34.59 -4.71
CA GLU E 89 -12.79 -35.44 -3.88
C GLU E 89 -12.87 -36.84 -4.48
N GLY E 90 -12.10 -37.77 -3.93
CA GLY E 90 -11.91 -39.03 -4.59
C GLY E 90 -10.87 -38.78 -5.66
N ASP E 91 -10.67 -39.73 -6.56
CA ASP E 91 -9.63 -39.60 -7.56
C ASP E 91 -10.13 -38.88 -8.80
N ASN E 92 -11.45 -38.75 -8.92
CA ASN E 92 -12.08 -38.39 -10.19
C ASN E 92 -12.98 -37.16 -10.15
N LYS E 93 -12.90 -36.36 -9.10
CA LYS E 93 -13.82 -35.24 -8.94
C LYS E 93 -13.08 -33.97 -8.53
N LEU E 94 -13.17 -32.93 -9.34
CA LEU E 94 -12.63 -31.63 -8.96
C LEU E 94 -13.78 -30.76 -8.50
N VAL E 95 -13.63 -30.16 -7.33
CA VAL E 95 -14.71 -29.39 -6.73
C VAL E 95 -14.22 -28.00 -6.36
N THR E 96 -15.02 -26.98 -6.63
CA THR E 96 -14.67 -25.62 -6.26
C THR E 96 -15.87 -24.67 -6.28
N THR E 97 -15.68 -23.48 -5.74
CA THR E 97 -16.73 -22.48 -5.68
C THR E 97 -16.14 -21.11 -5.97
N PHE E 98 -16.88 -20.29 -6.70
CA PHE E 98 -16.48 -18.92 -7.03
C PHE E 98 -17.69 -18.14 -7.46
N LYS E 99 -17.82 -16.90 -6.98
CA LYS E 99 -18.94 -16.05 -7.32
C LYS E 99 -20.32 -16.75 -7.14
N ASN E 100 -20.46 -17.51 -6.05
CA ASN E 100 -21.71 -18.25 -5.79
C ASN E 100 -22.06 -19.38 -6.77
N ILE E 101 -21.07 -19.82 -7.55
CA ILE E 101 -21.24 -21.04 -8.35
C ILE E 101 -20.66 -22.23 -7.58
N LYS E 102 -21.38 -23.35 -7.63
CA LYS E 102 -20.83 -24.61 -7.19
C LYS E 102 -20.44 -25.37 -8.46
N SER E 103 -19.15 -25.63 -8.64
CA SER E 103 -18.66 -26.37 -9.81
C SER E 103 -18.10 -27.77 -9.43
N VAL E 104 -18.60 -28.81 -10.10
CA VAL E 104 -18.12 -30.17 -9.90
C VAL E 104 -17.75 -30.78 -11.24
N THR E 105 -16.49 -31.15 -11.38
CA THR E 105 -15.98 -31.72 -12.61
C THR E 105 -15.59 -33.16 -12.36
N GLU E 106 -16.30 -34.11 -12.97
CA GLU E 106 -16.08 -35.53 -12.67
C GLU E 106 -15.70 -36.32 -13.91
N LEU E 107 -14.68 -37.16 -13.79
CA LEU E 107 -14.25 -37.99 -14.91
C LEU E 107 -14.65 -39.45 -14.70
N ASN E 108 -15.28 -40.04 -15.72
CA ASN E 108 -15.65 -41.45 -15.69
C ASN E 108 -15.24 -42.12 -16.99
N GLY E 109 -14.07 -42.74 -16.99
CA GLY E 109 -13.52 -43.33 -18.18
C GLY E 109 -13.12 -42.27 -19.17
N ASP E 110 -13.94 -42.06 -20.19
CA ASP E 110 -13.63 -41.10 -21.24
C ASP E 110 -14.59 -39.93 -21.22
N ILE E 111 -15.55 -39.97 -20.30
CA ILE E 111 -16.57 -38.94 -20.22
C ILE E 111 -16.33 -38.01 -19.02
N ILE E 112 -16.19 -36.71 -19.28
CA ILE E 112 -16.19 -35.71 -18.21
C ILE E 112 -17.56 -35.05 -18.08
N THR E 113 -18.03 -34.97 -16.84
CA THR E 113 -19.29 -34.31 -16.57
C THR E 113 -19.00 -33.08 -15.73
N ASN E 114 -19.19 -31.92 -16.34
CA ASN E 114 -18.96 -30.67 -15.64
C ASN E 114 -20.28 -30.03 -15.24
N THR E 115 -20.51 -29.95 -13.94
CA THR E 115 -21.79 -29.44 -13.42
C THR E 115 -21.56 -28.15 -12.62
N MET E 116 -22.15 -27.06 -13.10
CA MET E 116 -22.04 -25.80 -12.41
C MET E 116 -23.40 -25.30 -11.97
N THR E 117 -23.52 -25.05 -10.66
CA THR E 117 -24.79 -24.68 -10.05
C THR E 117 -24.79 -23.23 -9.53
N LEU E 118 -25.74 -22.44 -10.04
CA LEU E 118 -25.88 -21.03 -9.67
C LEU E 118 -27.33 -20.74 -9.38
N GLY E 119 -27.66 -20.55 -8.10
CA GLY E 119 -29.05 -20.46 -7.68
C GLY E 119 -29.70 -21.81 -7.95
N ASP E 120 -30.78 -21.80 -8.72
CA ASP E 120 -31.48 -23.03 -9.05
C ASP E 120 -31.18 -23.50 -10.46
N ILE E 121 -30.15 -22.89 -11.06
CA ILE E 121 -29.77 -23.26 -12.42
C ILE E 121 -28.65 -24.29 -12.37
N VAL E 122 -28.91 -25.45 -12.98
CA VAL E 122 -27.88 -26.47 -13.10
C VAL E 122 -27.37 -26.55 -14.54
N PHE E 123 -26.20 -25.94 -14.74
CA PHE E 123 -25.51 -25.92 -16.02
C PHE E 123 -24.65 -27.18 -16.08
N LYS E 124 -25.00 -28.09 -16.99
CA LYS E 124 -24.30 -29.37 -17.08
C LYS E 124 -23.71 -29.58 -18.48
N ARG E 125 -22.41 -29.90 -18.55
CA ARG E 125 -21.74 -30.14 -19.82
C ARG E 125 -21.14 -31.52 -19.82
N ILE E 126 -21.27 -32.23 -20.93
CA ILE E 126 -20.76 -33.58 -21.03
C ILE E 126 -19.80 -33.68 -22.22
N SER E 127 -18.55 -34.05 -21.93
CA SER E 127 -17.49 -34.09 -22.94
C SER E 127 -16.85 -35.45 -23.03
N LYS E 128 -16.34 -35.80 -24.20
CA LYS E 128 -15.76 -37.11 -24.42
C LYS E 128 -14.32 -36.97 -24.89
N ARG E 129 -13.43 -37.80 -24.37
CA ARG E 129 -12.04 -37.74 -24.79
C ARG E 129 -11.91 -38.10 -26.27
N ILE E 130 -11.00 -37.41 -26.96
CA ILE E 130 -10.78 -37.67 -28.39
C ILE E 130 -9.38 -38.19 -28.67
N HIS F 3 -23.65 23.74 -30.56
CA HIS F 3 -24.79 23.66 -29.65
C HIS F 3 -24.51 22.81 -28.40
N MET F 4 -23.47 21.96 -28.46
CA MET F 4 -23.06 21.11 -27.34
C MET F 4 -22.10 21.82 -26.36
N SER F 5 -22.53 21.96 -25.11
CA SER F 5 -21.73 22.68 -24.13
C SER F 5 -21.44 21.81 -22.91
N PHE F 6 -20.20 21.89 -22.41
CA PHE F 6 -19.82 21.19 -21.19
C PHE F 6 -20.23 21.97 -19.96
N SER F 7 -20.58 23.23 -20.15
CA SER F 7 -20.91 24.12 -19.02
C SER F 7 -21.86 23.47 -18.02
N GLY F 8 -21.51 23.57 -16.75
CA GLY F 8 -22.38 23.10 -15.69
C GLY F 8 -21.67 22.85 -14.37
N LYS F 9 -22.45 22.48 -13.36
CA LYS F 9 -21.91 22.07 -12.10
C LYS F 9 -22.19 20.58 -11.93
N TYR F 10 -21.16 19.81 -11.61
CA TYR F 10 -21.27 18.35 -11.60
C TYR F 10 -20.90 17.76 -10.26
N GLN F 11 -21.75 16.89 -9.72
CA GLN F 11 -21.42 16.22 -8.47
C GLN F 11 -20.97 14.80 -8.76
N LEU F 12 -19.85 14.42 -8.15
CA LEU F 12 -19.30 13.08 -8.29
C LEU F 12 -20.32 12.03 -7.80
N GLN F 13 -20.59 11.04 -8.62
CA GLN F 13 -21.51 9.97 -8.25
C GLN F 13 -20.74 8.76 -7.77
N SER F 14 -19.72 8.38 -8.52
CA SER F 14 -18.88 7.25 -8.13
C SER F 14 -17.52 7.33 -8.82
N GLN F 15 -16.55 6.63 -8.25
CA GLN F 15 -15.23 6.58 -8.86
C GLN F 15 -14.56 5.23 -8.58
N GLU F 16 -13.74 4.79 -9.53
CA GLU F 16 -12.96 3.58 -9.37
C GLU F 16 -11.47 3.91 -9.31
N ASN F 17 -10.76 3.25 -8.41
CA ASN F 17 -9.29 3.32 -8.36
C ASN F 17 -8.70 4.64 -7.90
N PHE F 18 -9.45 5.39 -7.10
CA PHE F 18 -8.94 6.62 -6.50
C PHE F 18 -7.63 6.36 -5.76
N GLU F 19 -7.61 5.34 -4.92
CA GLU F 19 -6.47 5.11 -4.04
C GLU F 19 -5.25 4.67 -4.82
N ALA F 20 -5.46 3.73 -5.74
CA ALA F 20 -4.39 3.22 -6.58
C ALA F 20 -3.75 4.33 -7.42
N PHE F 21 -4.59 5.18 -8.00
CA PHE F 21 -4.11 6.29 -8.79
C PHE F 21 -3.34 7.28 -7.93
N MET F 22 -3.93 7.68 -6.80
CA MET F 22 -3.30 8.67 -5.94
C MET F 22 -1.97 8.17 -5.35
N LYS F 23 -1.91 6.88 -5.06
CA LYS F 23 -0.66 6.32 -4.60
C LYS F 23 0.39 6.42 -5.73
N ALA F 24 -0.02 6.04 -6.93
CA ALA F 24 0.88 5.97 -8.09
C ALA F 24 1.52 7.29 -8.45
N ILE F 25 0.88 8.38 -8.06
CA ILE F 25 1.38 9.70 -8.38
C ILE F 25 2.03 10.36 -7.18
N GLY F 26 2.16 9.59 -6.10
CA GLY F 26 2.97 9.99 -4.97
C GLY F 26 2.27 10.82 -3.90
N LEU F 27 0.96 10.71 -3.81
CA LEU F 27 0.22 11.39 -2.76
C LEU F 27 0.39 10.69 -1.44
N PRO F 28 0.59 11.48 -0.38
CA PRO F 28 0.76 10.96 0.99
C PRO F 28 -0.43 10.09 1.35
N GLU F 29 -0.22 9.05 2.13
CA GLU F 29 -1.35 8.20 2.52
C GLU F 29 -2.39 9.02 3.27
N GLU F 30 -1.91 9.85 4.17
CA GLU F 30 -2.78 10.72 4.98
C GLU F 30 -3.85 11.42 4.12
N LEU F 31 -3.45 12.03 3.01
CA LEU F 31 -4.36 12.76 2.14
C LEU F 31 -5.24 11.85 1.28
N ILE F 32 -4.76 10.65 0.98
CA ILE F 32 -5.55 9.70 0.20
C ILE F 32 -6.76 9.22 1.01
N GLN F 33 -6.55 8.94 2.29
CA GLN F 33 -7.63 8.44 3.14
C GLN F 33 -8.65 9.53 3.45
N LYS F 34 -8.17 10.74 3.65
CA LYS F 34 -9.04 11.88 3.89
C LYS F 34 -9.92 12.17 2.69
N GLY F 35 -9.36 12.01 1.49
CA GLY F 35 -10.02 12.40 0.25
C GLY F 35 -10.84 11.36 -0.50
N LYS F 36 -10.52 10.09 -0.28
CA LYS F 36 -11.08 8.99 -1.07
C LYS F 36 -12.60 8.92 -1.10
N ASP F 37 -13.26 9.49 -0.10
CA ASP F 37 -14.71 9.37 0.00
C ASP F 37 -15.46 10.67 -0.23
N ILE F 38 -14.72 11.77 -0.40
CA ILE F 38 -15.35 13.04 -0.74
C ILE F 38 -16.07 12.97 -2.09
N LYS F 39 -17.32 13.41 -2.10
CA LYS F 39 -18.08 13.52 -3.35
C LYS F 39 -18.50 14.97 -3.56
N GLY F 40 -17.58 15.75 -4.13
CA GLY F 40 -17.76 17.18 -4.24
C GLY F 40 -18.35 17.62 -5.56
N VAL F 41 -18.27 18.92 -5.80
CA VAL F 41 -18.80 19.51 -7.02
C VAL F 41 -17.71 20.16 -7.88
N SER F 42 -17.64 19.74 -9.13
CA SER F 42 -16.73 20.33 -10.11
C SER F 42 -17.51 21.23 -11.07
N GLU F 43 -16.94 22.38 -11.40
CA GLU F 43 -17.62 23.31 -12.30
C GLU F 43 -16.86 23.49 -13.61
N ILE F 44 -17.59 23.43 -14.71
CA ILE F 44 -17.02 23.79 -16.00
C ILE F 44 -17.74 24.99 -16.56
N VAL F 45 -16.98 25.99 -16.95
CA VAL F 45 -17.51 27.10 -17.74
C VAL F 45 -16.92 27.04 -19.14
N GLN F 46 -17.78 26.79 -20.13
CA GLN F 46 -17.32 26.74 -21.51
C GLN F 46 -17.80 27.96 -22.29
N ASN F 47 -16.85 28.71 -22.86
CA ASN F 47 -17.15 29.89 -23.66
C ASN F 47 -16.40 29.73 -24.97
N GLY F 48 -17.14 29.30 -26.01
CA GLY F 48 -16.54 28.90 -27.26
C GLY F 48 -15.51 27.79 -27.09
N LYS F 49 -14.28 28.05 -27.52
CA LYS F 49 -13.20 27.08 -27.45
C LYS F 49 -12.50 27.23 -26.11
N HIS F 50 -13.01 28.15 -25.30
CA HIS F 50 -12.40 28.41 -24.02
C HIS F 50 -13.09 27.66 -22.86
N PHE F 51 -12.27 27.02 -22.01
CA PHE F 51 -12.80 26.29 -20.87
C PHE F 51 -12.20 26.77 -19.57
N LYS F 52 -13.03 26.92 -18.56
CA LYS F 52 -12.53 27.15 -17.20
C LYS F 52 -12.99 26.01 -16.28
N PHE F 53 -12.05 25.32 -15.65
CA PHE F 53 -12.39 24.20 -14.76
C PHE F 53 -12.10 24.53 -13.32
N THR F 54 -13.08 24.37 -12.45
CA THR F 54 -12.84 24.38 -10.99
C THR F 54 -13.22 23.01 -10.46
N ILE F 55 -12.20 22.18 -10.21
CA ILE F 55 -12.39 20.76 -9.96
C ILE F 55 -12.14 20.39 -8.51
N THR F 56 -13.02 19.55 -7.97
CA THR F 56 -12.82 19.02 -6.62
C THR F 56 -12.26 17.62 -6.70
N ALA F 57 -10.97 17.48 -6.41
CA ALA F 57 -10.31 16.19 -6.49
C ALA F 57 -9.84 15.80 -5.11
N GLY F 58 -10.56 14.89 -4.48
CA GLY F 58 -10.24 14.52 -3.11
C GLY F 58 -10.45 15.74 -2.25
N SER F 59 -9.45 16.08 -1.44
CA SER F 59 -9.55 17.22 -0.56
C SER F 59 -8.89 18.46 -1.16
N LYS F 60 -8.63 18.43 -2.46
CA LYS F 60 -8.00 19.55 -3.16
C LYS F 60 -8.89 20.16 -4.24
N VAL F 61 -8.86 21.49 -4.34
CA VAL F 61 -9.51 22.16 -5.45
C VAL F 61 -8.50 22.53 -6.53
N ILE F 62 -8.76 22.06 -7.74
CA ILE F 62 -7.84 22.24 -8.85
C ILE F 62 -8.45 23.21 -9.85
N GLN F 63 -7.64 24.14 -10.33
CA GLN F 63 -8.11 25.12 -11.27
C GLN F 63 -7.35 25.12 -12.60
N ASN F 64 -8.08 25.00 -13.70
CA ASN F 64 -7.51 24.98 -15.04
C ASN F 64 -8.31 25.84 -16.02
N GLU F 65 -7.60 26.73 -16.73
CA GLU F 65 -8.16 27.49 -17.84
C GLU F 65 -7.36 27.18 -19.08
N PHE F 66 -8.06 26.96 -20.19
CA PHE F 66 -7.38 26.73 -21.45
C PHE F 66 -8.31 26.96 -22.65
N THR F 67 -7.70 27.12 -23.81
CA THR F 67 -8.41 27.12 -25.08
C THR F 67 -8.00 25.84 -25.82
N VAL F 68 -8.96 25.07 -26.32
CA VAL F 68 -8.57 23.81 -26.97
C VAL F 68 -7.67 24.06 -28.19
N GLY F 69 -6.62 23.27 -28.32
CA GLY F 69 -5.69 23.43 -29.42
C GLY F 69 -4.52 24.33 -29.12
N GLU F 70 -4.63 25.14 -28.07
CA GLU F 70 -3.55 26.03 -27.69
C GLU F 70 -2.76 25.40 -26.55
N GLU F 71 -1.49 25.77 -26.44
CA GLU F 71 -0.69 25.33 -25.29
C GLU F 71 -1.25 25.92 -23.98
N CYS F 72 -1.22 25.12 -22.92
CA CYS F 72 -1.75 25.56 -21.64
C CYS F 72 -0.99 24.91 -20.50
N GLU F 73 -1.31 25.33 -19.28
CA GLU F 73 -0.73 24.71 -18.11
C GLU F 73 -1.83 24.08 -17.27
N LEU F 74 -1.74 22.76 -17.11
CA LEU F 74 -2.66 22.05 -16.24
C LEU F 74 -2.08 21.93 -14.86
N GLU F 75 -2.91 22.08 -13.84
CA GLU F 75 -2.49 21.86 -12.46
C GLU F 75 -2.62 20.39 -12.07
N THR F 76 -1.63 19.93 -11.35
CA THR F 76 -1.57 18.55 -10.92
C THR F 76 -1.97 18.42 -9.44
N MET F 77 -2.24 17.20 -8.97
CA MET F 77 -2.62 16.98 -7.58
C MET F 77 -1.55 17.52 -6.65
N THR F 78 -0.30 17.38 -7.09
CA THR F 78 0.86 17.72 -6.28
C THR F 78 1.16 19.23 -6.25
N GLY F 79 0.32 20.03 -6.91
CA GLY F 79 0.50 21.49 -7.00
C GLY F 79 1.24 21.99 -8.25
N GLU F 80 1.97 21.09 -8.89
CA GLU F 80 2.84 21.37 -10.04
C GLU F 80 2.06 21.75 -11.31
N LYS F 81 2.65 22.61 -12.15
CA LYS F 81 2.04 22.98 -13.43
C LYS F 81 2.76 22.29 -14.58
N VAL F 82 2.01 21.73 -15.53
CA VAL F 82 2.63 21.04 -16.67
C VAL F 82 2.13 21.57 -17.99
N LYS F 83 3.05 21.86 -18.89
CA LYS F 83 2.70 22.33 -20.23
C LYS F 83 2.11 21.18 -21.03
N THR F 84 1.00 21.44 -21.69
CA THR F 84 0.41 20.48 -22.60
C THR F 84 -0.66 21.15 -23.47
N VAL F 85 -1.46 20.34 -24.16
CA VAL F 85 -2.54 20.83 -25.01
C VAL F 85 -3.75 19.94 -24.81
N VAL F 86 -4.93 20.55 -24.75
CA VAL F 86 -6.18 19.81 -24.65
C VAL F 86 -6.90 19.89 -26.00
N GLN F 87 -7.35 18.75 -26.50
CA GLN F 87 -8.06 18.72 -27.78
C GLN F 87 -9.54 18.35 -27.61
N LEU F 88 -10.40 18.84 -28.51
CA LEU F 88 -11.72 18.26 -28.68
C LEU F 88 -11.71 17.07 -29.66
N GLU F 89 -12.36 15.98 -29.29
CA GLU F 89 -12.54 14.85 -30.20
C GLU F 89 -14.01 14.56 -30.34
N GLY F 90 -14.63 15.03 -31.41
CA GLY F 90 -16.08 15.03 -31.49
C GLY F 90 -16.52 16.23 -30.69
N ASP F 91 -17.81 16.32 -30.41
CA ASP F 91 -18.32 17.50 -29.71
C ASP F 91 -18.26 17.33 -28.20
N ASN F 92 -18.07 16.09 -27.75
CA ASN F 92 -18.32 15.72 -26.37
C ASN F 92 -17.15 15.10 -25.62
N LYS F 93 -15.94 15.21 -26.18
CA LYS F 93 -14.77 14.54 -25.61
C LYS F 93 -13.59 15.49 -25.53
N LEU F 94 -13.10 15.73 -24.31
CA LEU F 94 -11.84 16.47 -24.15
C LEU F 94 -10.74 15.46 -23.87
N VAL F 95 -9.64 15.58 -24.60
CA VAL F 95 -8.56 14.61 -24.50
C VAL F 95 -7.23 15.31 -24.30
N THR F 96 -6.42 14.76 -23.40
CA THR F 96 -5.08 15.33 -23.16
C THR F 96 -4.13 14.37 -22.45
N THR F 97 -2.87 14.76 -22.38
CA THR F 97 -1.84 13.94 -21.76
C THR F 97 -0.91 14.85 -20.98
N PHE F 98 -0.51 14.40 -19.79
CA PHE F 98 0.47 15.12 -18.99
C PHE F 98 1.06 14.14 -17.99
N LYS F 99 2.37 14.23 -17.77
CA LYS F 99 3.07 13.36 -16.82
C LYS F 99 2.72 11.88 -17.01
N ASN F 100 2.64 11.43 -18.26
CA ASN F 100 2.32 10.05 -18.61
C ASN F 100 0.92 9.59 -18.27
N ILE F 101 0.01 10.54 -18.10
CA ILE F 101 -1.38 10.24 -17.83
C ILE F 101 -2.23 10.58 -19.03
N LYS F 102 -3.01 9.61 -19.49
CA LYS F 102 -3.89 9.87 -20.60
C LYS F 102 -5.26 10.24 -20.04
N SER F 103 -5.74 11.43 -20.36
CA SER F 103 -7.02 11.88 -19.82
C SER F 103 -8.10 12.01 -20.90
N VAL F 104 -9.24 11.38 -20.68
CA VAL F 104 -10.39 11.53 -21.55
C VAL F 104 -11.63 11.92 -20.76
N THR F 105 -12.18 13.09 -21.05
CA THR F 105 -13.34 13.60 -20.34
C THR F 105 -14.49 13.65 -21.32
N GLU F 106 -15.51 12.84 -21.08
CA GLU F 106 -16.60 12.72 -22.05
C GLU F 106 -17.95 13.07 -21.45
N LEU F 107 -18.74 13.89 -22.17
CA LEU F 107 -20.06 14.28 -21.70
C LEU F 107 -21.16 13.58 -22.49
N ASN F 108 -22.09 12.95 -21.78
CA ASN F 108 -23.26 12.31 -22.40
C ASN F 108 -24.49 12.75 -21.63
N GLY F 109 -25.18 13.73 -22.17
CA GLY F 109 -26.34 14.28 -21.51
C GLY F 109 -25.97 15.03 -20.25
N ASP F 110 -26.26 14.42 -19.11
CA ASP F 110 -25.99 15.04 -17.82
C ASP F 110 -24.84 14.35 -17.09
N ILE F 111 -24.29 13.31 -17.71
CA ILE F 111 -23.24 12.50 -17.10
C ILE F 111 -21.89 12.77 -17.73
N ILE F 112 -20.93 13.22 -16.93
CA ILE F 112 -19.54 13.30 -17.37
C ILE F 112 -18.77 12.09 -16.88
N THR F 113 -18.02 11.47 -17.79
CA THR F 113 -17.15 10.36 -17.46
C THR F 113 -15.71 10.79 -17.65
N ASN F 114 -15.01 10.98 -16.54
CA ASN F 114 -13.60 11.34 -16.58
C ASN F 114 -12.70 10.13 -16.37
N THR F 115 -11.95 9.76 -17.39
CA THR F 115 -11.08 8.59 -17.33
C THR F 115 -9.61 8.96 -17.46
N MET F 116 -8.83 8.69 -16.42
CA MET F 116 -7.40 8.97 -16.44
C MET F 116 -6.59 7.69 -16.31
N THR F 117 -5.71 7.47 -17.27
CA THR F 117 -4.94 6.23 -17.32
C THR F 117 -3.45 6.48 -17.10
N LEU F 118 -2.89 5.78 -16.12
CA LEU F 118 -1.49 5.93 -15.75
C LEU F 118 -0.91 4.55 -15.54
N GLY F 119 -0.06 4.11 -16.46
CA GLY F 119 0.39 2.73 -16.43
C GLY F 119 -0.83 1.89 -16.71
N ASP F 120 -1.08 0.91 -15.87
CA ASP F 120 -2.24 0.06 -16.13
C ASP F 120 -3.37 0.37 -15.17
N ILE F 121 -3.30 1.55 -14.55
CA ILE F 121 -4.31 2.01 -13.59
C ILE F 121 -5.33 2.88 -14.30
N VAL F 122 -6.59 2.47 -14.28
CA VAL F 122 -7.62 3.27 -14.91
C VAL F 122 -8.48 3.92 -13.84
N PHE F 123 -8.23 5.21 -13.65
CA PHE F 123 -8.91 6.02 -12.66
C PHE F 123 -10.13 6.61 -13.36
N LYS F 124 -11.33 6.18 -12.95
CA LYS F 124 -12.55 6.59 -13.64
C LYS F 124 -13.53 7.29 -12.70
N ARG F 125 -13.96 8.50 -13.06
CA ARG F 125 -14.88 9.27 -12.23
C ARG F 125 -16.15 9.59 -12.98
N ILE F 126 -17.28 9.43 -12.32
CA ILE F 126 -18.56 9.65 -12.99
C ILE F 126 -19.36 10.70 -12.21
N SER F 127 -19.68 11.81 -12.88
CA SER F 127 -20.35 12.93 -12.25
C SER F 127 -21.64 13.27 -12.97
N LYS F 128 -22.58 13.86 -12.24
CA LYS F 128 -23.89 14.18 -12.79
C LYS F 128 -24.18 15.67 -12.62
N ARG F 129 -24.78 16.27 -13.65
CA ARG F 129 -25.10 17.69 -13.58
C ARG F 129 -26.12 17.93 -12.49
N ILE F 130 -25.95 19.01 -11.72
CA ILE F 130 -26.92 19.38 -10.69
C ILE F 130 -27.68 20.67 -11.03
N MET G 4 10.10 -42.80 -8.36
CA MET G 4 11.01 -41.95 -7.60
C MET G 4 10.54 -40.51 -7.56
N SER G 5 10.23 -40.01 -6.39
CA SER G 5 9.78 -38.62 -6.27
C SER G 5 10.85 -37.74 -5.61
N PHE G 6 11.07 -36.56 -6.16
CA PHE G 6 11.98 -35.60 -5.57
C PHE G 6 11.35 -34.93 -4.35
N SER G 7 10.03 -35.04 -4.22
CA SER G 7 9.30 -34.31 -3.19
C SER G 7 9.93 -34.46 -1.81
N GLY G 8 10.11 -33.35 -1.13
CA GLY G 8 10.59 -33.36 0.25
C GLY G 8 11.19 -32.07 0.73
N LYS G 9 11.60 -32.06 1.98
CA LYS G 9 12.31 -30.90 2.52
C LYS G 9 13.75 -31.32 2.79
N TYR G 10 14.71 -30.52 2.33
CA TYR G 10 16.12 -30.93 2.38
C TYR G 10 16.95 -29.87 3.09
N GLN G 11 17.77 -30.32 4.04
CA GLN G 11 18.70 -29.41 4.70
C GLN G 11 20.11 -29.57 4.15
N LEU G 12 20.71 -28.44 3.80
CA LEU G 12 22.09 -28.44 3.32
C LEU G 12 23.03 -29.08 4.35
N GLN G 13 23.81 -30.06 3.89
CA GLN G 13 24.78 -30.71 4.75
C GLN G 13 26.16 -30.09 4.56
N SER G 14 26.57 -29.95 3.30
CA SER G 14 27.84 -29.32 2.98
C SER G 14 27.83 -28.75 1.58
N GLN G 15 28.75 -27.82 1.31
CA GLN G 15 28.90 -27.29 -0.03
C GLN G 15 30.35 -26.89 -0.34
N GLU G 16 30.73 -27.03 -1.61
CA GLU G 16 32.05 -26.66 -2.06
C GLU G 16 31.95 -25.49 -3.04
N ASN G 17 32.86 -24.53 -2.88
CA ASN G 17 33.01 -23.41 -3.82
C ASN G 17 31.86 -22.39 -3.85
N PHE G 18 31.18 -22.23 -2.72
CA PHE G 18 30.15 -21.21 -2.60
C PHE G 18 30.70 -19.83 -2.93
N GLU G 19 31.84 -19.49 -2.36
CA GLU G 19 32.38 -18.15 -2.49
C GLU G 19 32.88 -17.89 -3.91
N ALA G 20 33.58 -18.87 -4.47
CA ALA G 20 34.12 -18.72 -5.81
C ALA G 20 33.00 -18.54 -6.82
N PHE G 21 31.95 -19.34 -6.67
CA PHE G 21 30.79 -19.27 -7.54
C PHE G 21 30.06 -17.94 -7.43
N MET G 22 29.75 -17.54 -6.20
CA MET G 22 29.02 -16.29 -5.97
C MET G 22 29.81 -15.08 -6.45
N LYS G 23 31.12 -15.10 -6.29
CA LYS G 23 31.93 -13.99 -6.79
C LYS G 23 31.87 -13.98 -8.33
N ALA G 24 32.00 -15.17 -8.95
CA ALA G 24 31.98 -15.30 -10.41
C ALA G 24 30.71 -14.77 -11.07
N ILE G 25 29.60 -14.79 -10.33
CA ILE G 25 28.33 -14.33 -10.87
C ILE G 25 28.01 -12.90 -10.48
N GLY G 26 28.94 -12.27 -9.76
CA GLY G 26 28.87 -10.86 -9.44
C GLY G 26 28.19 -10.45 -8.14
N LEU G 27 28.11 -11.35 -7.17
CA LEU G 27 27.51 -11.01 -5.88
C LEU G 27 28.53 -10.23 -5.03
N PRO G 28 28.11 -9.23 -4.24
CA PRO G 28 29.09 -8.49 -3.41
C PRO G 28 29.78 -9.31 -2.31
N GLU G 29 31.00 -8.94 -1.93
CA GLU G 29 31.72 -9.65 -0.86
C GLU G 29 31.05 -9.68 0.53
N GLU G 30 30.51 -8.55 0.96
CA GLU G 30 29.80 -8.49 2.23
C GLU G 30 28.68 -9.55 2.27
N LEU G 31 27.96 -9.68 1.16
CA LEU G 31 26.80 -10.57 1.11
C LEU G 31 27.18 -12.05 1.02
N ILE G 32 28.21 -12.32 0.23
CA ILE G 32 28.79 -13.65 0.14
C ILE G 32 29.22 -14.13 1.52
N GLN G 33 29.72 -13.21 2.34
CA GLN G 33 30.20 -13.56 3.66
C GLN G 33 29.05 -13.84 4.61
N LYS G 34 27.97 -13.07 4.48
CA LYS G 34 26.78 -13.30 5.28
C LYS G 34 26.19 -14.68 5.01
N GLY G 35 26.23 -15.12 3.74
CA GLY G 35 25.50 -16.29 3.31
C GLY G 35 26.27 -17.59 3.24
N LYS G 36 27.59 -17.49 3.11
CA LYS G 36 28.45 -18.66 2.89
C LYS G 36 28.29 -19.79 3.91
N ASP G 37 27.78 -19.48 5.11
CA ASP G 37 27.72 -20.47 6.19
C ASP G 37 26.30 -20.85 6.58
N ILE G 38 25.31 -20.24 5.94
CA ILE G 38 23.92 -20.62 6.14
C ILE G 38 23.66 -22.02 5.63
N LYS G 39 23.06 -22.85 6.50
CA LYS G 39 22.64 -24.19 6.13
C LYS G 39 21.12 -24.30 6.30
N GLY G 40 20.39 -23.82 5.30
CA GLY G 40 18.95 -23.72 5.40
C GLY G 40 18.23 -24.92 4.81
N VAL G 41 16.92 -24.77 4.64
CA VAL G 41 16.09 -25.84 4.11
C VAL G 41 15.48 -25.49 2.76
N SER G 42 15.68 -26.37 1.78
CA SER G 42 15.06 -26.22 0.47
C SER G 42 13.91 -27.20 0.33
N GLU G 43 12.80 -26.74 -0.25
CA GLU G 43 11.67 -27.65 -0.46
C GLU G 43 11.40 -27.91 -1.96
N ILE G 44 11.12 -29.17 -2.28
CA ILE G 44 10.66 -29.57 -3.60
C ILE G 44 9.28 -30.18 -3.50
N VAL G 45 8.34 -29.65 -4.28
CA VAL G 45 7.07 -30.32 -4.46
C VAL G 45 7.01 -30.83 -5.89
N GLN G 46 7.00 -32.15 -6.05
CA GLN G 46 6.89 -32.75 -7.38
C GLN G 46 5.51 -33.34 -7.61
N ASN G 47 4.86 -32.84 -8.66
CA ASN G 47 3.63 -33.41 -9.15
C ASN G 47 3.90 -33.87 -10.57
N GLY G 48 4.12 -35.17 -10.75
CA GLY G 48 4.49 -35.70 -12.04
C GLY G 48 5.71 -35.04 -12.67
N LYS G 49 5.53 -34.41 -13.82
CA LYS G 49 6.62 -33.72 -14.52
C LYS G 49 6.68 -32.27 -14.05
N HIS G 50 5.78 -31.91 -13.12
CA HIS G 50 5.72 -30.56 -12.62
C HIS G 50 6.41 -30.42 -11.27
N PHE G 51 7.22 -29.38 -11.16
CA PHE G 51 8.06 -29.16 -9.99
C PHE G 51 7.87 -27.76 -9.46
N LYS G 52 7.79 -27.65 -8.15
CA LYS G 52 7.85 -26.35 -7.48
C LYS G 52 9.04 -26.36 -6.54
N PHE G 53 9.98 -25.45 -6.75
CA PHE G 53 11.15 -25.32 -5.87
C PHE G 53 11.08 -24.09 -5.00
N THR G 54 11.27 -24.28 -3.69
CA THR G 54 11.53 -23.17 -2.77
C THR G 54 12.92 -23.37 -2.15
N ILE G 55 13.92 -22.70 -2.71
CA ILE G 55 15.33 -22.96 -2.40
C ILE G 55 15.95 -21.87 -1.53
N THR G 56 16.71 -22.31 -0.53
CA THR G 56 17.49 -21.39 0.30
C THR G 56 18.92 -21.35 -0.21
N ALA G 57 19.30 -20.25 -0.86
CA ALA G 57 20.64 -20.13 -1.40
C ALA G 57 21.30 -18.95 -0.73
N GLY G 58 22.21 -19.24 0.20
CA GLY G 58 22.81 -18.20 1.00
C GLY G 58 21.71 -17.50 1.80
N SER G 59 21.65 -16.19 1.72
CA SER G 59 20.67 -15.45 2.49
C SER G 59 19.42 -15.14 1.65
N LYS G 60 19.31 -15.82 0.51
CA LYS G 60 18.21 -15.54 -0.42
C LYS G 60 17.31 -16.76 -0.60
N VAL G 61 16.01 -16.52 -0.65
CA VAL G 61 15.07 -17.58 -1.00
C VAL G 61 14.65 -17.48 -2.47
N ILE G 62 14.88 -18.56 -3.21
CA ILE G 62 14.68 -18.58 -4.66
C ILE G 62 13.48 -19.48 -4.98
N GLN G 63 12.60 -18.99 -5.83
CA GLN G 63 11.41 -19.76 -6.19
C GLN G 63 11.31 -20.07 -7.69
N ASN G 64 11.12 -21.35 -7.99
CA ASN G 64 11.01 -21.82 -9.37
C ASN G 64 9.88 -22.84 -9.52
N GLU G 65 9.00 -22.61 -10.48
CA GLU G 65 8.02 -23.61 -10.89
C GLU G 65 8.24 -23.93 -12.35
N PHE G 66 8.15 -25.20 -12.70
CA PHE G 66 8.26 -25.60 -14.10
C PHE G 66 7.73 -27.00 -14.33
N THR G 67 7.47 -27.29 -15.61
CA THR G 67 7.16 -28.64 -16.04
C THR G 67 8.32 -29.07 -16.92
N VAL G 68 8.87 -30.25 -16.67
CA VAL G 68 10.05 -30.67 -17.44
C VAL G 68 9.74 -30.78 -18.92
N GLY G 69 10.65 -30.27 -19.74
CA GLY G 69 10.49 -30.30 -21.18
C GLY G 69 9.80 -29.07 -21.73
N GLU G 70 9.15 -28.29 -20.86
CA GLU G 70 8.49 -27.05 -21.28
C GLU G 70 9.41 -25.87 -21.01
N GLU G 71 9.24 -24.80 -21.77
CA GLU G 71 9.98 -23.59 -21.52
C GLU G 71 9.54 -23.03 -20.16
N CYS G 72 10.49 -22.46 -19.42
CA CYS G 72 10.20 -21.87 -18.11
C CYS G 72 11.12 -20.70 -17.81
N GLU G 73 10.88 -20.04 -16.68
CA GLU G 73 11.77 -18.98 -16.23
C GLU G 73 12.37 -19.35 -14.88
N LEU G 74 13.69 -19.43 -14.84
CA LEU G 74 14.41 -19.72 -13.60
C LEU G 74 14.84 -18.41 -12.97
N GLU G 75 14.73 -18.33 -11.64
CA GLU G 75 15.24 -17.18 -10.93
C GLU G 75 16.72 -17.37 -10.56
N THR G 76 17.48 -16.31 -10.75
CA THR G 76 18.91 -16.28 -10.51
C THR G 76 19.20 -15.62 -9.17
N MET G 77 20.43 -15.78 -8.66
CA MET G 77 20.83 -15.13 -7.42
C MET G 77 20.64 -13.63 -7.47
N THR G 78 20.90 -13.05 -8.65
CA THR G 78 20.83 -11.61 -8.84
C THR G 78 19.41 -11.04 -9.03
N GLY G 79 18.40 -11.90 -8.93
CA GLY G 79 17.00 -11.48 -9.04
C GLY G 79 16.39 -11.66 -10.43
N GLU G 80 17.28 -11.75 -11.41
CA GLU G 80 16.95 -11.89 -12.81
C GLU G 80 16.23 -13.19 -13.21
N LYS G 81 15.33 -13.11 -14.20
CA LYS G 81 14.62 -14.30 -14.69
C LYS G 81 15.23 -14.70 -16.04
N VAL G 82 15.55 -15.98 -16.21
CA VAL G 82 16.11 -16.44 -17.49
C VAL G 82 15.29 -17.55 -18.13
N LYS G 83 15.02 -17.42 -19.43
CA LYS G 83 14.26 -18.44 -20.15
C LYS G 83 15.14 -19.65 -20.37
N THR G 84 14.61 -20.84 -20.11
CA THR G 84 15.32 -22.07 -20.41
C THR G 84 14.36 -23.26 -20.31
N VAL G 85 14.92 -24.48 -20.33
CA VAL G 85 14.16 -25.71 -20.20
C VAL G 85 14.88 -26.65 -19.25
N VAL G 86 14.13 -27.33 -18.39
CA VAL G 86 14.68 -28.32 -17.48
C VAL G 86 14.28 -29.72 -17.94
N GLN G 87 15.25 -30.63 -18.04
CA GLN G 87 14.97 -31.99 -18.48
C GLN G 87 15.16 -33.00 -17.37
N LEU G 88 14.45 -34.13 -17.48
CA LEU G 88 14.76 -35.31 -16.69
C LEU G 88 15.71 -36.21 -17.45
N GLU G 89 16.75 -36.67 -16.77
CA GLU G 89 17.69 -37.65 -17.33
C GLU G 89 17.72 -38.87 -16.43
N GLY G 90 16.98 -39.90 -16.81
CA GLY G 90 16.75 -41.00 -15.90
C GLY G 90 15.67 -40.52 -14.97
N ASP G 91 15.46 -41.23 -13.87
CA ASP G 91 14.36 -40.89 -12.97
C ASP G 91 14.78 -39.90 -11.90
N ASN G 92 16.09 -39.70 -11.76
CA ASN G 92 16.64 -39.06 -10.57
C ASN G 92 17.55 -37.84 -10.83
N LYS G 93 17.50 -37.29 -12.05
CA LYS G 93 18.43 -36.26 -12.44
C LYS G 93 17.71 -35.14 -13.17
N LEU G 94 17.73 -33.94 -12.62
CA LEU G 94 17.24 -32.76 -13.30
C LEU G 94 18.44 -31.99 -13.87
N VAL G 95 18.36 -31.65 -15.16
CA VAL G 95 19.49 -31.05 -15.83
C VAL G 95 19.02 -29.82 -16.59
N THR G 96 19.80 -28.74 -16.50
CA THR G 96 19.45 -27.51 -17.22
C THR G 96 20.65 -26.59 -17.41
N THR G 97 20.45 -25.55 -18.21
CA THR G 97 21.49 -24.56 -18.45
C THR G 97 20.91 -23.17 -18.50
N PHE G 98 21.60 -22.21 -17.90
CA PHE G 98 21.18 -20.81 -17.94
C PHE G 98 22.35 -19.93 -17.64
N LYS G 99 22.49 -18.84 -18.39
CA LYS G 99 23.59 -17.90 -18.18
C LYS G 99 24.98 -18.59 -18.14
N ASN G 100 25.20 -19.55 -19.03
CA ASN G 100 26.46 -20.32 -19.05
C ASN G 100 26.75 -21.20 -17.83
N ILE G 101 25.73 -21.42 -17.02
CA ILE G 101 25.87 -22.30 -15.90
C ILE G 101 25.24 -23.61 -16.32
N LYS G 102 25.94 -24.71 -16.04
CA LYS G 102 25.34 -26.00 -16.26
C LYS G 102 24.95 -26.58 -14.90
N SER G 103 23.71 -27.04 -14.81
CA SER G 103 23.14 -27.47 -13.53
C SER G 103 22.63 -28.91 -13.61
N VAL G 104 23.09 -29.73 -12.66
CA VAL G 104 22.62 -31.10 -12.53
C VAL G 104 22.21 -31.37 -11.09
N THR G 105 20.93 -31.70 -10.91
CA THR G 105 20.40 -31.97 -9.59
C THR G 105 20.03 -33.44 -9.51
N GLU G 106 20.73 -34.19 -8.66
CA GLU G 106 20.55 -35.64 -8.63
C GLU G 106 20.10 -36.14 -7.26
N LEU G 107 19.09 -36.99 -7.24
CA LEU G 107 18.60 -37.55 -5.99
C LEU G 107 18.99 -39.03 -5.85
N ASN G 108 19.58 -39.36 -4.70
CA ASN G 108 19.92 -40.74 -4.37
C ASN G 108 19.43 -41.05 -2.99
N GLY G 109 18.28 -41.67 -2.90
CA GLY G 109 17.69 -41.99 -1.60
C GLY G 109 17.22 -40.74 -0.89
N ASP G 110 17.99 -40.31 0.11
CA ASP G 110 17.65 -39.13 0.90
C ASP G 110 18.60 -37.97 0.64
N ILE G 111 19.57 -38.20 -0.24
CA ILE G 111 20.60 -37.20 -0.51
C ILE G 111 20.44 -36.59 -1.89
N ILE G 112 20.28 -35.27 -1.94
CA ILE G 112 20.32 -34.55 -3.21
C ILE G 112 21.68 -33.90 -3.43
N THR G 113 22.22 -34.09 -4.62
CA THR G 113 23.49 -33.49 -4.97
C THR G 113 23.23 -32.50 -6.08
N ASN G 114 23.41 -31.23 -5.76
CA ASN G 114 23.22 -30.18 -6.74
C ASN G 114 24.56 -29.63 -7.18
N THR G 115 24.87 -29.85 -8.45
CA THR G 115 26.15 -29.45 -9.00
C THR G 115 25.97 -28.40 -10.09
N MET G 116 26.53 -27.22 -9.87
CA MET G 116 26.44 -26.15 -10.86
C MET G 116 27.81 -25.75 -11.34
N THR G 117 27.99 -25.77 -12.65
CA THR G 117 29.30 -25.53 -13.25
C THR G 117 29.33 -24.26 -14.07
N LEU G 118 30.24 -23.35 -13.71
CA LEU G 118 30.40 -22.08 -14.40
C LEU G 118 31.87 -21.85 -14.69
N GLY G 119 32.25 -21.93 -15.95
CA GLY G 119 33.65 -21.92 -16.31
C GLY G 119 34.32 -23.11 -15.67
N ASP G 120 35.39 -22.84 -14.93
CA ASP G 120 36.14 -23.87 -14.24
C ASP G 120 35.76 -23.97 -12.75
N ILE G 121 34.57 -23.50 -12.41
CA ILE G 121 34.13 -23.55 -11.03
C ILE G 121 33.03 -24.58 -10.86
N VAL G 122 33.26 -25.54 -9.98
CA VAL G 122 32.23 -26.52 -9.71
C VAL G 122 31.67 -26.26 -8.33
N PHE G 123 30.48 -25.67 -8.32
CA PHE G 123 29.74 -25.36 -7.12
C PHE G 123 28.86 -26.55 -6.78
N LYS G 124 29.19 -27.26 -5.71
CA LYS G 124 28.49 -28.50 -5.38
C LYS G 124 27.81 -28.42 -4.01
N ARG G 125 26.52 -28.74 -3.94
CA ARG G 125 25.78 -28.68 -2.69
C ARG G 125 25.18 -30.02 -2.37
N ILE G 126 25.25 -30.44 -1.12
CA ILE G 126 24.75 -31.74 -0.74
C ILE G 126 23.75 -31.60 0.39
N SER G 127 22.52 -32.05 0.15
CA SER G 127 21.44 -31.86 1.12
C SER G 127 20.82 -33.18 1.48
N LYS G 128 20.24 -33.25 2.68
CA LYS G 128 19.64 -34.48 3.15
C LYS G 128 18.17 -34.28 3.52
N ARG G 129 17.31 -35.23 3.16
CA ARG G 129 15.88 -35.09 3.47
C ARG G 129 15.66 -35.11 4.98
N ILE G 130 14.77 -34.25 5.47
CA ILE G 130 14.45 -34.18 6.90
C ILE G 130 13.03 -34.64 7.21
N GLY H 1 43.30 -17.87 -32.65
CA GLY H 1 43.50 -16.83 -33.63
C GLY H 1 43.77 -17.35 -35.04
N SER H 2 42.91 -18.26 -35.50
CA SER H 2 42.94 -18.73 -36.89
C SER H 2 42.89 -17.56 -37.90
N HIS H 3 42.38 -16.43 -37.40
CA HIS H 3 42.21 -15.19 -38.16
C HIS H 3 42.31 -14.02 -37.18
N MET H 4 42.40 -12.80 -37.72
CA MET H 4 42.36 -11.62 -36.89
C MET H 4 40.93 -11.37 -36.44
N SER H 5 40.75 -10.99 -35.18
CA SER H 5 39.43 -10.73 -34.63
C SER H 5 39.18 -9.27 -34.23
N PHE H 6 38.06 -8.74 -34.70
CA PHE H 6 37.56 -7.41 -34.35
C PHE H 6 36.75 -7.45 -33.07
N SER H 7 36.44 -8.65 -32.59
CA SER H 7 35.56 -8.82 -31.44
C SER H 7 35.96 -7.94 -30.28
N GLY H 8 34.99 -7.24 -29.70
CA GLY H 8 35.24 -6.46 -28.50
C GLY H 8 34.22 -5.36 -28.24
N LYS H 9 34.42 -4.66 -27.13
CA LYS H 9 33.64 -3.48 -26.83
C LYS H 9 34.56 -2.28 -26.93
N TYR H 10 34.10 -1.26 -27.65
CA TYR H 10 34.93 -0.09 -27.94
C TYR H 10 34.30 1.23 -27.50
N GLN H 11 35.05 2.04 -26.77
CA GLN H 11 34.53 3.34 -26.40
C GLN H 11 35.13 4.43 -27.26
N LEU H 12 34.27 5.27 -27.82
CA LEU H 12 34.71 6.39 -28.63
C LEU H 12 35.68 7.28 -27.85
N GLN H 13 36.84 7.55 -28.43
CA GLN H 13 37.84 8.43 -27.83
C GLN H 13 37.71 9.86 -28.39
N SER H 14 37.62 9.95 -29.71
CA SER H 14 37.46 11.25 -30.36
C SER H 14 36.86 11.08 -31.74
N GLN H 15 36.27 12.15 -32.26
CA GLN H 15 35.74 12.14 -33.62
C GLN H 15 35.86 13.51 -34.29
N GLU H 16 36.07 13.49 -35.60
CA GLU H 16 36.13 14.71 -36.39
C GLU H 16 34.93 14.79 -37.33
N ASN H 17 34.35 15.97 -37.47
CA ASN H 17 33.30 16.25 -38.46
C ASN H 17 31.96 15.58 -38.22
N PHE H 18 31.63 15.28 -36.97
CA PHE H 18 30.32 14.72 -36.64
C PHE H 18 29.17 15.60 -37.17
N GLU H 19 29.28 16.90 -36.90
CA GLU H 19 28.20 17.80 -37.23
C GLU H 19 28.02 17.97 -38.74
N ALA H 20 29.14 18.20 -39.42
CA ALA H 20 29.13 18.35 -40.87
C ALA H 20 28.56 17.10 -41.54
N PHE H 21 28.98 15.93 -41.08
CA PHE H 21 28.50 14.69 -41.65
C PHE H 21 27.01 14.51 -41.39
N MET H 22 26.60 14.73 -40.14
CA MET H 22 25.20 14.54 -39.78
C MET H 22 24.26 15.52 -40.49
N LYS H 23 24.72 16.76 -40.67
CA LYS H 23 23.96 17.72 -41.48
C LYS H 23 23.85 17.29 -42.94
N ALA H 24 24.96 16.79 -43.49
CA ALA H 24 25.00 16.37 -44.90
C ALA H 24 24.05 15.22 -45.24
N ILE H 25 23.65 14.45 -44.23
CA ILE H 25 22.79 13.30 -44.45
C ILE H 25 21.38 13.61 -44.02
N GLY H 26 21.16 14.85 -43.57
CA GLY H 26 19.83 15.35 -43.30
C GLY H 26 19.28 15.12 -41.90
N LEU H 27 20.18 15.02 -40.92
CA LEU H 27 19.75 14.90 -39.52
C LEU H 27 19.34 16.28 -38.97
N PRO H 28 18.21 16.34 -38.24
CA PRO H 28 17.76 17.61 -37.64
C PRO H 28 18.87 18.31 -36.85
N GLU H 29 18.79 19.63 -36.65
CA GLU H 29 19.84 20.35 -35.93
C GLU H 29 19.80 20.06 -34.44
N GLU H 30 18.59 19.78 -33.98
CA GLU H 30 18.31 19.48 -32.58
C GLU H 30 19.09 18.24 -32.15
N LEU H 31 18.94 17.17 -32.94
CA LEU H 31 19.51 15.86 -32.65
C LEU H 31 21.03 15.89 -32.73
N ILE H 32 21.53 16.57 -33.76
CA ILE H 32 22.96 16.74 -33.96
C ILE H 32 23.60 17.33 -32.71
N GLN H 33 22.94 18.31 -32.11
CA GLN H 33 23.48 18.94 -30.91
C GLN H 33 23.42 18.03 -29.68
N LYS H 34 22.34 17.25 -29.58
CA LYS H 34 22.18 16.31 -28.47
C LYS H 34 23.27 15.25 -28.55
N GLY H 35 23.60 14.82 -29.77
CA GLY H 35 24.43 13.65 -30.00
C GLY H 35 25.92 13.88 -30.17
N LYS H 36 26.27 15.08 -30.63
CA LYS H 36 27.66 15.41 -31.00
C LYS H 36 28.72 15.14 -29.93
N ASP H 37 28.33 15.11 -28.66
CA ASP H 37 29.31 14.95 -27.58
C ASP H 37 29.22 13.62 -26.83
N ILE H 38 28.26 12.79 -27.22
CA ILE H 38 28.14 11.45 -26.64
C ILE H 38 29.35 10.60 -27.00
N LYS H 39 29.95 9.98 -25.99
CA LYS H 39 31.05 9.05 -26.19
C LYS H 39 30.64 7.68 -25.65
N GLY H 40 29.89 6.95 -26.46
CA GLY H 40 29.33 5.69 -26.01
C GLY H 40 30.19 4.48 -26.32
N VAL H 41 29.59 3.31 -26.19
CA VAL H 41 30.29 2.04 -26.42
C VAL H 41 29.67 1.28 -27.58
N SER H 42 30.50 0.91 -28.56
CA SER H 42 30.07 0.07 -29.67
C SER H 42 30.59 -1.35 -29.46
N GLU H 43 29.77 -2.34 -29.81
CA GLU H 43 30.23 -3.72 -29.67
C GLU H 43 30.31 -4.46 -31.00
N ILE H 44 31.38 -5.22 -31.18
CA ILE H 44 31.51 -6.08 -32.34
C ILE H 44 31.62 -7.51 -31.87
N VAL H 45 30.80 -8.38 -32.42
CA VAL H 45 30.99 -9.81 -32.23
C VAL H 45 31.34 -10.44 -33.58
N GLN H 46 32.56 -10.97 -33.67
CA GLN H 46 33.02 -11.59 -34.91
C GLN H 46 33.16 -13.09 -34.76
N ASN H 47 32.51 -13.84 -35.65
CA ASN H 47 32.73 -15.27 -35.76
C ASN H 47 33.19 -15.61 -37.17
N GLY H 48 34.41 -16.12 -37.28
CA GLY H 48 35.03 -16.27 -38.57
C GLY H 48 34.88 -14.99 -39.38
N LYS H 49 34.17 -15.09 -40.48
CA LYS H 49 33.91 -13.94 -41.32
C LYS H 49 32.49 -13.39 -41.13
N HIS H 50 31.81 -13.83 -40.07
CA HIS H 50 30.49 -13.29 -39.72
C HIS H 50 30.55 -12.22 -38.61
N PHE H 51 29.86 -11.09 -38.82
CA PHE H 51 29.93 -9.95 -37.90
C PHE H 51 28.57 -9.51 -37.37
N LYS H 52 28.52 -9.19 -36.08
CA LYS H 52 27.36 -8.51 -35.51
C LYS H 52 27.82 -7.21 -34.88
N PHE H 53 27.25 -6.11 -35.34
CA PHE H 53 27.56 -4.79 -34.78
C PHE H 53 26.41 -4.19 -33.97
N THR H 54 26.72 -3.73 -32.77
CA THR H 54 25.80 -2.89 -32.02
C THR H 54 26.51 -1.57 -31.75
N ILE H 55 26.16 -0.55 -32.56
CA ILE H 55 26.92 0.70 -32.64
C ILE H 55 26.19 1.85 -31.98
N THR H 56 26.94 2.65 -31.24
CA THR H 56 26.39 3.87 -30.64
C THR H 56 26.81 5.07 -31.47
N ALA H 57 25.86 5.63 -32.22
CA ALA H 57 26.15 6.74 -33.09
C ALA H 57 25.34 7.94 -32.68
N GLY H 58 25.97 8.87 -31.96
CA GLY H 58 25.23 9.98 -31.40
C GLY H 58 24.24 9.44 -30.39
N SER H 59 22.98 9.81 -30.53
CA SER H 59 21.98 9.38 -29.57
C SER H 59 21.20 8.17 -30.10
N LYS H 60 21.74 7.52 -31.13
CA LYS H 60 21.07 6.38 -31.76
C LYS H 60 21.89 5.11 -31.66
N VAL H 61 21.22 3.99 -31.40
CA VAL H 61 21.86 2.68 -31.46
C VAL H 61 21.56 1.99 -32.78
N ILE H 62 22.62 1.67 -33.50
CA ILE H 62 22.52 1.08 -34.83
C ILE H 62 22.93 -0.39 -34.79
N GLN H 63 22.13 -1.24 -35.40
CA GLN H 63 22.43 -2.67 -35.40
C GLN H 63 22.62 -3.25 -36.81
N ASN H 64 23.76 -3.92 -37.02
CA ASN H 64 24.09 -4.56 -38.29
C ASN H 64 24.64 -5.97 -38.09
N GLU H 65 24.10 -6.94 -38.83
CA GLU H 65 24.65 -8.28 -38.94
C GLU H 65 24.92 -8.59 -40.39
N PHE H 66 26.06 -9.22 -40.66
CA PHE H 66 26.40 -9.56 -42.02
C PHE H 66 27.52 -10.59 -42.05
N THR H 67 27.66 -11.24 -43.20
CA THR H 67 28.82 -12.08 -43.52
C THR H 67 29.57 -11.37 -44.63
N VAL H 68 30.88 -11.23 -44.49
CA VAL H 68 31.64 -10.49 -45.51
C VAL H 68 31.56 -11.18 -46.85
N GLY H 69 31.34 -10.40 -47.91
CA GLY H 69 31.22 -10.97 -49.23
C GLY H 69 29.80 -11.30 -49.65
N GLU H 70 28.89 -11.38 -48.66
CA GLU H 70 27.49 -11.64 -48.95
C GLU H 70 26.70 -10.33 -48.97
N GLU H 71 25.61 -10.31 -49.72
CA GLU H 71 24.74 -9.15 -49.69
C GLU H 71 24.14 -9.01 -48.29
N CYS H 72 24.00 -7.77 -47.81
CA CYS H 72 23.40 -7.52 -46.50
C CYS H 72 22.65 -6.20 -46.50
N GLU H 73 21.99 -5.90 -45.38
CA GLU H 73 21.32 -4.63 -45.22
C GLU H 73 21.93 -3.88 -44.06
N LEU H 74 22.46 -2.69 -44.34
CA LEU H 74 23.02 -1.84 -43.31
C LEU H 74 21.97 -0.85 -42.87
N GLU H 75 21.98 -0.54 -41.57
CA GLU H 75 21.07 0.46 -41.06
C GLU H 75 21.75 1.83 -41.09
N THR H 76 20.97 2.82 -41.44
CA THR H 76 21.43 4.18 -41.60
C THR H 76 21.01 5.01 -40.39
N MET H 77 21.57 6.21 -40.23
CA MET H 77 21.18 7.09 -39.12
C MET H 77 19.69 7.38 -39.15
N THR H 78 19.16 7.52 -40.36
CA THR H 78 17.79 7.93 -40.58
C THR H 78 16.77 6.78 -40.38
N GLY H 79 17.25 5.60 -39.98
CA GLY H 79 16.41 4.43 -39.79
C GLY H 79 16.31 3.47 -40.99
N GLU H 80 16.60 4.00 -42.18
CA GLU H 80 16.48 3.28 -43.45
C GLU H 80 17.46 2.09 -43.61
N LYS H 81 17.05 1.03 -44.31
CA LYS H 81 17.93 -0.10 -44.62
C LYS H 81 18.43 -0.03 -46.06
N VAL H 82 19.73 -0.26 -46.29
CA VAL H 82 20.31 -0.21 -47.64
C VAL H 82 21.05 -1.49 -48.01
N LYS H 83 20.74 -2.01 -49.19
CA LYS H 83 21.40 -3.22 -49.64
C LYS H 83 22.84 -2.85 -50.02
N THR H 84 23.79 -3.66 -49.59
CA THR H 84 25.18 -3.51 -50.01
C THR H 84 26.00 -4.73 -49.62
N VAL H 85 27.31 -4.63 -49.74
CA VAL H 85 28.19 -5.74 -49.38
C VAL H 85 29.38 -5.19 -48.58
N VAL H 86 29.82 -5.94 -47.60
CA VAL H 86 30.98 -5.53 -46.81
C VAL H 86 32.14 -6.47 -47.11
N GLN H 87 33.31 -5.92 -47.41
CA GLN H 87 34.47 -6.72 -47.73
C GLN H 87 35.56 -6.62 -46.69
N LEU H 88 36.35 -7.67 -46.55
CA LEU H 88 37.62 -7.59 -45.84
C LEU H 88 38.74 -7.20 -46.79
N GLU H 89 39.56 -6.22 -46.40
CA GLU H 89 40.77 -5.89 -47.13
C GLU H 89 42.00 -6.02 -46.23
N GLY H 90 42.70 -7.14 -46.33
CA GLY H 90 43.71 -7.46 -45.34
C GLY H 90 42.93 -8.08 -44.21
N ASP H 91 43.58 -8.27 -43.06
CA ASP H 91 42.92 -8.93 -41.94
C ASP H 91 42.19 -7.93 -41.06
N ASN H 92 42.49 -6.64 -41.25
CA ASN H 92 42.12 -5.63 -40.27
C ASN H 92 41.28 -4.47 -40.81
N LYS H 93 40.74 -4.62 -42.01
CA LYS H 93 40.00 -3.53 -42.63
C LYS H 93 38.65 -3.99 -43.19
N LEU H 94 37.57 -3.39 -42.71
CA LEU H 94 36.26 -3.64 -43.30
C LEU H 94 35.91 -2.45 -44.18
N VAL H 95 35.52 -2.73 -45.40
CA VAL H 95 35.26 -1.70 -46.39
C VAL H 95 33.88 -1.88 -47.01
N THR H 96 33.17 -0.78 -47.21
CA THR H 96 31.84 -0.84 -47.81
C THR H 96 31.35 0.52 -48.27
N THR H 97 30.26 0.52 -49.03
CA THR H 97 29.70 1.73 -49.59
C THR H 97 28.18 1.62 -49.53
N PHE H 98 27.54 2.74 -49.19
CA PHE H 98 26.08 2.83 -49.17
C PHE H 98 25.66 4.29 -49.20
N LYS H 99 24.65 4.61 -50.01
CA LYS H 99 24.15 5.98 -50.13
C LYS H 99 25.26 7.01 -50.42
N ASN H 100 26.23 6.65 -51.28
CA ASN H 100 27.38 7.51 -51.60
C ASN H 100 28.34 7.79 -50.46
N ILE H 101 28.23 7.02 -49.39
CA ILE H 101 29.20 7.08 -48.33
C ILE H 101 30.25 6.01 -48.63
N LYS H 102 31.53 6.35 -48.41
CA LYS H 102 32.59 5.34 -48.40
C LYS H 102 33.09 5.12 -46.96
N SER H 103 32.85 3.92 -46.43
CA SER H 103 33.20 3.57 -45.05
C SER H 103 34.40 2.63 -45.00
N VAL H 104 35.39 2.97 -44.18
CA VAL H 104 36.53 2.09 -43.93
C VAL H 104 36.74 1.94 -42.41
N THR H 105 36.64 0.71 -41.92
CA THR H 105 36.77 0.45 -40.50
C THR H 105 38.02 -0.38 -40.28
N GLU H 106 39.01 0.20 -39.64
CA GLU H 106 40.29 -0.46 -39.51
C GLU H 106 40.70 -0.70 -38.05
N LEU H 107 41.17 -1.90 -37.75
CA LEU H 107 41.62 -2.22 -36.40
C LEU H 107 43.13 -2.30 -36.29
N ASN H 108 43.70 -1.60 -35.31
CA ASN H 108 45.13 -1.66 -35.04
C ASN H 108 45.35 -1.86 -33.54
N GLY H 109 45.57 -3.10 -33.14
CA GLY H 109 45.72 -3.42 -31.74
C GLY H 109 44.41 -3.23 -31.01
N ASP H 110 44.32 -2.14 -30.23
CA ASP H 110 43.13 -1.86 -29.45
C ASP H 110 42.33 -0.70 -29.98
N ILE H 111 42.87 -0.05 -31.02
CA ILE H 111 42.25 1.14 -31.61
C ILE H 111 41.51 0.83 -32.94
N ILE H 112 40.23 1.16 -33.00
CA ILE H 112 39.50 1.08 -34.26
C ILE H 112 39.37 2.48 -34.82
N THR H 113 39.68 2.62 -36.09
CA THR H 113 39.52 3.88 -36.79
C THR H 113 38.43 3.72 -37.83
N ASN H 114 37.31 4.38 -37.60
CA ASN H 114 36.19 4.32 -38.53
C ASN H 114 36.13 5.60 -39.33
N THR H 115 36.41 5.50 -40.62
CA THR H 115 36.41 6.65 -41.49
C THR H 115 35.30 6.55 -42.52
N MET H 116 34.39 7.52 -42.50
CA MET H 116 33.29 7.58 -43.46
C MET H 116 33.38 8.84 -44.30
N THR H 117 33.39 8.66 -45.62
CA THR H 117 33.55 9.77 -46.55
C THR H 117 32.32 10.03 -47.41
N LEU H 118 31.80 11.24 -47.33
CA LEU H 118 30.60 11.65 -48.07
C LEU H 118 30.85 12.99 -48.74
N GLY H 119 31.02 12.98 -50.07
CA GLY H 119 31.48 14.17 -50.76
C GLY H 119 32.89 14.49 -50.29
N ASP H 120 33.11 15.72 -49.82
CA ASP H 120 34.42 16.11 -49.31
C ASP H 120 34.50 16.10 -47.80
N ILE H 121 33.49 15.50 -47.17
CA ILE H 121 33.44 15.40 -45.72
C ILE H 121 34.04 14.08 -45.25
N VAL H 122 35.08 14.17 -44.42
CA VAL H 122 35.66 12.96 -43.87
C VAL H 122 35.31 12.87 -42.39
N PHE H 123 34.33 12.00 -42.11
CA PHE H 123 33.85 11.75 -40.77
C PHE H 123 34.74 10.64 -40.20
N LYS H 124 35.54 10.98 -39.20
CA LYS H 124 36.49 10.02 -38.63
C LYS H 124 36.21 9.79 -37.13
N ARG H 125 36.04 8.52 -36.72
CA ARG H 125 35.84 8.16 -35.32
C ARG H 125 36.95 7.23 -34.84
N ILE H 126 37.45 7.48 -33.64
CA ILE H 126 38.50 6.65 -33.09
C ILE H 126 38.07 6.08 -31.75
N SER H 127 38.02 4.75 -31.66
CA SER H 127 37.56 4.05 -30.47
C SER H 127 38.61 3.11 -29.91
N LYS H 128 38.54 2.84 -28.62
CA LYS H 128 39.54 2.04 -27.94
C LYS H 128 38.83 0.91 -27.26
N ARG H 129 39.41 -0.28 -27.33
CA ARG H 129 38.81 -1.43 -26.69
C ARG H 129 38.84 -1.26 -25.17
N ILE H 130 37.77 -1.68 -24.50
CA ILE H 130 37.69 -1.59 -23.04
C ILE H 130 37.69 -2.96 -22.34
N MET I 4 -35.07 2.73 52.15
CA MET I 4 -34.77 3.37 50.87
C MET I 4 -34.40 2.29 49.88
N SER I 5 -34.84 2.45 48.63
CA SER I 5 -34.64 1.44 47.59
C SER I 5 -33.68 1.87 46.50
N PHE I 6 -32.77 0.96 46.14
CA PHE I 6 -31.77 1.16 45.10
C PHE I 6 -32.33 0.85 43.70
N SER I 7 -33.44 0.13 43.67
CA SER I 7 -34.05 -0.29 42.40
C SER I 7 -34.12 0.83 41.36
N GLY I 8 -33.65 0.55 40.16
CA GLY I 8 -33.77 1.51 39.09
C GLY I 8 -32.82 1.28 37.94
N LYS I 9 -32.96 2.11 36.91
CA LYS I 9 -32.06 2.05 35.79
C LYS I 9 -31.25 3.33 35.78
N TYR I 10 -29.94 3.21 35.75
CA TYR I 10 -29.06 4.37 35.91
C TYR I 10 -28.11 4.56 34.75
N GLN I 11 -28.06 5.79 34.23
CA GLN I 11 -27.13 6.09 33.15
C GLN I 11 -25.91 6.84 33.66
N LEU I 12 -24.73 6.34 33.33
CA LEU I 12 -23.49 6.99 33.68
C LEU I 12 -23.45 8.43 33.20
N GLN I 13 -23.17 9.36 34.13
CA GLN I 13 -23.06 10.79 33.82
C GLN I 13 -21.60 11.17 33.63
N SER I 14 -20.75 10.74 34.55
CA SER I 14 -19.33 11.00 34.43
C SER I 14 -18.53 9.99 35.24
N GLN I 15 -17.25 9.89 34.95
CA GLN I 15 -16.38 9.03 35.73
C GLN I 15 -14.96 9.55 35.76
N GLU I 16 -14.27 9.30 36.87
CA GLU I 16 -12.89 9.70 37.03
C GLU I 16 -12.01 8.47 37.15
N ASN I 17 -10.86 8.50 36.47
CA ASN I 17 -9.83 7.48 36.59
C ASN I 17 -10.20 6.11 36.03
N PHE I 18 -11.08 6.07 35.04
CA PHE I 18 -11.38 4.82 34.34
C PHE I 18 -10.10 4.15 33.81
N GLU I 19 -9.25 4.92 33.14
CA GLU I 19 -8.09 4.34 32.48
C GLU I 19 -7.05 3.86 33.47
N ALA I 20 -6.79 4.68 34.50
CA ALA I 20 -5.80 4.32 35.51
C ALA I 20 -6.23 3.05 36.23
N PHE I 21 -7.51 2.98 36.60
CA PHE I 21 -8.06 1.81 37.28
C PHE I 21 -8.01 0.55 36.41
N MET I 22 -8.51 0.64 35.18
CA MET I 22 -8.48 -0.49 34.24
C MET I 22 -7.06 -0.98 33.94
N LYS I 23 -6.09 -0.07 33.91
CA LYS I 23 -4.71 -0.46 33.69
C LYS I 23 -4.18 -1.20 34.90
N ALA I 24 -4.56 -0.73 36.09
CA ALA I 24 -4.07 -1.31 37.34
C ALA I 24 -4.58 -2.73 37.60
N ILE I 25 -5.67 -3.11 36.95
CA ILE I 25 -6.24 -4.44 37.14
C ILE I 25 -5.92 -5.35 35.96
N GLY I 26 -5.12 -4.82 35.03
CA GLY I 26 -4.58 -5.62 33.94
C GLY I 26 -5.45 -5.77 32.71
N LEU I 27 -6.31 -4.79 32.45
CA LEU I 27 -7.10 -4.81 31.24
C LEU I 27 -6.27 -4.40 30.04
N PRO I 28 -6.43 -5.18 28.96
CA PRO I 28 -5.76 -4.99 27.69
C PRO I 28 -6.06 -3.58 27.22
N GLU I 29 -5.06 -2.88 26.70
CA GLU I 29 -5.17 -1.45 26.41
C GLU I 29 -6.26 -1.23 25.37
N GLU I 30 -6.44 -2.25 24.56
CA GLU I 30 -7.47 -2.26 23.54
C GLU I 30 -8.88 -2.07 24.15
N LEU I 31 -9.17 -2.81 25.21
CA LEU I 31 -10.49 -2.75 25.88
C LEU I 31 -10.66 -1.48 26.71
N ILE I 32 -9.53 -0.85 27.04
CA ILE I 32 -9.56 0.40 27.78
C ILE I 32 -9.96 1.55 26.88
N GLN I 33 -9.36 1.64 25.68
CA GLN I 33 -9.66 2.75 24.78
C GLN I 33 -11.07 2.63 24.20
N LYS I 34 -11.48 1.39 23.92
CA LYS I 34 -12.80 1.14 23.40
C LYS I 34 -13.89 1.52 24.41
N GLY I 35 -13.61 1.24 25.68
CA GLY I 35 -14.60 1.35 26.74
C GLY I 35 -14.65 2.68 27.49
N LYS I 36 -13.54 3.41 27.52
CA LYS I 36 -13.39 4.60 28.37
C LYS I 36 -14.44 5.70 28.19
N ASP I 37 -15.12 5.72 27.05
CA ASP I 37 -16.06 6.79 26.77
C ASP I 37 -17.51 6.30 26.70
N ILE I 38 -17.71 5.00 26.87
CA ILE I 38 -19.06 4.46 26.90
C ILE I 38 -19.83 4.96 28.13
N LYS I 39 -21.02 5.48 27.88
CA LYS I 39 -21.90 5.90 28.94
C LYS I 39 -23.20 5.10 28.91
N GLY I 40 -23.15 3.90 29.47
CA GLY I 40 -24.24 2.96 29.35
C GLY I 40 -25.22 3.01 30.50
N VAL I 41 -26.07 2.00 30.57
CA VAL I 41 -27.08 1.93 31.59
C VAL I 41 -26.87 0.73 32.49
N SER I 42 -26.84 0.98 33.79
CA SER I 42 -26.76 -0.09 34.78
C SER I 42 -28.10 -0.28 35.46
N GLU I 43 -28.52 -1.52 35.65
CA GLU I 43 -29.77 -1.79 36.33
C GLU I 43 -29.60 -2.44 37.71
N ILE I 44 -30.37 -1.96 38.68
CA ILE I 44 -30.44 -2.61 39.98
C ILE I 44 -31.86 -3.04 40.29
N VAL I 45 -32.01 -4.33 40.63
CA VAL I 45 -33.27 -4.79 41.15
C VAL I 45 -33.09 -5.15 42.62
N GLN I 46 -33.76 -4.41 43.50
CA GLN I 46 -33.65 -4.71 44.92
C GLN I 46 -34.94 -5.28 45.49
N ASN I 47 -34.80 -6.45 46.11
CA ASN I 47 -35.82 -7.07 46.95
C ASN I 47 -35.35 -7.30 48.40
N GLY I 48 -35.68 -6.34 49.27
CA GLY I 48 -35.21 -6.38 50.64
C GLY I 48 -33.69 -6.42 50.76
N LYS I 49 -33.18 -7.56 51.24
CA LYS I 49 -31.73 -7.75 51.35
C LYS I 49 -31.17 -8.37 50.05
N HIS I 50 -32.03 -8.66 49.08
CA HIS I 50 -31.59 -9.29 47.84
C HIS I 50 -31.39 -8.26 46.74
N PHE I 51 -30.24 -8.33 46.07
CA PHE I 51 -29.92 -7.40 44.98
C PHE I 51 -29.56 -8.16 43.73
N LYS I 52 -30.04 -7.67 42.59
CA LYS I 52 -29.55 -8.14 41.30
C LYS I 52 -29.01 -6.97 40.50
N PHE I 53 -27.73 -7.06 40.13
CA PHE I 53 -27.05 -6.01 39.36
C PHE I 53 -26.77 -6.44 37.93
N THR I 54 -27.20 -5.61 36.98
CA THR I 54 -26.76 -5.75 35.60
C THR I 54 -26.03 -4.49 35.22
N ILE I 55 -24.70 -4.57 35.22
CA ILE I 55 -23.84 -3.38 35.16
C ILE I 55 -23.13 -3.27 33.82
N THR I 56 -23.12 -2.07 33.25
CA THR I 56 -22.34 -1.76 32.05
C THR I 56 -21.03 -1.09 32.44
N ALA I 57 -19.94 -1.84 32.36
CA ALA I 57 -18.63 -1.32 32.73
C ALA I 57 -17.72 -1.30 31.51
N GLY I 58 -17.53 -0.13 30.91
CA GLY I 58 -16.84 -0.06 29.65
C GLY I 58 -17.59 -0.87 28.61
N SER I 59 -16.91 -1.79 27.95
CA SER I 59 -17.55 -2.54 26.88
C SER I 59 -18.02 -3.90 27.38
N LYS I 60 -18.08 -4.05 28.70
CA LYS I 60 -18.48 -5.32 29.29
C LYS I 60 -19.74 -5.18 30.13
N VAL I 61 -20.62 -6.19 30.06
CA VAL I 61 -21.77 -6.25 30.93
C VAL I 61 -21.51 -7.24 32.06
N ILE I 62 -21.61 -6.75 33.30
CA ILE I 62 -21.30 -7.52 34.48
C ILE I 62 -22.58 -7.85 35.22
N GLN I 63 -22.71 -9.10 35.63
CA GLN I 63 -23.89 -9.51 36.39
C GLN I 63 -23.62 -10.06 37.78
N ASN I 64 -24.30 -9.50 38.78
CA ASN I 64 -24.11 -9.89 40.17
C ASN I 64 -25.45 -10.03 40.88
N GLU I 65 -25.66 -11.17 41.53
CA GLU I 65 -26.77 -11.35 42.45
C GLU I 65 -26.25 -11.69 43.84
N PHE I 66 -26.86 -11.12 44.87
CA PHE I 66 -26.43 -11.40 46.24
C PHE I 66 -27.48 -10.97 47.23
N THR I 67 -27.34 -11.49 48.44
CA THR I 67 -28.10 -11.02 49.58
C THR I 67 -27.10 -10.36 50.53
N VAL I 68 -27.39 -9.16 51.03
CA VAL I 68 -26.43 -8.49 51.89
C VAL I 68 -26.20 -9.31 53.16
N GLY I 69 -24.94 -9.43 53.56
CA GLY I 69 -24.59 -10.17 54.75
C GLY I 69 -24.30 -11.65 54.49
N GLU I 70 -24.68 -12.12 53.31
CA GLU I 70 -24.40 -13.52 52.95
C GLU I 70 -23.19 -13.56 52.02
N GLU I 71 -22.48 -14.68 52.05
CA GLU I 71 -21.38 -14.87 51.11
C GLU I 71 -21.92 -14.92 49.67
N CYS I 72 -21.18 -14.35 48.73
CA CYS I 72 -21.60 -14.32 47.34
C CYS I 72 -20.39 -14.31 46.43
N GLU I 73 -20.64 -14.36 45.14
CA GLU I 73 -19.56 -14.28 44.16
C GLU I 73 -19.76 -13.06 43.27
N LEU I 74 -18.77 -12.17 43.26
CA LEU I 74 -18.84 -10.98 42.42
C LEU I 74 -18.06 -11.24 41.17
N GLU I 75 -18.56 -10.74 40.05
CA GLU I 75 -17.84 -10.86 38.79
C GLU I 75 -16.92 -9.66 38.59
N THR I 76 -15.75 -9.98 38.10
CA THR I 76 -14.71 -9.00 37.90
C THR I 76 -14.64 -8.61 36.44
N MET I 77 -13.93 -7.52 36.12
CA MET I 77 -13.75 -7.10 34.72
C MET I 77 -13.15 -8.21 33.89
N THR I 78 -12.21 -8.93 34.49
CA THR I 78 -11.44 -9.96 33.80
C THR I 78 -12.20 -11.29 33.63
N GLY I 79 -13.47 -11.33 34.05
CA GLY I 79 -14.29 -12.53 33.91
C GLY I 79 -14.36 -13.42 35.15
N GLU I 80 -13.35 -13.28 36.00
CA GLU I 80 -13.17 -14.06 37.23
C GLU I 80 -14.25 -13.84 38.29
N LYS I 81 -14.57 -14.89 39.05
CA LYS I 81 -15.50 -14.77 40.19
C LYS I 81 -14.73 -14.74 41.52
N VAL I 82 -15.10 -13.83 42.42
CA VAL I 82 -14.44 -13.77 43.72
C VAL I 82 -15.43 -13.88 44.87
N LYS I 83 -15.09 -14.71 45.86
CA LYS I 83 -15.93 -14.86 47.04
C LYS I 83 -15.77 -13.63 47.91
N THR I 84 -16.89 -13.10 48.40
CA THR I 84 -16.87 -11.98 49.33
C THR I 84 -18.25 -11.76 49.93
N VAL I 85 -18.43 -10.65 50.64
CA VAL I 85 -19.72 -10.31 51.24
C VAL I 85 -19.98 -8.83 50.99
N VAL I 86 -21.23 -8.50 50.74
CA VAL I 86 -21.63 -7.13 50.56
C VAL I 86 -22.49 -6.72 51.75
N GLN I 87 -22.20 -5.56 52.33
CA GLN I 87 -22.93 -5.07 53.49
C GLN I 87 -23.70 -3.80 53.18
N LEU I 88 -24.79 -3.58 53.90
CA LEU I 88 -25.43 -2.28 53.95
C LEU I 88 -24.86 -1.45 55.09
N GLU I 89 -24.52 -0.19 54.80
CA GLU I 89 -24.12 0.76 55.84
C GLU I 89 -25.04 1.98 55.82
N GLY I 90 -25.99 2.03 56.74
CA GLY I 90 -27.07 3.00 56.60
C GLY I 90 -28.03 2.41 55.59
N ASP I 91 -28.95 3.22 55.10
CA ASP I 91 -29.96 2.72 54.19
C ASP I 91 -29.51 2.83 52.73
N ASN I 92 -28.45 3.61 52.52
CA ASN I 92 -28.13 4.06 51.17
C ASN I 92 -26.72 3.74 50.71
N LYS I 93 -26.03 2.85 51.41
CA LYS I 93 -24.64 2.57 51.10
C LYS I 93 -24.38 1.06 51.00
N LEU I 94 -23.92 0.59 49.86
CA LEU I 94 -23.45 -0.78 49.77
C LEU I 94 -21.93 -0.79 49.81
N VAL I 95 -21.35 -1.62 50.66
CA VAL I 95 -19.90 -1.62 50.85
C VAL I 95 -19.36 -3.04 50.69
N THR I 96 -18.23 -3.19 50.00
CA THR I 96 -17.62 -4.51 49.87
C THR I 96 -16.16 -4.42 49.44
N THR I 97 -15.47 -5.56 49.48
CA THR I 97 -14.06 -5.62 49.12
C THR I 97 -13.80 -6.90 48.36
N PHE I 98 -12.99 -6.80 47.32
CA PHE I 98 -12.59 -7.99 46.57
C PHE I 98 -11.32 -7.66 45.81
N LYS I 99 -10.39 -8.61 45.76
CA LYS I 99 -9.12 -8.40 45.07
C LYS I 99 -8.43 -7.08 45.43
N ASN I 100 -8.45 -6.71 46.71
CA ASN I 100 -7.85 -5.47 47.21
C ASN I 100 -8.51 -4.18 46.73
N ILE I 101 -9.74 -4.30 46.27
CA ILE I 101 -10.52 -3.15 45.85
C ILE I 101 -11.59 -2.88 46.88
N LYS I 102 -11.68 -1.64 47.33
CA LYS I 102 -12.72 -1.24 48.27
C LYS I 102 -13.79 -0.53 47.49
N SER I 103 -14.99 -1.11 47.46
CA SER I 103 -16.11 -0.49 46.77
C SER I 103 -17.09 0.12 47.75
N VAL I 104 -17.60 1.29 47.39
CA VAL I 104 -18.68 1.91 48.14
C VAL I 104 -19.66 2.48 47.14
N THR I 105 -20.88 1.98 47.19
CA THR I 105 -21.93 2.38 46.25
C THR I 105 -22.99 3.11 47.04
N GLU I 106 -23.15 4.40 46.78
CA GLU I 106 -24.04 5.20 47.59
C GLU I 106 -25.15 5.84 46.76
N LEU I 107 -26.39 5.74 47.23
CA LEU I 107 -27.52 6.39 46.56
C LEU I 107 -28.01 7.67 47.27
N ASN I 108 -28.13 8.75 46.53
CA ASN I 108 -28.70 9.98 47.08
C ASN I 108 -29.73 10.51 46.13
N GLY I 109 -30.99 10.24 46.41
CA GLY I 109 -32.06 10.63 45.53
C GLY I 109 -32.05 9.84 44.22
N ASP I 110 -31.62 10.52 43.16
CA ASP I 110 -31.55 9.88 41.84
C ASP I 110 -30.11 9.65 41.39
N ILE I 111 -29.15 10.02 42.23
CA ILE I 111 -27.74 9.92 41.90
C ILE I 111 -27.07 8.78 42.65
N ILE I 112 -26.48 7.84 41.93
CA ILE I 112 -25.63 6.84 42.55
C ILE I 112 -24.17 7.21 42.35
N THR I 113 -23.40 7.15 43.43
CA THR I 113 -21.98 7.37 43.36
C THR I 113 -21.27 6.08 43.69
N ASN I 114 -20.62 5.51 42.68
CA ASN I 114 -19.85 4.30 42.87
C ASN I 114 -18.36 4.62 42.94
N THR I 115 -17.77 4.34 44.11
CA THR I 115 -16.38 4.64 44.35
C THR I 115 -15.60 3.38 44.62
N MET I 116 -14.64 3.08 43.75
CA MET I 116 -13.78 1.90 43.92
C MET I 116 -12.32 2.28 44.09
N THR I 117 -11.72 1.82 45.18
CA THR I 117 -10.37 2.23 45.53
C THR I 117 -9.40 1.05 45.46
N LEU I 118 -8.34 1.22 44.67
CA LEU I 118 -7.33 0.20 44.49
C LEU I 118 -5.95 0.83 44.60
N GLY I 119 -5.27 0.59 45.70
CA GLY I 119 -4.02 1.30 45.95
C GLY I 119 -4.34 2.76 46.18
N ASP I 120 -3.69 3.64 45.43
CA ASP I 120 -3.99 5.07 45.53
C ASP I 120 -4.97 5.56 44.46
N ILE I 121 -5.50 4.65 43.65
CA ILE I 121 -6.39 5.02 42.56
C ILE I 121 -7.85 5.05 43.01
N VAL I 122 -8.49 6.19 42.88
CA VAL I 122 -9.89 6.30 43.22
C VAL I 122 -10.70 6.41 41.94
N PHE I 123 -11.28 5.28 41.54
CA PHE I 123 -12.16 5.15 40.41
C PHE I 123 -13.59 5.54 40.85
N LYS I 124 -14.10 6.65 40.35
CA LYS I 124 -15.40 7.14 40.79
C LYS I 124 -16.37 7.28 39.63
N ARG I 125 -17.55 6.70 39.76
CA ARG I 125 -18.57 6.78 38.72
C ARG I 125 -19.84 7.39 39.26
N ILE I 126 -20.42 8.30 38.50
CA ILE I 126 -21.65 8.96 38.91
C ILE I 126 -22.76 8.71 37.88
N SER I 127 -23.85 8.08 38.32
CA SER I 127 -24.95 7.73 37.43
C SER I 127 -26.24 8.34 37.92
N LYS I 128 -27.18 8.55 37.00
CA LYS I 128 -28.45 9.18 37.32
C LYS I 128 -29.61 8.30 36.89
N ARG I 129 -30.64 8.22 37.72
CA ARG I 129 -31.79 7.39 37.41
C ARG I 129 -32.48 7.93 36.15
N ILE I 130 -32.93 7.02 35.29
CA ILE I 130 -33.68 7.41 34.09
C ILE I 130 -35.15 6.97 34.11
N MET J 4 13.23 28.80 0.45
CA MET J 4 12.57 28.97 1.74
C MET J 4 13.47 28.63 2.94
N SER J 5 13.23 29.32 4.06
CA SER J 5 13.95 29.06 5.31
C SER J 5 13.02 28.55 6.39
N PHE J 6 13.46 27.49 7.08
CA PHE J 6 12.74 26.89 8.20
C PHE J 6 12.99 27.66 9.48
N SER J 7 14.03 28.49 9.48
CA SER J 7 14.48 29.19 10.69
C SER J 7 13.32 29.83 11.44
N GLY J 8 13.25 29.58 12.75
CA GLY J 8 12.30 30.27 13.59
C GLY J 8 12.03 29.59 14.91
N LYS J 9 11.17 30.21 15.71
CA LYS J 9 10.72 29.60 16.95
C LYS J 9 9.25 29.27 16.78
N TYR J 10 8.88 28.04 17.11
CA TYR J 10 7.53 27.55 16.85
C TYR J 10 6.86 27.03 18.09
N GLN J 11 5.63 27.47 18.35
CA GLN J 11 4.88 26.95 19.49
C GLN J 11 3.84 25.95 19.04
N LEU J 12 3.85 24.79 19.68
CA LEU J 12 2.85 23.77 19.40
C LEU J 12 1.42 24.29 19.55
N GLN J 13 0.62 24.11 18.50
CA GLN J 13 -0.78 24.52 18.53
C GLN J 13 -1.67 23.34 18.91
N SER J 14 -1.43 22.19 18.28
CA SER J 14 -2.21 21.01 18.58
C SER J 14 -1.45 19.78 18.15
N GLN J 15 -1.82 18.63 18.70
CA GLN J 15 -1.24 17.37 18.27
C GLN J 15 -2.21 16.22 18.36
N GLU J 16 -2.06 15.24 17.47
CA GLU J 16 -2.90 14.05 17.49
C GLU J 16 -2.04 12.85 17.83
N ASN J 17 -2.57 11.97 18.67
CA ASN J 17 -1.95 10.67 18.95
C ASN J 17 -0.64 10.69 19.73
N PHE J 18 -0.44 11.73 20.53
CA PHE J 18 0.72 11.78 21.40
C PHE J 18 0.83 10.53 22.28
N GLU J 19 -0.28 10.13 22.89
CA GLU J 19 -0.25 9.06 23.88
C GLU J 19 -0.02 7.73 23.21
N ALA J 20 -0.72 7.49 22.11
CA ALA J 20 -0.60 6.23 21.37
C ALA J 20 0.82 6.05 20.84
N PHE J 21 1.38 7.13 20.28
CA PHE J 21 2.77 7.13 19.79
C PHE J 21 3.78 6.89 20.91
N MET J 22 3.66 7.64 22.01
CA MET J 22 4.55 7.49 23.15
C MET J 22 4.47 6.08 23.77
N LYS J 23 3.28 5.48 23.72
CA LYS J 23 3.09 4.14 24.29
C LYS J 23 3.77 3.10 23.40
N ALA J 24 3.69 3.34 22.10
CA ALA J 24 4.26 2.43 21.10
C ALA J 24 5.79 2.39 21.09
N ILE J 25 6.42 3.43 21.62
CA ILE J 25 7.88 3.51 21.62
C ILE J 25 8.43 3.21 23.01
N GLY J 26 7.54 2.85 23.92
CA GLY J 26 7.90 2.37 25.23
C GLY J 26 8.17 3.43 26.30
N LEU J 27 7.56 4.59 26.17
CA LEU J 27 7.68 5.60 27.18
C LEU J 27 6.83 5.25 28.40
N PRO J 28 7.45 5.41 29.58
CA PRO J 28 6.82 5.16 30.88
C PRO J 28 5.56 6.00 30.96
N GLU J 29 4.47 5.43 31.50
CA GLU J 29 3.19 6.12 31.58
C GLU J 29 3.32 7.43 32.34
N GLU J 30 4.19 7.42 33.34
CA GLU J 30 4.53 8.59 34.14
C GLU J 30 4.86 9.79 33.24
N LEU J 31 5.82 9.58 32.33
CA LEU J 31 6.25 10.61 31.36
C LEU J 31 5.20 10.96 30.29
N ILE J 32 4.28 10.03 30.01
CA ILE J 32 3.26 10.31 29.01
C ILE J 32 2.20 11.25 29.54
N GLN J 33 1.76 11.02 30.78
CA GLN J 33 0.70 11.85 31.35
C GLN J 33 1.23 13.25 31.69
N LYS J 34 2.48 13.30 32.12
CA LYS J 34 3.09 14.57 32.44
C LYS J 34 3.26 15.44 31.20
N GLY J 35 3.61 14.81 30.09
CA GLY J 35 3.98 15.51 28.87
C GLY J 35 2.88 15.77 27.84
N LYS J 36 1.81 14.98 27.88
CA LYS J 36 0.79 15.00 26.83
C LYS J 36 0.12 16.36 26.59
N ASP J 37 0.17 17.26 27.57
CA ASP J 37 -0.53 18.52 27.45
C ASP J 37 0.41 19.72 27.37
N ILE J 38 1.72 19.46 27.44
CA ILE J 38 2.69 20.52 27.26
C ILE J 38 2.65 21.10 25.84
N LYS J 39 2.59 22.42 25.75
CA LYS J 39 2.64 23.12 24.46
C LYS J 39 3.81 24.07 24.45
N GLY J 40 4.99 23.51 24.19
CA GLY J 40 6.22 24.27 24.32
C GLY J 40 6.67 24.90 23.03
N VAL J 41 7.91 25.35 23.03
CA VAL J 41 8.49 26.01 21.87
C VAL J 41 9.67 25.23 21.30
N SER J 42 9.61 24.98 20.00
CA SER J 42 10.71 24.33 19.29
C SER J 42 11.42 25.36 18.45
N GLU J 43 12.75 25.28 18.40
CA GLU J 43 13.53 26.22 17.58
C GLU J 43 14.28 25.52 16.45
N ILE J 44 14.25 26.15 15.29
CA ILE J 44 15.04 25.68 14.16
C ILE J 44 15.96 26.80 13.71
N VAL J 45 17.25 26.49 13.64
CA VAL J 45 18.21 27.37 12.99
C VAL J 45 18.68 26.73 11.70
N GLN J 46 18.35 27.35 10.58
CA GLN J 46 18.80 26.84 9.30
C GLN J 46 19.85 27.70 8.64
N ASN J 47 20.97 27.06 8.26
CA ASN J 47 22.02 27.70 7.49
C ASN J 47 22.29 26.94 6.20
N GLY J 48 21.51 27.24 5.15
CA GLY J 48 21.63 26.51 3.90
C GLY J 48 21.23 25.05 4.06
N LYS J 49 22.16 24.13 3.85
CA LYS J 49 21.83 22.71 4.05
C LYS J 49 22.04 22.25 5.49
N HIS J 50 22.54 23.14 6.35
CA HIS J 50 22.77 22.81 7.76
C HIS J 50 21.60 23.23 8.68
N PHE J 51 21.18 22.32 9.57
CA PHE J 51 20.04 22.56 10.47
C PHE J 51 20.43 22.29 11.92
N LYS J 52 19.97 23.14 12.83
CA LYS J 52 20.06 22.86 14.25
C LYS J 52 18.67 22.89 14.86
N PHE J 53 18.27 21.81 15.51
CA PHE J 53 16.95 21.70 16.11
C PHE J 53 17.01 21.64 17.61
N THR J 54 16.22 22.49 18.26
CA THR J 54 16.04 22.37 19.70
C THR J 54 14.55 22.19 19.95
N ILE J 55 14.16 20.94 20.18
CA ILE J 55 12.76 20.54 20.14
C ILE J 55 12.21 20.23 21.52
N THR J 56 11.02 20.75 21.82
CA THR J 56 10.32 20.39 23.04
C THR J 56 9.30 19.29 22.76
N ALA J 57 9.61 18.08 23.19
CA ALA J 57 8.72 16.95 22.96
C ALA J 57 8.23 16.40 24.28
N GLY J 58 7.00 16.73 24.63
CA GLY J 58 6.48 16.41 25.95
C GLY J 58 7.35 17.09 26.98
N SER J 59 7.85 16.34 27.94
CA SER J 59 8.61 16.94 29.02
C SER J 59 10.11 16.85 28.75
N LYS J 60 10.49 16.57 27.50
CA LYS J 60 11.89 16.39 27.14
C LYS J 60 12.33 17.38 26.08
N VAL J 61 13.56 17.85 26.20
CA VAL J 61 14.15 18.69 25.17
C VAL J 61 15.12 17.88 24.34
N ILE J 62 14.89 17.87 23.04
CA ILE J 62 15.63 17.04 22.13
C ILE J 62 16.47 17.93 21.25
N GLN J 63 17.74 17.57 21.09
CA GLN J 63 18.65 18.36 20.26
C GLN J 63 19.26 17.60 19.09
N ASN J 64 19.10 18.15 17.88
CA ASN J 64 19.60 17.55 16.65
C ASN J 64 20.32 18.57 15.78
N GLU J 65 21.53 18.25 15.35
CA GLU J 65 22.22 19.02 14.31
C GLU J 65 22.57 18.12 13.14
N PHE J 66 22.38 18.61 11.93
CA PHE J 66 22.68 17.82 10.75
C PHE J 66 22.78 18.68 9.52
N THR J 67 23.38 18.10 8.48
CA THR J 67 23.37 18.67 7.14
C THR J 67 22.55 17.70 6.30
N VAL J 68 21.60 18.21 5.52
CA VAL J 68 20.77 17.32 4.70
C VAL J 68 21.62 16.57 3.69
N GLY J 69 21.38 15.27 3.56
CA GLY J 69 22.12 14.44 2.63
C GLY J 69 23.31 13.75 3.27
N GLU J 70 23.74 14.25 4.43
CA GLU J 70 24.88 13.66 5.13
C GLU J 70 24.39 12.76 6.24
N GLU J 71 25.19 11.77 6.60
CA GLU J 71 24.82 10.90 7.71
C GLU J 71 24.85 11.71 8.98
N CYS J 72 23.91 11.44 9.89
CA CYS J 72 23.83 12.17 11.15
C CYS J 72 23.28 11.29 12.24
N GLU J 73 23.24 11.80 13.45
CA GLU J 73 22.65 11.07 14.57
C GLU J 73 21.47 11.83 15.13
N LEU J 74 20.32 11.19 15.13
CA LEU J 74 19.10 11.80 15.66
C LEU J 74 18.90 11.30 17.07
N GLU J 75 18.45 12.19 17.94
CA GLU J 75 18.14 11.80 19.31
C GLU J 75 16.70 11.37 19.40
N THR J 76 16.49 10.29 20.13
CA THR J 76 15.19 9.70 20.32
C THR J 76 14.58 10.10 21.67
N MET J 77 13.29 9.87 21.86
CA MET J 77 12.63 10.18 23.14
C MET J 77 13.33 9.49 24.30
N THR J 78 13.77 8.26 24.04
CA THR J 78 14.36 7.40 25.06
C THR J 78 15.83 7.73 25.36
N GLY J 79 16.36 8.79 24.74
CA GLY J 79 17.74 9.22 24.97
C GLY J 79 18.76 8.70 23.95
N GLU J 80 18.40 7.61 23.27
CA GLU J 80 19.25 6.90 22.32
C GLU J 80 19.56 7.71 21.04
N LYS J 81 20.75 7.50 20.48
CA LYS J 81 21.13 8.14 19.21
C LYS J 81 21.03 7.14 18.06
N VAL J 82 20.43 7.54 16.93
CA VAL J 82 20.33 6.61 15.80
C VAL J 82 20.94 7.21 14.54
N LYS J 83 21.76 6.43 13.83
CA LYS J 83 22.35 6.87 12.57
C LYS J 83 21.26 6.88 11.51
N THR J 84 21.23 7.94 10.71
CA THR J 84 20.31 8.06 9.58
C THR J 84 20.68 9.26 8.71
N VAL J 85 19.81 9.60 7.77
CA VAL J 85 20.04 10.75 6.90
C VAL J 85 18.73 11.51 6.76
N VAL J 86 18.81 12.83 6.70
CA VAL J 86 17.64 13.67 6.52
C VAL J 86 17.71 14.31 5.15
N GLN J 87 16.62 14.24 4.39
CA GLN J 87 16.61 14.79 3.04
C GLN J 87 15.66 15.97 2.92
N LEU J 88 15.95 16.86 1.98
CA LEU J 88 14.97 17.85 1.55
C LEU J 88 14.15 17.30 0.39
N GLU J 89 12.83 17.45 0.46
CA GLU J 89 11.96 17.13 -0.67
C GLU J 89 11.17 18.36 -1.06
N GLY J 90 11.60 19.03 -2.13
CA GLY J 90 11.07 20.35 -2.41
C GLY J 90 11.79 21.28 -1.45
N ASP J 91 11.28 22.51 -1.30
CA ASP J 91 11.97 23.51 -0.49
C ASP J 91 11.50 23.49 0.95
N ASN J 92 10.39 22.81 1.18
CA ASN J 92 9.65 22.97 2.43
C ASN J 92 9.39 21.67 3.20
N LYS J 93 10.09 20.59 2.85
CA LYS J 93 9.80 19.29 3.42
C LYS J 93 11.10 18.58 3.86
N LEU J 94 11.23 18.30 5.15
CA LEU J 94 12.32 17.47 5.63
C LEU J 94 11.79 16.07 5.87
N VAL J 95 12.48 15.07 5.34
CA VAL J 95 12.02 13.70 5.41
C VAL J 95 13.11 12.79 5.92
N THR J 96 12.77 11.87 6.81
CA THR J 96 13.74 10.94 7.35
C THR J 96 13.07 9.72 8.02
N THR J 97 13.88 8.71 8.33
CA THR J 97 13.41 7.50 8.93
C THR J 97 14.40 7.05 9.98
N PHE J 98 13.89 6.56 11.10
CA PHE J 98 14.72 6.01 12.15
C PHE J 98 13.88 5.13 13.02
N LYS J 99 14.41 3.99 13.43
CA LYS J 99 13.69 3.06 14.29
C LYS J 99 12.28 2.76 13.80
N ASN J 100 12.13 2.58 12.48
CA ASN J 100 10.82 2.28 11.86
C ASN J 100 9.81 3.41 11.93
N ILE J 101 10.28 4.61 12.26
CA ILE J 101 9.43 5.80 12.30
C ILE J 101 9.69 6.68 11.10
N LYS J 102 8.65 7.04 10.39
CA LYS J 102 8.80 7.81 9.18
C LYS J 102 8.36 9.22 9.49
N SER J 103 9.31 10.14 9.45
CA SER J 103 9.03 11.52 9.83
C SER J 103 8.97 12.36 8.56
N VAL J 104 8.03 13.29 8.53
CA VAL J 104 7.93 14.31 7.48
C VAL J 104 7.62 15.65 8.13
N THR J 105 8.51 16.61 7.97
CA THR J 105 8.36 17.91 8.59
C THR J 105 8.15 18.92 7.51
N GLU J 106 6.99 19.55 7.47
CA GLU J 106 6.68 20.42 6.35
C GLU J 106 6.33 21.83 6.81
N LEU J 107 6.89 22.83 6.15
CA LEU J 107 6.61 24.22 6.48
C LEU J 107 5.74 24.89 5.44
N ASN J 108 4.66 25.51 5.89
CA ASN J 108 3.79 26.29 5.02
C ASN J 108 3.52 27.64 5.61
N GLY J 109 4.27 28.65 5.17
CA GLY J 109 4.13 29.99 5.73
C GLY J 109 4.67 30.00 7.14
N ASP J 110 3.75 30.06 8.10
CA ASP J 110 4.13 30.13 9.52
C ASP J 110 3.79 28.84 10.27
N ILE J 111 3.20 27.88 9.56
CA ILE J 111 2.77 26.63 10.15
C ILE J 111 3.70 25.47 9.79
N ILE J 112 4.28 24.82 10.78
CA ILE J 112 5.00 23.58 10.55
C ILE J 112 4.12 22.39 10.91
N THR J 113 4.09 21.40 10.03
CA THR J 113 3.35 20.19 10.30
C THR J 113 4.33 19.05 10.39
N ASN J 114 4.50 18.51 11.59
CA ASN J 114 5.38 17.39 11.80
C ASN J 114 4.57 16.10 11.92
N THR J 115 4.78 15.20 10.97
CA THR J 115 4.06 13.95 10.92
C THR J 115 5.00 12.77 11.08
N MET J 116 4.81 12.00 12.14
CA MET J 116 5.62 10.82 12.36
C MET J 116 4.76 9.58 12.37
N THR J 117 5.13 8.61 11.54
CA THR J 117 4.34 7.39 11.37
C THR J 117 5.08 6.15 11.86
N LEU J 118 4.45 5.42 12.78
CA LEU J 118 5.02 4.22 13.37
C LEU J 118 3.97 3.14 13.37
N GLY J 119 4.12 2.14 12.50
CA GLY J 119 3.07 1.17 12.29
C GLY J 119 1.87 1.90 11.72
N ASP J 120 0.74 1.79 12.40
CA ASP J 120 -0.48 2.44 11.92
C ASP J 120 -0.74 3.76 12.63
N ILE J 121 0.15 4.13 13.54
CA ILE J 121 -0.06 5.32 14.36
C ILE J 121 0.49 6.56 13.68
N VAL J 122 -0.36 7.54 13.44
CA VAL J 122 0.09 8.78 12.82
C VAL J 122 0.11 9.89 13.86
N PHE J 123 1.32 10.18 14.32
CA PHE J 123 1.57 11.20 15.32
C PHE J 123 1.78 12.51 14.60
N LYS J 124 0.85 13.43 14.74
CA LYS J 124 0.90 14.68 13.98
C LYS J 124 0.94 15.90 14.91
N ARG J 125 1.93 16.75 14.72
CA ARG J 125 2.05 17.97 15.50
C ARG J 125 2.00 19.20 14.61
N ILE J 126 1.23 20.20 15.01
CA ILE J 126 1.11 21.45 14.29
C ILE J 126 1.58 22.64 15.15
N SER J 127 2.60 23.34 14.66
CA SER J 127 3.20 24.45 15.39
C SER J 127 3.15 25.72 14.57
N LYS J 128 3.16 26.86 15.26
CA LYS J 128 3.06 28.15 14.58
C LYS J 128 4.25 29.03 14.96
N ARG J 129 4.77 29.78 13.99
CA ARG J 129 5.90 30.64 14.26
C ARG J 129 5.47 31.73 15.23
N ILE J 130 6.34 32.08 16.18
CA ILE J 130 6.07 33.18 17.12
C ILE J 130 7.00 34.37 16.93
N MET K 4 12.03 -28.20 28.90
CA MET K 4 11.43 -27.90 27.60
C MET K 4 12.45 -27.32 26.63
N SER K 5 12.39 -27.72 25.36
CA SER K 5 13.33 -27.24 24.36
C SER K 5 12.64 -26.63 23.15
N PHE K 6 13.16 -25.49 22.69
CA PHE K 6 12.66 -24.88 21.46
C PHE K 6 13.25 -25.56 20.23
N SER K 7 14.30 -26.35 20.41
CA SER K 7 14.99 -26.99 19.30
C SER K 7 14.03 -27.65 18.33
N GLY K 8 14.21 -27.39 17.04
CA GLY K 8 13.44 -28.06 16.01
C GLY K 8 13.43 -27.36 14.66
N LYS K 9 12.79 -28.00 13.70
CA LYS K 9 12.55 -27.38 12.41
C LYS K 9 11.06 -27.10 12.27
N TYR K 10 10.70 -25.86 11.98
CA TYR K 10 9.30 -25.43 11.97
C TYR K 10 8.85 -24.89 10.61
N GLN K 11 7.74 -25.39 10.10
CA GLN K 11 7.21 -24.88 8.85
C GLN K 11 6.05 -23.94 9.11
N LEU K 12 6.09 -22.79 8.47
CA LEU K 12 5.03 -21.79 8.62
C LEU K 12 3.68 -22.37 8.17
N GLN K 13 2.68 -22.26 9.04
CA GLN K 13 1.34 -22.75 8.73
C GLN K 13 0.47 -21.62 8.24
N SER K 14 0.50 -20.49 8.94
CA SER K 14 -0.27 -19.33 8.56
C SER K 14 0.30 -18.07 9.18
N GLN K 15 -0.01 -16.92 8.59
CA GLN K 15 0.43 -15.65 9.14
C GLN K 15 -0.59 -14.54 8.87
N GLU K 16 -0.68 -13.60 9.81
CA GLU K 16 -1.54 -12.43 9.65
C GLU K 16 -0.70 -11.17 9.56
N ASN K 17 -1.08 -10.29 8.65
CA ASN K 17 -0.49 -8.95 8.53
C ASN K 17 0.96 -8.87 8.02
N PHE K 18 1.38 -9.86 7.24
CA PHE K 18 2.69 -9.84 6.62
C PHE K 18 2.91 -8.56 5.83
N GLU K 19 1.93 -8.19 5.02
CA GLU K 19 2.10 -7.07 4.10
C GLU K 19 2.12 -5.73 4.83
N ALA K 20 1.20 -5.59 5.78
CA ALA K 20 1.11 -4.37 6.57
C ALA K 20 2.38 -4.15 7.37
N PHE K 21 2.89 -5.23 7.95
CA PHE K 21 4.12 -5.18 8.72
C PHE K 21 5.32 -4.84 7.83
N MET K 22 5.46 -5.54 6.73
CA MET K 22 6.59 -5.33 5.84
C MET K 22 6.59 -3.93 5.24
N LYS K 23 5.41 -3.39 5.02
CA LYS K 23 5.31 -2.04 4.47
C LYS K 23 5.72 -1.03 5.54
N ALA K 24 5.32 -1.30 6.77
CA ALA K 24 5.61 -0.39 7.88
C ALA K 24 7.10 -0.27 8.20
N ILE K 25 7.86 -1.27 7.80
CA ILE K 25 9.27 -1.27 8.10
C ILE K 25 10.09 -0.89 6.88
N GLY K 26 9.39 -0.54 5.81
CA GLY K 26 10.03 0.03 4.64
C GLY K 26 10.54 -0.96 3.60
N LEU K 27 9.96 -2.15 3.55
CA LEU K 27 10.32 -3.11 2.52
C LEU K 27 9.71 -2.73 1.19
N PRO K 28 10.54 -2.77 0.13
CA PRO K 28 10.10 -2.49 -1.25
C PRO K 28 8.96 -3.42 -1.60
N GLU K 29 7.89 -2.89 -2.19
CA GLU K 29 6.74 -3.71 -2.57
C GLU K 29 7.15 -4.94 -3.36
N GLU K 30 8.12 -4.77 -4.26
CA GLU K 30 8.64 -5.89 -5.02
C GLU K 30 8.91 -7.10 -4.12
N LEU K 31 9.61 -6.89 -3.01
CA LEU K 31 9.94 -7.99 -2.10
C LEU K 31 8.75 -8.47 -1.27
N ILE K 32 7.80 -7.58 -1.01
CA ILE K 32 6.62 -7.95 -0.24
C ILE K 32 5.73 -8.93 -1.01
N GLN K 33 5.49 -8.67 -2.29
CA GLN K 33 4.62 -9.53 -3.09
C GLN K 33 5.27 -10.88 -3.37
N LYS K 34 6.58 -10.86 -3.59
CA LYS K 34 7.32 -12.09 -3.83
C LYS K 34 7.30 -12.99 -2.60
N GLY K 35 7.37 -12.38 -1.42
CA GLY K 35 7.54 -13.13 -0.19
C GLY K 35 6.29 -13.45 0.63
N LYS K 36 5.22 -12.70 0.42
CA LYS K 36 3.99 -12.83 1.22
C LYS K 36 3.37 -14.23 1.29
N ASP K 37 3.64 -15.07 0.29
CA ASP K 37 3.02 -16.38 0.24
C ASP K 37 3.98 -17.54 0.48
N ILE K 38 5.27 -17.23 0.62
CA ILE K 38 6.26 -18.25 0.98
C ILE K 38 5.96 -18.88 2.35
N LYS K 39 5.93 -20.21 2.40
CA LYS K 39 5.78 -20.94 3.65
C LYS K 39 6.98 -21.85 3.86
N GLY K 40 8.07 -21.27 4.37
CA GLY K 40 9.31 -21.98 4.45
C GLY K 40 9.55 -22.60 5.81
N VAL K 41 10.80 -22.99 6.04
CA VAL K 41 11.18 -23.67 7.27
C VAL K 41 12.19 -22.87 8.08
N SER K 42 11.86 -22.62 9.34
CA SER K 42 12.74 -21.96 10.28
C SER K 42 13.33 -22.99 11.25
N GLU K 43 14.63 -22.85 11.55
CA GLU K 43 15.27 -23.79 12.47
C GLU K 43 15.73 -23.12 13.77
N ILE K 44 15.43 -23.76 14.88
CA ILE K 44 15.99 -23.34 16.15
C ILE K 44 16.90 -24.43 16.73
N VAL K 45 18.12 -24.05 17.07
CA VAL K 45 18.98 -24.91 17.86
C VAL K 45 19.17 -24.28 19.24
N GLN K 46 18.60 -24.93 20.26
CA GLN K 46 18.75 -24.46 21.62
C GLN K 46 19.70 -25.33 22.43
N ASN K 47 20.74 -24.71 22.95
CA ASN K 47 21.68 -25.42 23.78
C ASN K 47 21.78 -24.64 25.08
N GLY K 48 20.97 -25.08 26.05
CA GLY K 48 20.90 -24.43 27.34
C GLY K 48 20.32 -23.04 27.19
N LYS K 49 21.11 -22.03 27.54
CA LYS K 49 20.66 -20.65 27.44
C LYS K 49 20.96 -20.08 26.05
N HIS K 50 21.58 -20.89 25.19
CA HIS K 50 22.04 -20.37 23.91
C HIS K 50 21.13 -20.79 22.78
N PHE K 51 20.84 -19.84 21.91
CA PHE K 51 19.95 -20.10 20.82
C PHE K 51 20.62 -19.75 19.50
N LYS K 52 20.43 -20.60 18.50
CA LYS K 52 20.78 -20.25 17.12
C LYS K 52 19.55 -20.34 16.24
N PHE K 53 19.21 -19.23 15.62
CA PHE K 53 18.04 -19.16 14.73
C PHE K 53 18.43 -19.03 13.28
N THR K 54 17.88 -19.90 12.43
CA THR K 54 17.96 -19.72 10.98
C THR K 54 16.52 -19.59 10.48
N ILE K 55 16.11 -18.36 10.26
CA ILE K 55 14.70 -18.05 10.02
C ILE K 55 14.40 -17.73 8.55
N THR K 56 13.30 -18.26 8.04
CA THR K 56 12.84 -17.92 6.69
C THR K 56 11.74 -16.88 6.76
N ALA K 57 12.08 -15.65 6.42
CA ALA K 57 11.11 -14.55 6.53
C ALA K 57 10.87 -13.98 5.15
N GLY K 58 9.74 -14.35 4.56
CA GLY K 58 9.49 -14.00 3.17
C GLY K 58 10.55 -14.65 2.29
N SER K 59 11.22 -13.83 1.48
CA SER K 59 12.22 -14.35 0.57
C SER K 59 13.62 -14.16 1.12
N LYS K 60 13.72 -13.90 2.43
CA LYS K 60 15.00 -13.67 3.10
C LYS K 60 15.28 -14.67 4.20
N VAL K 61 16.54 -15.14 4.27
CA VAL K 61 16.97 -15.97 5.38
C VAL K 61 17.69 -15.11 6.42
N ILE K 62 17.16 -15.12 7.63
CA ILE K 62 17.69 -14.35 8.74
C ILE K 62 18.41 -15.24 9.74
N GLN K 63 19.60 -14.81 10.16
CA GLN K 63 20.37 -15.59 11.12
C GLN K 63 20.66 -14.86 12.43
N ASN K 64 20.28 -15.48 13.56
CA ASN K 64 20.49 -14.91 14.88
C ASN K 64 21.06 -15.93 15.86
N GLU K 65 22.17 -15.57 16.51
CA GLU K 65 22.69 -16.33 17.64
C GLU K 65 22.69 -15.44 18.87
N PHE K 66 22.31 -15.99 20.01
CA PHE K 66 22.35 -15.23 21.25
C PHE K 66 22.24 -16.15 22.46
N THR K 67 22.64 -15.61 23.61
CA THR K 67 22.41 -16.24 24.91
C THR K 67 21.39 -15.36 25.63
N VAL K 68 20.34 -15.95 26.19
CA VAL K 68 19.32 -15.13 26.82
C VAL K 68 19.89 -14.35 28.00
N GLY K 69 19.53 -13.09 28.11
CA GLY K 69 20.00 -12.22 29.18
C GLY K 69 21.28 -11.49 28.84
N GLU K 70 21.99 -11.94 27.81
CA GLU K 70 23.20 -11.25 27.34
C GLU K 70 22.88 -10.32 26.18
N GLU K 71 23.66 -9.26 26.03
CA GLU K 71 23.50 -8.38 24.88
C GLU K 71 23.83 -9.14 23.60
N CYS K 72 23.07 -8.88 22.55
CA CYS K 72 23.28 -9.55 21.28
C CYS K 72 22.92 -8.64 20.12
N GLU K 73 23.17 -9.10 18.90
CA GLU K 73 22.76 -8.36 17.72
C GLU K 73 21.76 -9.17 16.92
N LEU K 74 20.57 -8.62 16.75
CA LEU K 74 19.54 -9.23 15.94
C LEU K 74 19.58 -8.69 14.52
N GLU K 75 19.36 -9.56 13.54
CA GLU K 75 19.33 -9.11 12.16
C GLU K 75 17.90 -8.75 11.78
N THR K 76 17.79 -7.68 11.02
CA THR K 76 16.52 -7.15 10.65
C THR K 76 16.22 -7.51 9.19
N MET K 77 14.98 -7.32 8.75
CA MET K 77 14.61 -7.63 7.35
C MET K 77 15.50 -6.85 6.39
N THR K 78 15.82 -5.63 6.78
CA THR K 78 16.54 -4.69 5.94
C THR K 78 18.06 -4.96 5.89
N GLY K 79 18.52 -6.03 6.53
CA GLY K 79 19.93 -6.36 6.62
C GLY K 79 20.69 -5.81 7.84
N GLU K 80 20.13 -4.79 8.46
CA GLU K 80 20.73 -4.05 9.59
C GLU K 80 20.84 -4.88 10.89
N LYS K 81 21.87 -4.61 11.69
CA LYS K 81 22.03 -5.29 12.97
C LYS K 81 21.64 -4.34 14.10
N VAL K 82 20.86 -4.81 15.07
CA VAL K 82 20.47 -3.97 16.20
C VAL K 82 20.84 -4.59 17.54
N LYS K 83 21.42 -3.78 18.42
CA LYS K 83 21.80 -4.25 19.75
C LYS K 83 20.54 -4.38 20.60
N THR K 84 20.41 -5.52 21.28
CA THR K 84 19.32 -5.71 22.22
C THR K 84 19.59 -6.91 23.11
N VAL K 85 18.57 -7.33 23.87
CA VAL K 85 18.66 -8.49 24.74
C VAL K 85 17.39 -9.32 24.59
N VAL K 86 17.53 -10.64 24.61
CA VAL K 86 16.39 -11.53 24.51
C VAL K 86 16.23 -12.22 25.85
N GLN K 87 15.01 -12.22 26.39
CA GLN K 87 14.75 -12.83 27.68
C GLN K 87 13.89 -14.07 27.57
N LEU K 88 14.04 -14.99 28.51
CA LEU K 88 13.05 -16.04 28.71
C LEU K 88 11.98 -15.59 29.72
N GLU K 89 10.71 -15.82 29.39
CA GLU K 89 9.62 -15.55 30.32
C GLU K 89 8.84 -16.84 30.52
N GLY K 90 9.11 -17.53 31.61
CA GLY K 90 8.60 -18.88 31.74
C GLY K 90 9.53 -19.74 30.91
N ASP K 91 9.14 -20.98 30.66
CA ASP K 91 10.01 -21.91 29.96
C ASP K 91 9.83 -21.85 28.45
N ASN K 92 8.74 -21.21 28.01
CA ASN K 92 8.27 -21.38 26.64
C ASN K 92 8.09 -20.06 25.86
N LYS K 93 8.66 -18.97 26.37
CA LYS K 93 8.42 -17.65 25.78
C LYS K 93 9.73 -16.89 25.65
N LEU K 94 10.10 -16.54 24.41
CA LEU K 94 11.21 -15.64 24.20
C LEU K 94 10.66 -14.26 23.91
N VAL K 95 11.17 -13.26 24.64
CA VAL K 95 10.66 -11.89 24.51
C VAL K 95 11.81 -10.91 24.25
N THR K 96 11.58 -9.94 23.35
CA THR K 96 12.58 -8.94 23.03
C THR K 96 12.01 -7.72 22.33
N THR K 97 12.83 -6.69 22.19
CA THR K 97 12.41 -5.46 21.54
C THR K 97 13.56 -4.94 20.71
N PHE K 98 13.24 -4.44 19.52
CA PHE K 98 14.22 -3.81 18.65
C PHE K 98 13.53 -2.93 17.62
N LYS K 99 14.08 -1.75 17.36
CA LYS K 99 13.50 -0.80 16.43
C LYS K 99 11.99 -0.57 16.65
N ASN K 100 11.58 -0.45 17.92
CA ASN K 100 10.18 -0.26 18.28
C ASN K 100 9.26 -1.43 17.96
N ILE K 101 9.84 -2.58 17.70
CA ILE K 101 9.07 -3.80 17.51
C ILE K 101 9.13 -4.65 18.76
N LYS K 102 7.95 -5.05 19.23
CA LYS K 102 7.88 -5.90 20.41
C LYS K 102 7.62 -7.32 19.94
N SER K 103 8.49 -8.22 20.37
CA SER K 103 8.50 -9.57 19.85
C SER K 103 8.24 -10.59 20.96
N VAL K 104 7.30 -11.48 20.73
CA VAL K 104 7.06 -12.60 21.64
C VAL K 104 6.97 -13.90 20.87
N THR K 105 7.89 -14.81 21.17
CA THR K 105 7.95 -16.11 20.49
C THR K 105 7.60 -17.16 21.50
N GLU K 106 6.46 -17.82 21.33
CA GLU K 106 5.97 -18.77 22.32
C GLU K 106 5.80 -20.19 21.76
N LEU K 107 6.29 -21.19 22.50
CA LEU K 107 6.18 -22.58 22.08
C LEU K 107 5.13 -23.32 22.91
N ASN K 108 4.20 -24.00 22.24
CA ASN K 108 3.20 -24.85 22.88
C ASN K 108 3.14 -26.18 22.18
N GLY K 109 3.87 -27.15 22.71
CA GLY K 109 3.93 -28.46 22.11
C GLY K 109 4.71 -28.41 20.82
N ASP K 110 4.02 -28.50 19.69
CA ASP K 110 4.66 -28.49 18.39
C ASP K 110 4.42 -27.19 17.62
N ILE K 111 3.68 -26.28 18.22
CA ILE K 111 3.30 -25.04 17.58
C ILE K 111 4.05 -23.84 18.15
N ILE K 112 4.80 -23.14 17.30
CA ILE K 112 5.37 -21.87 17.72
C ILE K 112 4.48 -20.71 17.23
N THR K 113 4.22 -19.77 18.12
CA THR K 113 3.49 -18.58 17.77
C THR K 113 4.41 -17.37 17.91
N ASN K 114 4.80 -16.79 16.79
CA ASN K 114 5.65 -15.62 16.79
C ASN K 114 4.84 -14.35 16.54
N THR K 115 4.79 -13.48 17.55
CA THR K 115 3.98 -12.28 17.47
C THR K 115 4.86 -11.06 17.53
N MET K 116 4.81 -10.23 16.50
CA MET K 116 5.63 -9.02 16.47
C MET K 116 4.74 -7.82 16.32
N THR K 117 4.88 -6.87 17.24
CA THR K 117 4.00 -5.70 17.29
C THR K 117 4.75 -4.40 17.00
N LEU K 118 4.28 -3.67 16.00
CA LEU K 118 4.90 -2.42 15.59
C LEU K 118 3.82 -1.38 15.37
N GLY K 119 3.73 -0.42 16.29
CA GLY K 119 2.62 0.51 16.27
C GLY K 119 1.38 -0.30 16.58
N ASP K 120 0.36 -0.19 15.75
CA ASP K 120 -0.84 -0.94 16.06
C ASP K 120 -0.96 -2.20 15.19
N ILE K 121 0.14 -2.56 14.52
CA ILE K 121 0.17 -3.69 13.61
C ILE K 121 0.64 -4.94 14.33
N VAL K 122 -0.19 -5.97 14.34
CA VAL K 122 0.19 -7.21 14.98
C VAL K 122 0.48 -8.26 13.93
N PHE K 123 1.77 -8.46 13.69
CA PHE K 123 2.25 -9.45 12.75
C PHE K 123 2.38 -10.78 13.49
N LYS K 124 1.56 -11.75 13.13
CA LYS K 124 1.53 -13.03 13.85
C LYS K 124 1.79 -14.21 12.92
N ARG K 125 2.74 -15.07 13.29
CA ARG K 125 3.14 -16.21 12.47
C ARG K 125 2.99 -17.47 13.28
N ILE K 126 2.42 -18.50 12.66
CA ILE K 126 2.19 -19.76 13.35
C ILE K 126 2.86 -20.90 12.61
N SER K 127 3.82 -21.56 13.27
CA SER K 127 4.61 -22.62 12.64
C SER K 127 4.48 -23.92 13.40
N LYS K 128 4.69 -25.03 12.71
CA LYS K 128 4.51 -26.35 13.30
C LYS K 128 5.78 -27.16 13.11
N ARG K 129 6.17 -27.90 14.14
CA ARG K 129 7.38 -28.70 14.07
C ARG K 129 7.22 -29.81 13.03
N ILE K 130 8.27 -30.07 12.26
CA ILE K 130 8.22 -31.11 11.23
C ILE K 130 9.16 -32.27 11.57
N MET L 4 -36.57 24.58 9.70
CA MET L 4 -35.84 25.18 8.58
C MET L 4 -34.50 24.51 8.35
N SER L 5 -34.26 24.03 7.12
CA SER L 5 -33.11 23.15 6.85
C SER L 5 -31.92 23.83 6.21
N PHE L 6 -30.73 23.59 6.76
CA PHE L 6 -29.52 24.11 6.16
C PHE L 6 -29.11 23.28 4.96
N SER L 7 -29.63 22.06 4.87
CA SER L 7 -29.27 21.15 3.79
C SER L 7 -29.26 21.81 2.41
N GLY L 8 -28.17 21.59 1.68
CA GLY L 8 -28.08 22.06 0.31
C GLY L 8 -26.67 22.18 -0.21
N LYS L 9 -26.56 22.56 -1.48
CA LYS L 9 -25.26 22.84 -2.06
C LYS L 9 -25.17 24.34 -2.33
N TYR L 10 -24.10 24.98 -1.86
CA TYR L 10 -24.01 26.44 -1.94
C TYR L 10 -22.77 26.89 -2.70
N GLN L 11 -22.95 27.79 -3.65
CA GLN L 11 -21.81 28.38 -4.36
C GLN L 11 -21.45 29.77 -3.81
N LEU L 12 -20.18 29.97 -3.51
CA LEU L 12 -19.70 31.26 -3.02
C LEU L 12 -20.04 32.35 -4.03
N GLN L 13 -20.69 33.42 -3.55
CA GLN L 13 -21.01 34.56 -4.40
C GLN L 13 -19.95 35.66 -4.25
N SER L 14 -19.63 35.98 -2.99
CA SER L 14 -18.61 36.99 -2.70
C SER L 14 -18.04 36.81 -1.30
N GLN L 15 -16.87 37.38 -1.06
CA GLN L 15 -16.28 37.31 0.26
C GLN L 15 -15.41 38.53 0.53
N GLU L 16 -15.36 38.93 1.79
CA GLU L 16 -14.55 40.05 2.20
C GLU L 16 -13.47 39.57 3.14
N ASN L 17 -12.27 40.10 2.97
CA ASN L 17 -11.15 39.86 3.88
C ASN L 17 -10.54 38.45 3.89
N PHE L 18 -10.68 37.73 2.78
CA PHE L 18 -10.04 36.43 2.63
C PHE L 18 -8.54 36.53 2.91
N GLU L 19 -7.87 37.50 2.30
CA GLU L 19 -6.41 37.54 2.39
C GLU L 19 -5.95 37.91 3.79
N ALA L 20 -6.60 38.91 4.37
CA ALA L 20 -6.25 39.36 5.70
C ALA L 20 -6.44 38.22 6.68
N PHE L 21 -7.55 37.50 6.55
CA PHE L 21 -7.87 36.42 7.48
C PHE L 21 -6.85 35.30 7.36
N MET L 22 -6.63 34.82 6.13
CA MET L 22 -5.67 33.75 5.84
C MET L 22 -4.23 34.07 6.27
N LYS L 23 -3.80 35.32 6.13
CA LYS L 23 -2.47 35.69 6.60
C LYS L 23 -2.46 35.66 8.12
N ALA L 24 -3.53 36.18 8.75
CA ALA L 24 -3.63 36.20 10.22
C ALA L 24 -3.55 34.84 10.89
N ILE L 25 -3.94 33.80 10.16
CA ILE L 25 -3.91 32.44 10.70
C ILE L 25 -2.68 31.66 10.26
N GLY L 26 -1.80 32.33 9.52
CA GLY L 26 -0.49 31.80 9.17
C GLY L 26 -0.39 31.01 7.86
N LEU L 27 -1.29 31.26 6.92
CA LEU L 27 -1.22 30.59 5.62
C LEU L 27 -0.18 31.28 4.70
N PRO L 28 0.54 30.54 3.85
CA PRO L 28 1.57 31.18 3.00
C PRO L 28 1.01 32.08 1.89
N GLU L 29 1.75 33.11 1.54
CA GLU L 29 1.23 34.13 0.65
C GLU L 29 1.00 33.58 -0.76
N GLU L 30 1.88 32.67 -1.18
CA GLU L 30 1.67 31.95 -2.42
C GLU L 30 0.28 31.27 -2.45
N LEU L 31 0.00 30.45 -1.43
CA LEU L 31 -1.26 29.71 -1.32
C LEU L 31 -2.50 30.59 -1.25
N ILE L 32 -2.42 31.63 -0.41
CA ILE L 32 -3.46 32.66 -0.33
C ILE L 32 -3.81 33.24 -1.72
N GLN L 33 -2.79 33.42 -2.55
CA GLN L 33 -3.01 33.98 -3.89
C GLN L 33 -3.69 32.98 -4.81
N LYS L 34 -3.34 31.70 -4.67
CA LYS L 34 -3.97 30.66 -5.47
C LYS L 34 -5.47 30.57 -5.12
N GLY L 35 -5.80 30.72 -3.84
CA GLY L 35 -7.15 30.43 -3.37
C GLY L 35 -8.11 31.61 -3.31
N LYS L 36 -7.58 32.81 -3.20
CA LYS L 36 -8.38 34.01 -2.94
C LYS L 36 -9.52 34.23 -3.92
N ASP L 37 -9.44 33.65 -5.11
CA ASP L 37 -10.44 33.93 -6.15
C ASP L 37 -11.28 32.71 -6.52
N ILE L 38 -10.98 31.58 -5.89
CA ILE L 38 -11.82 30.40 -6.07
C ILE L 38 -13.23 30.64 -5.54
N LYS L 39 -14.23 30.34 -6.38
CA LYS L 39 -15.63 30.38 -5.96
C LYS L 39 -16.25 29.00 -6.09
N GLY L 40 -16.01 28.16 -5.09
CA GLY L 40 -16.40 26.76 -5.15
C GLY L 40 -17.76 26.48 -4.55
N VAL L 41 -18.03 25.20 -4.37
CA VAL L 41 -19.31 24.74 -3.81
C VAL L 41 -19.10 24.06 -2.46
N SER L 42 -19.84 24.52 -1.46
CA SER L 42 -19.86 23.90 -0.15
C SER L 42 -21.17 23.12 0.01
N GLU L 43 -21.09 21.94 0.60
CA GLU L 43 -22.30 21.16 0.86
C GLU L 43 -22.62 20.99 2.35
N ILE L 44 -23.90 21.14 2.70
CA ILE L 44 -24.38 20.85 4.03
C ILE L 44 -25.42 19.75 3.98
N VAL L 45 -25.19 18.70 4.76
CA VAL L 45 -26.23 17.71 4.98
C VAL L 45 -26.70 17.79 6.44
N GLN L 46 -27.95 18.22 6.62
CA GLN L 46 -28.51 18.35 7.96
C GLN L 46 -29.51 17.25 8.22
N ASN L 47 -29.23 16.54 9.32
CA ASN L 47 -30.11 15.54 9.89
C ASN L 47 -30.35 15.93 11.35
N GLY L 48 -31.47 16.62 11.59
CA GLY L 48 -31.80 17.13 12.89
C GLY L 48 -30.71 17.97 13.54
N LYS L 49 -30.24 17.53 14.69
CA LYS L 49 -29.19 18.27 15.36
C LYS L 49 -27.85 17.91 14.72
N HIS L 50 -27.86 16.94 13.81
CA HIS L 50 -26.62 16.45 13.20
C HIS L 50 -26.33 17.04 11.80
N PHE L 51 -25.11 17.54 11.65
CA PHE L 51 -24.68 18.24 10.45
C PHE L 51 -23.43 17.58 9.87
N LYS L 52 -23.40 17.47 8.54
CA LYS L 52 -22.16 17.13 7.85
C LYS L 52 -21.79 18.26 6.90
N PHE L 53 -20.60 18.82 7.06
CA PHE L 53 -20.12 19.88 6.18
C PHE L 53 -19.00 19.43 5.25
N THR L 54 -19.18 19.69 3.96
CA THR L 54 -18.08 19.58 3.01
C THR L 54 -17.82 20.95 2.39
N ILE L 55 -16.81 21.65 2.89
CA ILE L 55 -16.62 23.05 2.61
C ILE L 55 -15.43 23.30 1.71
N THR L 56 -15.61 24.17 0.72
CA THR L 56 -14.52 24.58 -0.16
C THR L 56 -13.98 25.89 0.32
N ALA L 57 -12.82 25.88 0.98
CA ALA L 57 -12.21 27.09 1.49
C ALA L 57 -10.89 27.35 0.76
N GLY L 58 -10.92 28.30 -0.18
CA GLY L 58 -9.76 28.53 -1.00
C GLY L 58 -9.48 27.27 -1.79
N SER L 59 -8.25 26.78 -1.73
CA SER L 59 -7.91 25.61 -2.53
C SER L 59 -8.00 24.35 -1.69
N LYS L 60 -8.68 24.43 -0.55
CA LYS L 60 -8.72 23.30 0.37
C LYS L 60 -10.16 22.86 0.62
N VAL L 61 -10.37 21.55 0.68
CA VAL L 61 -11.67 21.03 1.08
C VAL L 61 -11.66 20.59 2.53
N ILE L 62 -12.57 21.16 3.31
CA ILE L 62 -12.63 20.96 4.74
C ILE L 62 -13.85 20.14 5.10
N GLN L 63 -13.68 19.14 5.95
CA GLN L 63 -14.80 18.29 6.34
C GLN L 63 -15.10 18.30 7.84
N ASN L 64 -16.35 18.55 8.18
CA ASN L 64 -16.78 18.60 9.56
C ASN L 64 -18.09 17.86 9.75
N GLU L 65 -18.15 16.98 10.73
CA GLU L 65 -19.39 16.36 11.19
C GLU L 65 -19.58 16.69 12.65
N PHE L 66 -20.80 17.02 13.04
CA PHE L 66 -21.09 17.25 14.44
C PHE L 66 -22.58 17.19 14.73
N THR L 67 -22.91 17.05 16.01
CA THR L 67 -24.26 17.21 16.50
C THR L 67 -24.25 18.46 17.38
N VAL L 68 -25.19 19.38 17.16
CA VAL L 68 -25.17 20.63 17.92
C VAL L 68 -25.33 20.35 19.40
N GLY L 69 -24.54 21.04 20.21
CA GLY L 69 -24.60 20.87 21.64
C GLY L 69 -23.65 19.82 22.17
N GLU L 70 -23.17 18.95 21.29
CA GLU L 70 -22.18 17.94 21.67
C GLU L 70 -20.77 18.41 21.34
N GLU L 71 -19.79 17.89 22.07
CA GLU L 71 -18.40 18.18 21.77
C GLU L 71 -18.06 17.59 20.41
N CYS L 72 -17.25 18.31 19.62
CA CYS L 72 -16.83 17.84 18.30
C CYS L 72 -15.42 18.33 17.97
N GLU L 73 -14.91 17.88 16.83
CA GLU L 73 -13.64 18.37 16.34
C GLU L 73 -13.84 19.07 15.01
N LEU L 74 -13.45 20.33 14.96
CA LEU L 74 -13.53 21.09 13.73
C LEU L 74 -12.18 21.08 13.05
N GLU L 75 -12.19 20.95 11.72
CA GLU L 75 -10.94 21.04 10.96
C GLU L 75 -10.64 22.49 10.58
N THR L 76 -9.37 22.84 10.72
CA THR L 76 -8.89 24.18 10.48
C THR L 76 -8.21 24.25 9.11
N MET L 77 -7.93 25.46 8.63
CA MET L 77 -7.25 25.62 7.35
C MET L 77 -5.91 24.94 7.36
N THR L 78 -5.25 24.99 8.51
CA THR L 78 -3.91 24.46 8.67
C THR L 78 -3.83 22.94 8.88
N GLY L 79 -4.97 22.26 8.82
CA GLY L 79 -5.04 20.80 8.90
C GLY L 79 -5.37 20.28 10.29
N GLU L 80 -5.14 21.15 11.27
CA GLU L 80 -5.35 20.90 12.69
C GLU L 80 -6.80 20.66 13.13
N LYS L 81 -6.99 19.79 14.13
CA LYS L 81 -8.33 19.50 14.65
C LYS L 81 -8.47 20.16 16.01
N VAL L 82 -9.55 20.90 16.23
CA VAL L 82 -9.77 21.59 17.50
C VAL L 82 -11.08 21.18 18.18
N LYS L 83 -11.00 20.86 19.47
CA LYS L 83 -12.19 20.51 20.24
C LYS L 83 -13.03 21.76 20.48
N THR L 84 -14.34 21.64 20.29
CA THR L 84 -15.26 22.73 20.58
C THR L 84 -16.69 22.22 20.50
N VAL L 85 -17.66 23.15 20.55
CA VAL L 85 -19.07 22.82 20.47
C VAL L 85 -19.73 23.82 19.55
N VAL L 86 -20.66 23.34 18.74
CA VAL L 86 -21.43 24.20 17.84
C VAL L 86 -22.87 24.29 18.36
N GLN L 87 -23.40 25.50 18.47
CA GLN L 87 -24.77 25.70 18.96
C GLN L 87 -25.70 26.23 17.88
N LEU L 88 -26.98 25.90 18.01
CA LEU L 88 -28.01 26.59 17.23
C LEU L 88 -28.52 27.80 18.00
N GLU L 89 -28.61 28.95 17.33
CA GLU L 89 -29.21 30.14 17.92
C GLU L 89 -30.39 30.59 17.06
N GLY L 90 -31.59 30.25 17.48
CA GLY L 90 -32.74 30.39 16.60
C GLY L 90 -32.67 29.20 15.67
N ASP L 91 -33.46 29.24 14.60
CA ASP L 91 -33.52 28.10 13.69
C ASP L 91 -32.48 28.17 12.59
N ASN L 92 -31.87 29.34 12.44
CA ASN L 92 -31.11 29.64 11.22
C ASN L 92 -29.67 30.11 11.44
N LYS L 93 -29.16 29.90 12.65
CA LYS L 93 -27.84 30.41 13.01
C LYS L 93 -27.00 29.33 13.72
N LEU L 94 -25.88 28.96 13.12
CA LEU L 94 -24.91 28.09 13.79
C LEU L 94 -23.77 28.96 14.32
N VAL L 95 -23.46 28.79 15.60
CA VAL L 95 -22.48 29.63 16.26
C VAL L 95 -21.43 28.77 16.97
N THR L 96 -20.16 29.15 16.83
CA THR L 96 -19.10 28.43 17.51
C THR L 96 -17.83 29.24 17.62
N THR L 97 -16.87 28.72 18.40
CA THR L 97 -15.60 29.37 18.63
C THR L 97 -14.48 28.36 18.64
N PHE L 98 -13.35 28.68 18.01
CA PHE L 98 -12.17 27.83 18.03
C PHE L 98 -10.98 28.66 17.71
N LYS L 99 -9.88 28.43 18.41
CA LYS L 99 -8.62 29.15 18.16
C LYS L 99 -8.80 30.68 18.12
N ASN L 100 -9.62 31.21 19.03
CA ASN L 100 -9.93 32.65 19.06
C ASN L 100 -10.70 33.20 17.87
N ILE L 101 -11.35 32.31 17.12
CA ILE L 101 -12.19 32.72 16.01
C ILE L 101 -13.62 32.55 16.47
N LYS L 102 -14.43 33.58 16.33
CA LYS L 102 -15.86 33.45 16.54
C LYS L 102 -16.58 33.32 15.21
N SER L 103 -17.29 32.21 15.05
CA SER L 103 -17.93 31.89 13.80
C SER L 103 -19.44 31.92 13.93
N VAL L 104 -20.09 32.59 12.98
CA VAL L 104 -21.55 32.61 12.89
C VAL L 104 -21.95 32.32 11.46
N THR L 105 -22.71 31.25 11.29
CA THR L 105 -23.21 30.83 9.99
C THR L 105 -24.72 30.97 9.96
N GLU L 106 -25.22 31.90 9.14
CA GLU L 106 -26.64 32.19 9.16
C GLU L 106 -27.31 31.94 7.82
N LEU L 107 -28.48 31.29 7.84
CA LEU L 107 -29.21 31.00 6.61
C LEU L 107 -30.46 31.87 6.47
N ASN L 108 -30.60 32.52 5.33
CA ASN L 108 -31.80 33.30 5.04
C ASN L 108 -32.30 32.95 3.66
N GLY L 109 -33.29 32.07 3.62
CA GLY L 109 -33.80 31.61 2.34
C GLY L 109 -32.79 30.76 1.60
N ASP L 110 -32.16 31.33 0.58
CA ASP L 110 -31.20 30.62 -0.24
C ASP L 110 -29.77 31.12 -0.02
N ILE L 111 -29.63 32.14 0.83
CA ILE L 111 -28.35 32.78 1.08
C ILE L 111 -27.79 32.40 2.46
N ILE L 112 -26.61 31.81 2.46
CA ILE L 112 -25.87 31.61 3.70
C ILE L 112 -24.83 32.70 3.88
N THR L 113 -24.79 33.27 5.07
CA THR L 113 -23.78 34.26 5.40
C THR L 113 -22.87 33.71 6.48
N ASN L 114 -21.63 33.41 6.10
CA ASN L 114 -20.67 32.89 7.06
C ASN L 114 -19.70 33.97 7.49
N THR L 115 -19.78 34.34 8.76
CA THR L 115 -18.95 35.41 9.29
C THR L 115 -17.99 34.87 10.32
N MET L 116 -16.69 35.01 10.07
CA MET L 116 -15.68 34.58 11.05
C MET L 116 -14.84 35.74 11.51
N THR L 117 -14.76 35.91 12.83
CA THR L 117 -14.08 37.07 13.40
C THR L 117 -12.84 36.69 14.19
N LEU L 118 -11.70 37.28 13.81
CA LEU L 118 -10.41 36.99 14.44
C LEU L 118 -9.66 38.27 14.71
N GLY L 119 -9.61 38.66 15.98
CA GLY L 119 -9.13 39.97 16.33
C GLY L 119 -10.04 41.01 15.70
N ASP L 120 -9.41 41.89 14.93
CA ASP L 120 -10.10 42.99 14.26
C ASP L 120 -10.39 42.66 12.79
N ILE L 121 -10.40 41.38 12.46
CA ILE L 121 -10.65 40.97 11.08
C ILE L 121 -12.00 40.27 10.95
N VAL L 122 -12.84 40.79 10.07
CA VAL L 122 -14.13 40.16 9.86
C VAL L 122 -14.13 39.55 8.47
N PHE L 123 -13.98 38.23 8.46
CA PHE L 123 -13.96 37.45 7.25
C PHE L 123 -15.40 37.01 6.98
N LYS L 124 -15.99 37.53 5.90
CA LYS L 124 -17.40 37.29 5.63
C LYS L 124 -17.54 36.66 4.27
N ARG L 125 -18.29 35.55 4.20
CA ARG L 125 -18.52 34.84 2.96
C ARG L 125 -20.01 34.73 2.72
N ILE L 126 -20.41 34.94 1.47
CA ILE L 126 -21.82 34.88 1.10
C ILE L 126 -22.04 33.88 -0.01
N SER L 127 -22.85 32.86 0.27
CA SER L 127 -23.07 31.78 -0.69
C SER L 127 -24.55 31.64 -1.01
N LYS L 128 -24.85 31.11 -2.19
CA LYS L 128 -26.23 30.95 -2.64
C LYS L 128 -26.53 29.50 -3.02
N ARG L 129 -27.71 29.01 -2.62
CA ARG L 129 -28.06 27.63 -2.92
C ARG L 129 -28.15 27.43 -4.44
N ILE L 130 -27.67 26.29 -4.93
CA ILE L 130 -27.77 25.97 -6.36
C ILE L 130 -28.71 24.80 -6.65
N SER M 2 -1.03 47.29 33.20
CA SER M 2 -1.73 47.64 34.46
C SER M 2 -0.83 47.45 35.69
N HIS M 3 -0.64 46.19 36.06
CA HIS M 3 0.29 45.81 37.12
C HIS M 3 1.57 45.28 36.43
N MET M 4 2.58 44.92 37.21
CA MET M 4 3.84 44.43 36.62
C MET M 4 3.73 42.99 36.17
N SER M 5 4.13 42.70 34.94
CA SER M 5 3.91 41.37 34.39
C SER M 5 5.16 40.58 33.99
N PHE M 6 5.24 39.36 34.50
CA PHE M 6 6.29 38.45 34.09
C PHE M 6 5.91 37.71 32.81
N SER M 7 4.64 37.82 32.40
CA SER M 7 4.14 37.03 31.27
C SER M 7 5.04 37.17 30.05
N GLY M 8 5.40 36.03 29.45
CA GLY M 8 6.14 36.04 28.21
C GLY M 8 6.85 34.75 27.89
N LYS M 9 7.51 34.71 26.74
CA LYS M 9 8.35 33.59 26.39
C LYS M 9 9.81 34.06 26.40
N TYR M 10 10.66 33.32 27.11
CA TYR M 10 12.05 33.76 27.31
C TYR M 10 13.06 32.75 26.82
N GLN M 11 14.01 33.21 26.01
CA GLN M 11 15.08 32.33 25.59
C GLN M 11 16.34 32.56 26.42
N LEU M 12 16.89 31.47 26.94
CA LEU M 12 18.16 31.53 27.64
C LEU M 12 19.26 32.17 26.79
N GLN M 13 19.92 33.18 27.36
CA GLN M 13 21.03 33.87 26.69
C GLN M 13 22.36 33.33 27.19
N SER M 14 22.51 33.22 28.50
CA SER M 14 23.73 32.66 29.09
C SER M 14 23.47 32.10 30.49
N GLN M 15 24.33 31.20 30.94
CA GLN M 15 24.21 30.68 32.31
C GLN M 15 25.57 30.37 32.92
N GLU M 16 25.67 30.56 34.23
CA GLU M 16 26.89 30.21 34.95
C GLU M 16 26.63 29.04 35.90
N ASN M 17 27.60 28.13 35.98
CA ASN M 17 27.58 27.03 36.94
C ASN M 17 26.51 25.97 36.77
N PHE M 18 26.06 25.77 35.54
CA PHE M 18 25.11 24.71 35.22
C PHE M 18 25.62 23.33 35.67
N GLU M 19 26.87 23.03 35.34
CA GLU M 19 27.42 21.72 35.62
C GLU M 19 27.63 21.50 37.11
N ALA M 20 28.21 22.50 37.78
CA ALA M 20 28.44 22.42 39.21
C ALA M 20 27.11 22.21 39.97
N PHE M 21 26.12 23.01 39.59
CA PHE M 21 24.81 22.92 40.24
C PHE M 21 24.18 21.55 40.00
N MET M 22 24.16 21.11 38.73
CA MET M 22 23.54 19.83 38.37
C MET M 22 24.24 18.64 39.04
N LYS M 23 25.57 18.71 39.12
CA LYS M 23 26.36 17.75 39.86
C LYS M 23 25.92 17.71 41.33
N ALA M 24 25.82 18.89 41.94
CA ALA M 24 25.49 19.02 43.37
C ALA M 24 24.14 18.46 43.77
N ILE M 25 23.23 18.36 42.81
CA ILE M 25 21.88 17.89 43.11
C ILE M 25 21.69 16.44 42.66
N GLY M 26 22.79 15.84 42.19
CA GLY M 26 22.82 14.42 41.90
C GLY M 26 22.36 14.00 40.52
N LEU M 27 22.49 14.89 39.54
CA LEU M 27 22.16 14.53 38.17
C LEU M 27 23.32 13.72 37.56
N PRO M 28 22.98 12.55 36.98
CA PRO M 28 23.89 11.74 36.16
C PRO M 28 24.74 12.57 35.18
N GLU M 29 26.03 12.28 35.12
CA GLU M 29 26.97 13.10 34.36
C GLU M 29 26.58 13.18 32.87
N GLU M 30 26.21 12.04 32.30
CA GLU M 30 25.73 11.94 30.92
C GLU M 30 24.68 13.01 30.60
N LEU M 31 23.64 13.09 31.43
CA LEU M 31 22.59 14.10 31.30
C LEU M 31 23.14 15.51 31.33
N ILE M 32 24.00 15.76 32.31
CA ILE M 32 24.60 17.07 32.47
C ILE M 32 25.31 17.53 31.19
N GLN M 33 25.99 16.61 30.52
CA GLN M 33 26.70 16.95 29.30
C GLN M 33 25.74 17.17 28.12
N LYS M 34 24.68 16.37 28.06
CA LYS M 34 23.68 16.54 27.01
C LYS M 34 23.00 17.91 27.13
N GLY M 35 22.76 18.35 28.37
CA GLY M 35 21.91 19.51 28.62
C GLY M 35 22.61 20.84 28.79
N LYS M 36 23.90 20.79 29.15
CA LYS M 36 24.64 21.99 29.54
C LYS M 36 24.67 23.11 28.49
N ASP M 37 24.45 22.76 27.22
CA ASP M 37 24.56 23.76 26.16
C ASP M 37 23.22 24.08 25.50
N ILE M 38 22.16 23.40 25.93
CA ILE M 38 20.82 23.73 25.46
C ILE M 38 20.41 25.15 25.84
N LYS M 39 19.98 25.93 24.86
CA LYS M 39 19.43 27.25 25.10
C LYS M 39 17.97 27.27 24.65
N GLY M 40 17.09 26.77 25.50
CA GLY M 40 15.69 26.65 25.13
C GLY M 40 14.82 27.84 25.51
N VAL M 41 13.51 27.63 25.43
CA VAL M 41 12.56 28.68 25.72
C VAL M 41 11.70 28.32 26.92
N SER M 42 11.65 29.23 27.90
CA SER M 42 10.78 29.06 29.06
C SER M 42 9.60 30.01 28.94
N GLU M 43 8.42 29.54 29.31
CA GLU M 43 7.24 30.39 29.24
C GLU M 43 6.65 30.68 30.62
N ILE M 44 6.29 31.94 30.85
CA ILE M 44 5.55 32.32 32.04
C ILE M 44 4.19 32.89 31.67
N VAL M 45 3.15 32.35 32.27
CA VAL M 45 1.84 32.98 32.16
C VAL M 45 1.45 33.51 33.53
N GLN M 46 1.33 34.83 33.63
CA GLN M 46 0.95 35.45 34.88
C GLN M 46 -0.44 36.03 34.81
N ASN M 47 -1.29 35.63 35.72
CA ASN M 47 -2.51 36.37 35.90
C ASN M 47 -2.52 36.88 37.32
N GLY M 48 -2.46 38.19 37.44
CA GLY M 48 -2.39 38.81 38.75
C GLY M 48 -1.29 38.23 39.60
N LYS M 49 -1.64 37.26 40.43
CA LYS M 49 -0.69 36.71 41.37
C LYS M 49 -0.65 35.21 41.19
N HIS M 50 -1.35 34.75 40.16
CA HIS M 50 -1.31 33.36 39.71
C HIS M 50 -0.27 33.19 38.61
N PHE M 51 0.61 32.21 38.78
CA PHE M 51 1.68 31.95 37.80
C PHE M 51 1.63 30.52 37.26
N LYS M 52 1.83 30.40 35.95
CA LYS M 52 2.11 29.09 35.35
C LYS M 52 3.46 29.12 34.67
N PHE M 53 4.33 28.20 35.07
CA PHE M 53 5.66 28.12 34.46
C PHE M 53 5.81 26.86 33.60
N THR M 54 6.32 27.03 32.39
CA THR M 54 6.80 25.90 31.58
C THR M 54 8.25 26.16 31.23
N ILE M 55 9.14 25.51 31.98
CA ILE M 55 10.56 25.85 32.01
C ILE M 55 11.41 24.79 31.34
N THR M 56 12.31 25.24 30.49
CA THR M 56 13.29 24.36 29.85
C THR M 56 14.58 24.39 30.63
N ALA M 57 14.84 23.31 31.38
CA ALA M 57 16.07 23.23 32.16
C ALA M 57 16.93 22.08 31.67
N GLY M 58 17.98 22.39 30.94
CA GLY M 58 18.78 21.36 30.31
C GLY M 58 17.89 20.61 29.33
N SER M 59 17.83 19.29 29.46
CA SER M 59 17.09 18.49 28.51
C SER M 59 15.75 18.11 29.12
N LYS M 60 15.37 18.81 30.20
CA LYS M 60 14.09 18.53 30.86
C LYS M 60 13.13 19.71 30.82
N VAL M 61 11.84 19.42 30.64
CA VAL M 61 10.82 20.45 30.74
C VAL M 61 10.13 20.37 32.09
N ILE M 62 10.22 21.46 32.85
CA ILE M 62 9.67 21.50 34.19
C ILE M 62 8.40 22.34 34.20
N GLN M 63 7.37 21.84 34.88
CA GLN M 63 6.09 22.58 34.97
C GLN M 63 5.67 22.92 36.41
N ASN M 64 5.40 24.20 36.64
CA ASN M 64 4.97 24.71 37.95
C ASN M 64 3.81 25.69 37.82
N GLU M 65 2.76 25.43 38.60
CA GLU M 65 1.65 26.38 38.78
C GLU M 65 1.52 26.72 40.24
N PHE M 66 1.27 27.99 40.53
CA PHE M 66 1.14 28.42 41.91
C PHE M 66 0.54 29.81 42.01
N THR M 67 0.00 30.11 43.19
CA THR M 67 -0.41 31.45 43.56
C THR M 67 0.59 31.95 44.61
N VAL M 68 1.10 33.16 44.46
CA VAL M 68 2.10 33.64 45.41
C VAL M 68 1.49 33.74 46.80
N GLY M 69 2.22 33.26 47.80
CA GLY M 69 1.76 33.29 49.17
C GLY M 69 1.00 32.04 49.61
N GLU M 70 0.55 31.25 48.63
CA GLU M 70 -0.12 29.99 48.93
C GLU M 70 0.87 28.83 48.88
N GLU M 71 0.59 27.78 49.63
CA GLU M 71 1.44 26.60 49.57
C GLU M 71 1.30 26.00 48.17
N CYS M 72 2.39 25.47 47.64
CA CYS M 72 2.38 24.85 46.31
C CYS M 72 3.41 23.73 46.23
N GLU M 73 3.43 23.06 45.09
CA GLU M 73 4.41 22.01 44.86
C GLU M 73 5.24 22.38 43.66
N LEU M 74 6.55 22.49 43.88
CA LEU M 74 7.48 22.79 42.82
C LEU M 74 8.08 21.49 42.32
N GLU M 75 8.29 21.40 41.01
CA GLU M 75 8.95 20.24 40.44
C GLU M 75 10.45 20.45 40.40
N THR M 76 11.18 19.41 40.76
CA THR M 76 12.63 19.43 40.80
C THR M 76 13.23 18.78 39.55
N MET M 77 14.53 18.96 39.32
CA MET M 77 15.20 18.34 38.17
C MET M 77 15.00 16.83 38.20
N THR M 78 15.02 16.27 39.40
CA THR M 78 15.01 14.83 39.60
C THR M 78 13.59 14.22 39.49
N GLY M 79 12.60 15.03 39.15
CA GLY M 79 11.21 14.57 39.02
C GLY M 79 10.34 14.77 40.25
N GLU M 80 10.98 14.87 41.41
CA GLU M 80 10.35 14.99 42.72
C GLU M 80 9.53 16.28 42.91
N LYS M 81 8.45 16.21 43.69
CA LYS M 81 7.66 17.39 44.04
C LYS M 81 7.94 17.84 45.48
N VAL M 82 8.18 19.13 45.70
CA VAL M 82 8.45 19.64 47.05
C VAL M 82 7.47 20.72 47.49
N LYS M 83 6.94 20.59 48.70
CA LYS M 83 6.03 21.61 49.22
C LYS M 83 6.84 22.85 49.58
N THR M 84 6.34 24.01 49.18
CA THR M 84 6.93 25.28 49.59
C THR M 84 5.98 26.43 49.28
N VAL M 85 6.49 27.66 49.40
CA VAL M 85 5.72 28.85 49.08
C VAL M 85 6.58 29.81 48.25
N VAL M 86 5.95 30.45 47.27
CA VAL M 86 6.65 31.44 46.46
C VAL M 86 6.15 32.84 46.83
N GLN M 87 7.07 33.78 47.05
CA GLN M 87 6.65 35.14 47.43
C GLN M 87 7.05 36.14 46.37
N LEU M 88 6.28 37.23 46.29
CA LEU M 88 6.70 38.41 45.54
C LEU M 88 7.47 39.35 46.47
N GLU M 89 8.62 39.81 46.04
CA GLU M 89 9.36 40.86 46.74
C GLU M 89 9.55 42.08 45.85
N GLY M 90 8.72 43.09 46.04
CA GLY M 90 8.64 44.16 45.06
C GLY M 90 7.78 43.62 43.94
N ASP M 91 7.76 44.31 42.81
CA ASP M 91 6.88 43.92 41.72
C ASP M 91 7.55 42.93 40.79
N ASN M 92 8.87 42.81 40.92
CA ASN M 92 9.68 42.16 39.89
C ASN M 92 10.54 40.99 40.37
N LYS M 93 10.27 40.48 41.56
CA LYS M 93 11.14 39.45 42.14
C LYS M 93 10.33 38.30 42.73
N LEU M 94 10.52 37.09 42.23
CA LEU M 94 9.89 35.93 42.83
C LEU M 94 10.94 35.21 43.65
N VAL M 95 10.61 34.92 44.91
CA VAL M 95 11.58 34.34 45.81
C VAL M 95 11.01 33.09 46.46
N THR M 96 11.82 32.05 46.59
CA THR M 96 11.39 30.81 47.23
C THR M 96 12.57 29.92 47.63
N THR M 97 12.27 28.89 48.40
CA THR M 97 13.28 27.95 48.87
C THR M 97 12.72 26.55 48.85
N PHE M 98 13.55 25.60 48.44
CA PHE M 98 13.18 24.18 48.42
C PHE M 98 14.44 23.34 48.39
N LYS M 99 14.46 22.26 49.17
CA LYS M 99 15.62 21.36 49.24
C LYS M 99 16.96 22.12 49.45
N ASN M 100 16.96 23.12 50.32
CA ASN M 100 18.16 23.94 50.57
C ASN M 100 18.68 24.79 49.41
N ILE M 101 17.84 24.96 48.39
CA ILE M 101 18.15 25.92 47.34
C ILE M 101 17.48 27.26 47.66
N LYS M 102 18.21 28.35 47.46
CA LYS M 102 17.60 29.67 47.50
C LYS M 102 17.44 30.10 46.04
N SER M 103 16.19 30.31 45.61
CA SER M 103 15.86 30.73 44.24
C SER M 103 15.30 32.18 44.15
N VAL M 104 15.94 33.03 43.35
CA VAL M 104 15.44 34.39 43.13
C VAL M 104 15.30 34.62 41.64
N THR M 105 14.09 34.93 41.21
CA THR M 105 13.78 35.18 39.82
C THR M 105 13.38 36.63 39.66
N GLU M 106 14.20 37.41 38.95
CA GLU M 106 13.96 38.84 38.84
C GLU M 106 13.78 39.30 37.39
N LEU M 107 12.78 40.12 37.14
CA LEU M 107 12.55 40.64 35.80
C LEU M 107 12.94 42.12 35.70
N ASN M 108 13.74 42.44 34.69
CA ASN M 108 14.11 43.82 34.40
C ASN M 108 13.92 44.15 32.93
N GLY M 109 12.80 44.77 32.60
CA GLY M 109 12.44 45.02 31.22
C GLY M 109 12.17 43.71 30.49
N ASP M 110 13.11 43.28 29.67
CA ASP M 110 12.96 42.07 28.87
C ASP M 110 13.87 40.96 29.36
N ILE M 111 14.68 41.26 30.37
CA ILE M 111 15.66 40.30 30.87
C ILE M 111 15.23 39.71 32.20
N ILE M 112 15.12 38.38 32.26
CA ILE M 112 14.92 37.67 33.53
C ILE M 112 16.25 37.09 34.01
N THR M 113 16.53 37.32 35.28
CA THR M 113 17.71 36.77 35.89
C THR M 113 17.28 35.77 36.95
N ASN M 114 17.54 34.50 36.68
CA ASN M 114 17.19 33.45 37.63
C ASN M 114 18.41 32.96 38.39
N THR M 115 18.43 33.18 39.69
CA THR M 115 19.60 32.86 40.50
C THR M 115 19.22 31.83 41.55
N MET M 116 19.87 30.67 41.47
CA MET M 116 19.63 29.62 42.43
C MET M 116 20.90 29.29 43.19
N THR M 117 20.81 29.36 44.51
CA THR M 117 21.98 29.17 45.37
C THR M 117 21.88 27.90 46.23
N LEU M 118 22.87 27.04 46.09
CA LEU M 118 22.91 25.77 46.82
C LEU M 118 24.29 25.58 47.40
N GLY M 119 24.40 25.73 48.73
CA GLY M 119 25.70 25.77 49.38
C GLY M 119 26.45 26.98 48.87
N ASP M 120 27.63 26.75 48.29
CA ASP M 120 28.44 27.86 47.79
C ASP M 120 28.38 27.97 46.28
N ILE M 121 27.39 27.31 45.68
CA ILE M 121 27.22 27.32 44.23
C ILE M 121 26.14 28.31 43.83
N VAL M 122 26.51 29.27 42.99
CA VAL M 122 25.53 30.21 42.48
C VAL M 122 25.25 29.93 41.00
N PHE M 123 24.11 29.27 40.78
CA PHE M 123 23.63 28.92 39.46
C PHE M 123 22.82 30.10 38.96
N LYS M 124 23.30 30.75 37.91
CA LYS M 124 22.66 31.97 37.42
C LYS M 124 22.28 31.82 35.93
N ARG M 125 21.00 32.07 35.61
CA ARG M 125 20.53 31.98 34.23
C ARG M 125 19.95 33.30 33.77
N ILE M 126 20.30 33.70 32.55
CA ILE M 126 19.83 34.98 32.04
C ILE M 126 19.08 34.76 30.73
N SER M 127 17.81 35.16 30.72
CA SER M 127 16.91 34.93 29.59
C SER M 127 16.33 36.22 29.06
N LYS M 128 16.01 36.24 27.77
CA LYS M 128 15.50 37.45 27.14
C LYS M 128 14.14 37.15 26.52
N ARG M 129 13.20 38.07 26.67
CA ARG M 129 11.90 37.90 26.09
C ARG M 129 11.99 37.89 24.56
N ILE M 130 11.20 37.01 23.92
CA ILE M 130 11.21 36.91 22.47
C ILE M 130 9.87 37.33 21.85
N HIS N 3 25.56 -22.18 38.34
CA HIS N 3 24.11 -22.09 38.41
C HIS N 3 23.64 -21.00 39.37
N MET N 4 22.50 -20.39 39.07
CA MET N 4 21.92 -19.36 39.94
C MET N 4 20.85 -19.89 40.88
N SER N 5 21.10 -19.74 42.19
CA SER N 5 20.18 -20.23 43.20
C SER N 5 19.72 -19.10 44.12
N PHE N 6 18.42 -19.07 44.41
CA PHE N 6 17.86 -18.11 45.36
C PHE N 6 18.05 -18.57 46.79
N SER N 7 18.40 -19.83 46.98
CA SER N 7 18.53 -20.41 48.32
C SER N 7 19.34 -19.52 49.27
N GLY N 8 18.79 -19.32 50.47
CA GLY N 8 19.48 -18.57 51.50
C GLY N 8 18.59 -17.98 52.57
N LYS N 9 19.23 -17.39 53.58
CA LYS N 9 18.49 -16.68 54.62
C LYS N 9 18.77 -15.21 54.43
N TYR N 10 17.73 -14.40 54.39
CA TYR N 10 17.85 -12.98 54.07
C TYR N 10 17.28 -12.08 55.14
N GLN N 11 18.05 -11.09 55.58
CA GLN N 11 17.54 -10.15 56.55
C GLN N 11 17.16 -8.85 55.87
N LEU N 12 15.97 -8.35 56.17
CA LEU N 12 15.50 -7.10 55.62
C LEU N 12 16.44 -5.95 56.00
N GLN N 13 16.84 -5.17 55.00
CA GLN N 13 17.73 -4.03 55.22
C GLN N 13 16.92 -2.75 55.27
N SER N 14 16.02 -2.60 54.31
CA SER N 14 15.16 -1.43 54.29
C SER N 14 13.92 -1.69 53.44
N GLN N 15 12.89 -0.90 53.66
CA GLN N 15 11.68 -1.01 52.87
C GLN N 15 11.00 0.33 52.70
N GLU N 16 10.35 0.51 51.55
CA GLU N 16 9.57 1.70 51.27
C GLU N 16 8.08 1.36 51.17
N ASN N 17 7.24 2.21 51.77
CA ASN N 17 5.79 2.13 51.61
C ASN N 17 5.10 0.94 52.28
N PHE N 18 5.70 0.43 53.34
CA PHE N 18 5.08 -0.62 54.14
C PHE N 18 3.68 -0.21 54.59
N GLU N 19 3.56 0.99 55.13
CA GLU N 19 2.30 1.39 55.75
C GLU N 19 1.23 1.62 54.71
N ALA N 20 1.59 2.30 53.63
CA ALA N 20 0.67 2.58 52.55
C ALA N 20 0.16 1.27 51.93
N PHE N 21 1.07 0.33 51.71
CA PHE N 21 0.70 -0.95 51.15
C PHE N 21 -0.23 -1.72 52.08
N MET N 22 0.16 -1.82 53.35
CA MET N 22 -0.60 -2.57 54.32
C MET N 22 -1.97 -1.97 54.57
N LYS N 23 -2.05 -0.65 54.51
CA LYS N 23 -3.36 0.01 54.60
C LYS N 23 -4.21 -0.41 53.39
N ALA N 24 -3.63 -0.31 52.20
CA ALA N 24 -4.33 -0.56 50.95
C ALA N 24 -4.94 -1.94 50.84
N ILE N 25 -4.40 -2.89 51.59
CA ILE N 25 -4.86 -4.27 51.52
C ILE N 25 -5.71 -4.61 52.73
N GLY N 26 -6.00 -3.61 53.55
CA GLY N 26 -6.96 -3.72 54.63
C GLY N 26 -6.45 -4.27 55.95
N LEU N 27 -5.17 -4.12 56.21
CA LEU N 27 -4.60 -4.52 57.48
C LEU N 27 -4.96 -3.54 58.58
N PRO N 28 -5.37 -4.10 59.73
CA PRO N 28 -5.71 -3.32 60.93
C PRO N 28 -4.57 -2.40 61.27
N GLU N 29 -4.86 -1.15 61.61
CA GLU N 29 -3.80 -0.21 61.96
C GLU N 29 -2.90 -0.77 63.05
N GLU N 30 -3.53 -1.32 64.07
CA GLU N 30 -2.86 -1.96 65.18
C GLU N 30 -1.68 -2.81 64.66
N LEU N 31 -1.96 -3.68 63.70
CA LEU N 31 -0.95 -4.58 63.15
C LEU N 31 0.08 -3.90 62.23
N ILE N 32 -0.29 -2.76 61.64
CA ILE N 32 0.64 -2.01 60.81
C ILE N 32 1.73 -1.33 61.65
N GLN N 33 1.34 -0.74 62.77
CA GLN N 33 2.29 -0.03 63.62
C GLN N 33 3.22 -0.99 64.35
N LYS N 34 2.69 -2.13 64.75
CA LYS N 34 3.48 -3.15 65.40
C LYS N 34 4.53 -3.73 64.46
N GLY N 35 4.17 -3.86 63.18
CA GLY N 35 5.00 -4.53 62.21
C GLY N 35 5.95 -3.70 61.36
N LYS N 36 5.62 -2.42 61.20
CA LYS N 36 6.32 -1.53 60.26
C LYS N 36 7.83 -1.43 60.46
N ASP N 37 8.31 -1.73 61.66
CA ASP N 37 9.73 -1.56 61.95
C ASP N 37 10.49 -2.87 62.17
N ILE N 38 9.77 -3.99 62.15
CA ILE N 38 10.42 -5.29 62.24
C ILE N 38 11.34 -5.53 61.03
N LYS N 39 12.57 -5.94 61.32
CA LYS N 39 13.52 -6.34 60.30
C LYS N 39 13.92 -7.79 60.52
N GLY N 40 13.10 -8.70 60.02
CA GLY N 40 13.26 -10.10 60.30
C GLY N 40 14.03 -10.83 59.22
N VAL N 41 13.97 -12.17 59.29
CA VAL N 41 14.68 -13.03 58.34
C VAL N 41 13.73 -13.90 57.52
N SER N 42 13.85 -13.78 56.20
CA SER N 42 13.10 -14.62 55.27
C SER N 42 14.00 -15.71 54.69
N GLU N 43 13.47 -16.94 54.58
CA GLU N 43 14.26 -18.04 54.05
C GLU N 43 13.71 -18.56 52.73
N ILE N 44 14.60 -18.74 51.76
CA ILE N 44 14.24 -19.42 50.54
C ILE N 44 15.02 -20.71 50.41
N VAL N 45 14.31 -21.79 50.16
CA VAL N 45 14.94 -23.05 49.77
C VAL N 45 14.56 -23.35 48.32
N GLN N 46 15.55 -23.30 47.44
CA GLN N 46 15.33 -23.63 46.03
C GLN N 46 15.91 -25.00 45.69
N ASN N 47 15.03 -25.93 45.29
CA ASN N 47 15.44 -27.25 44.83
C ASN N 47 14.91 -27.40 43.42
N GLY N 48 15.80 -27.22 42.44
CA GLY N 48 15.43 -27.16 41.05
C GLY N 48 14.40 -26.07 40.77
N LYS N 49 13.26 -26.48 40.25
CA LYS N 49 12.20 -25.54 39.86
C LYS N 49 11.28 -25.35 41.05
N HIS N 50 11.64 -26.00 42.16
CA HIS N 50 10.80 -25.92 43.33
C HIS N 50 11.31 -24.91 44.34
N PHE N 51 10.40 -24.12 44.87
CA PHE N 51 10.76 -23.12 45.86
C PHE N 51 9.97 -23.30 47.12
N LYS N 52 10.64 -23.16 48.24
CA LYS N 52 9.92 -23.07 49.53
C LYS N 52 10.26 -21.74 50.21
N PHE N 53 9.24 -20.94 50.50
CA PHE N 53 9.45 -19.63 51.13
C PHE N 53 8.93 -19.60 52.55
N THR N 54 9.76 -19.17 53.49
CA THR N 54 9.30 -18.85 54.84
C THR N 54 9.62 -17.38 55.06
N ILE N 55 8.58 -16.55 54.93
CA ILE N 55 8.77 -15.10 54.86
C ILE N 55 8.32 -14.38 56.12
N THR N 56 9.12 -13.42 56.56
CA THR N 56 8.73 -12.56 57.69
C THR N 56 8.20 -11.23 57.18
N ALA N 57 6.89 -11.06 57.24
CA ALA N 57 6.27 -9.85 56.73
C ALA N 57 5.60 -9.13 57.87
N GLY N 58 6.23 -8.07 58.36
CA GLY N 58 5.73 -7.41 59.55
C GLY N 58 5.75 -8.39 60.71
N SER N 59 4.62 -8.52 61.39
CA SER N 59 4.57 -9.42 62.53
C SER N 59 4.00 -10.78 62.17
N LYS N 60 3.98 -11.09 60.88
CA LYS N 60 3.41 -12.35 60.39
C LYS N 60 4.43 -13.20 59.62
N VAL N 61 4.40 -14.50 59.88
CA VAL N 61 5.20 -15.43 59.08
C VAL N 61 4.37 -16.06 57.98
N ILE N 62 4.82 -15.88 56.74
CA ILE N 62 4.08 -16.35 55.57
C ILE N 62 4.82 -17.52 54.95
N GLN N 63 4.08 -18.57 54.63
CA GLN N 63 4.67 -19.74 54.02
C GLN N 63 4.13 -20.07 52.62
N ASN N 64 5.04 -20.17 51.65
CA ASN N 64 4.70 -20.51 50.28
C ASN N 64 5.60 -21.58 49.69
N GLU N 65 4.99 -22.63 49.13
CA GLU N 65 5.70 -23.63 48.33
C GLU N 65 5.11 -23.64 46.94
N PHE N 66 5.97 -23.73 45.93
CA PHE N 66 5.50 -23.83 44.56
C PHE N 66 6.59 -24.32 43.63
N THR N 67 6.16 -24.77 42.45
CA THR N 67 7.05 -25.05 41.34
C THR N 67 6.77 -24.00 40.25
N VAL N 68 7.82 -23.37 39.73
CA VAL N 68 7.57 -22.31 38.76
C VAL N 68 6.87 -22.86 37.51
N GLY N 69 5.87 -22.14 37.03
CA GLY N 69 5.11 -22.58 35.87
C GLY N 69 3.90 -23.43 36.21
N GLU N 70 3.85 -23.95 37.43
CA GLU N 70 2.70 -24.74 37.86
C GLU N 70 1.75 -23.87 38.65
N GLU N 71 0.47 -24.23 38.66
CA GLU N 71 -0.49 -23.55 39.52
C GLU N 71 -0.15 -23.77 41.00
N CYS N 72 -0.33 -22.74 41.81
CA CYS N 72 -0.01 -22.85 43.23
C CYS N 72 -0.94 -21.96 44.04
N GLU N 73 -0.83 -22.05 45.36
CA GLU N 73 -1.57 -21.17 46.24
C GLU N 73 -0.61 -20.32 47.05
N LEU N 74 -0.72 -19.02 46.88
CA LEU N 74 0.09 -18.10 47.67
C LEU N 74 -0.70 -17.66 48.88
N GLU N 75 -0.02 -17.53 50.01
CA GLU N 75 -0.64 -16.98 51.21
C GLU N 75 -0.55 -15.46 51.25
N THR N 76 -1.63 -14.85 51.65
CA THR N 76 -1.73 -13.41 51.72
C THR N 76 -1.56 -12.91 53.17
N MET N 77 -1.32 -11.60 53.36
CA MET N 77 -1.18 -11.03 54.71
C MET N 77 -2.38 -11.36 55.57
N THR N 78 -3.54 -11.35 54.92
CA THR N 78 -4.82 -11.50 55.60
C THR N 78 -5.15 -12.97 55.96
N GLY N 79 -4.24 -13.90 55.64
CA GLY N 79 -4.44 -15.33 55.88
C GLY N 79 -4.97 -16.14 54.69
N GLU N 80 -5.60 -15.44 53.75
CA GLU N 80 -6.27 -16.02 52.59
C GLU N 80 -5.31 -16.68 51.58
N LYS N 81 -5.77 -17.73 50.90
CA LYS N 81 -4.97 -18.40 49.87
C LYS N 81 -5.50 -18.02 48.48
N VAL N 82 -4.60 -17.69 47.55
CA VAL N 82 -5.02 -17.32 46.21
C VAL N 82 -4.33 -18.15 45.15
N LYS N 83 -5.11 -18.66 44.20
CA LYS N 83 -4.57 -19.44 43.10
C LYS N 83 -3.85 -18.53 42.14
N THR N 84 -2.66 -18.93 41.71
CA THR N 84 -1.91 -18.19 40.72
C THR N 84 -0.73 -19.02 40.23
N VAL N 85 0.18 -18.39 39.49
CA VAL N 85 1.37 -19.06 38.96
C VAL N 85 2.56 -18.14 39.12
N VAL N 86 3.70 -18.69 39.49
CA VAL N 86 4.93 -17.92 39.60
C VAL N 86 5.86 -18.32 38.46
N GLN N 87 6.40 -17.33 37.75
CA GLN N 87 7.30 -17.61 36.64
C GLN N 87 8.73 -17.16 36.94
N LEU N 88 9.71 -17.82 36.30
CA LEU N 88 11.06 -17.29 36.23
C LEU N 88 11.21 -16.39 35.00
N GLU N 89 11.82 -15.22 35.19
CA GLU N 89 12.17 -14.34 34.06
C GLU N 89 13.66 -14.06 34.08
N GLY N 90 14.41 -14.79 33.27
CA GLY N 90 15.85 -14.77 33.40
C GLY N 90 16.14 -15.73 34.54
N ASP N 91 17.36 -15.72 35.04
CA ASP N 91 17.74 -16.68 36.08
C ASP N 91 17.46 -16.14 37.48
N ASN N 92 17.22 -14.83 37.56
CA ASN N 92 17.27 -14.13 38.84
C ASN N 92 16.00 -13.36 39.23
N LYS N 93 14.90 -13.60 38.53
CA LYS N 93 13.66 -12.85 38.74
C LYS N 93 12.46 -13.78 38.85
N LEU N 94 11.78 -13.74 39.99
CA LEU N 94 10.50 -14.44 40.14
C LEU N 94 9.40 -13.42 39.97
N VAL N 95 8.41 -13.73 39.15
CA VAL N 95 7.36 -12.78 38.82
C VAL N 95 6.01 -13.44 38.98
N THR N 96 5.07 -12.71 39.58
CA THR N 96 3.70 -13.23 39.76
C THR N 96 2.66 -12.14 40.05
N THR N 97 1.39 -12.53 40.03
CA THR N 97 0.29 -11.62 40.26
C THR N 97 -0.77 -12.32 41.07
N PHE N 98 -1.32 -11.60 42.05
CA PHE N 98 -2.42 -12.11 42.86
C PHE N 98 -3.15 -10.93 43.49
N LYS N 99 -4.47 -10.98 43.50
CA LYS N 99 -5.29 -9.93 44.09
C LYS N 99 -4.87 -8.53 43.60
N ASN N 100 -4.62 -8.41 42.30
CA ASN N 100 -4.22 -7.14 41.67
C ASN N 100 -2.88 -6.60 42.11
N ILE N 101 -2.05 -7.46 42.69
CA ILE N 101 -0.70 -7.08 43.08
C ILE N 101 0.27 -7.67 42.11
N LYS N 102 1.12 -6.81 41.54
CA LYS N 102 2.16 -7.29 40.65
C LYS N 102 3.44 -7.43 41.49
N SER N 103 4.01 -8.62 41.48
CA SER N 103 5.16 -8.91 42.34
C SER N 103 6.38 -9.33 41.54
N VAL N 104 7.51 -8.69 41.82
CA VAL N 104 8.77 -9.04 41.19
C VAL N 104 9.86 -9.19 42.24
N THR N 105 10.42 -10.40 42.33
CA THR N 105 11.45 -10.71 43.31
C THR N 105 12.75 -10.98 42.56
N GLU N 106 13.73 -10.10 42.74
CA GLU N 106 14.95 -10.19 41.96
C GLU N 106 16.20 -10.37 42.83
N LEU N 107 17.05 -11.31 42.45
CA LEU N 107 18.28 -11.56 43.19
C LEU N 107 19.52 -11.05 42.44
N ASN N 108 20.32 -10.23 43.11
CA ASN N 108 21.59 -9.73 42.56
C ASN N 108 22.68 -9.96 43.58
N GLY N 109 23.41 -11.04 43.42
CA GLY N 109 24.47 -11.39 44.34
C GLY N 109 23.90 -11.80 45.70
N ASP N 110 24.01 -10.92 46.68
CA ASP N 110 23.52 -11.22 48.02
C ASP N 110 22.29 -10.38 48.35
N ILE N 111 21.86 -9.54 47.42
CA ILE N 111 20.75 -8.63 47.65
C ILE N 111 19.49 -9.08 46.91
N ILE N 112 18.42 -9.34 47.65
CA ILE N 112 17.11 -9.56 47.02
C ILE N 112 16.31 -8.27 47.08
N THR N 113 15.70 -7.93 45.95
CA THR N 113 14.82 -6.78 45.85
C THR N 113 13.43 -7.26 45.55
N ASN N 114 12.55 -7.17 46.54
CA ASN N 114 11.16 -7.57 46.39
C ASN N 114 10.27 -6.36 46.16
N THR N 115 9.68 -6.29 44.97
CA THR N 115 8.84 -5.14 44.61
C THR N 115 7.41 -5.57 44.36
N MET N 116 6.48 -5.04 45.14
CA MET N 116 5.08 -5.35 45.00
C MET N 116 4.27 -4.11 44.68
N THR N 117 3.53 -4.15 43.59
CA THR N 117 2.81 -2.98 43.10
C THR N 117 1.31 -3.19 43.15
N LEU N 118 0.62 -2.27 43.81
CA LEU N 118 -0.82 -2.36 43.99
C LEU N 118 -1.41 -0.98 43.76
N GLY N 119 -2.08 -0.81 42.63
CA GLY N 119 -2.51 0.52 42.25
C GLY N 119 -1.26 1.31 41.96
N ASP N 120 -1.13 2.48 42.57
CA ASP N 120 0.06 3.28 42.31
C ASP N 120 1.06 3.18 43.46
N ILE N 121 0.85 2.23 44.35
CA ILE N 121 1.71 2.03 45.52
C ILE N 121 2.80 1.02 45.21
N VAL N 122 4.05 1.45 45.31
CA VAL N 122 5.17 0.55 45.08
C VAL N 122 5.82 0.19 46.40
N PHE N 123 5.52 -1.02 46.85
CA PHE N 123 6.03 -1.55 48.10
C PHE N 123 7.33 -2.25 47.77
N LYS N 124 8.45 -1.71 48.22
CA LYS N 124 9.77 -2.26 47.87
C LYS N 124 10.56 -2.69 49.10
N ARG N 125 11.04 -3.93 49.11
CA ARG N 125 11.80 -4.47 50.24
C ARG N 125 13.17 -4.92 49.78
N ILE N 126 14.20 -4.59 50.55
CA ILE N 126 15.55 -4.95 50.18
C ILE N 126 16.20 -5.76 51.30
N SER N 127 16.57 -7.00 50.98
CA SER N 127 17.13 -7.92 51.96
C SER N 127 18.51 -8.38 51.56
N LYS N 128 19.32 -8.76 52.55
CA LYS N 128 20.69 -9.18 52.30
C LYS N 128 20.93 -10.57 52.87
N ARG N 129 21.64 -11.41 52.13
CA ARG N 129 21.93 -12.76 52.60
C ARG N 129 22.77 -12.70 53.87
N ILE N 130 22.47 -13.57 54.83
CA ILE N 130 23.26 -13.64 56.06
C ILE N 130 24.05 -14.97 56.18
N MET O 4 -12.27 46.21 37.10
CA MET O 4 -13.28 45.76 38.05
C MET O 4 -12.97 44.35 38.54
N SER O 5 -12.85 44.19 39.85
CA SER O 5 -12.48 42.90 40.45
C SER O 5 -13.70 42.18 41.00
N PHE O 6 -13.84 40.89 40.71
CA PHE O 6 -14.87 40.10 41.34
C PHE O 6 -14.45 39.75 42.76
N SER O 7 -13.16 39.92 43.06
CA SER O 7 -12.62 39.50 44.35
C SER O 7 -13.45 39.96 45.54
N GLY O 8 -13.74 39.06 46.45
CA GLY O 8 -14.46 39.41 47.66
C GLY O 8 -15.13 38.24 48.37
N LYS O 9 -15.73 38.53 49.51
CA LYS O 9 -16.54 37.53 50.19
C LYS O 9 -17.99 37.98 50.12
N TYR O 10 -18.88 37.09 49.72
CA TYR O 10 -20.28 37.47 49.45
C TYR O 10 -21.24 36.61 50.26
N GLN O 11 -22.19 37.26 50.93
CA GLN O 11 -23.23 36.54 51.65
C GLN O 11 -24.54 36.52 50.87
N LEU O 12 -25.11 35.34 50.73
CA LEU O 12 -26.39 35.19 50.04
C LEU O 12 -27.45 36.05 50.71
N GLN O 13 -28.14 36.85 49.90
CA GLN O 13 -29.22 37.70 50.41
C GLN O 13 -30.56 37.03 50.18
N SER O 14 -30.77 36.56 48.95
CA SER O 14 -31.98 35.84 48.60
C SER O 14 -31.77 34.94 47.38
N GLN O 15 -32.68 33.99 47.19
CA GLN O 15 -32.62 33.12 46.03
C GLN O 15 -34.00 32.63 45.62
N GLU O 16 -34.17 32.43 44.32
CA GLU O 16 -35.42 31.94 43.79
C GLU O 16 -35.20 30.58 43.16
N ASN O 17 -36.14 29.67 43.40
CA ASN O 17 -36.16 28.36 42.74
C ASN O 17 -35.07 27.38 43.14
N PHE O 18 -34.55 27.50 44.37
CA PHE O 18 -33.57 26.56 44.89
C PHE O 18 -34.10 25.14 44.83
N GLU O 19 -35.32 24.93 45.29
CA GLU O 19 -35.86 23.59 45.42
C GLU O 19 -36.13 22.98 44.05
N ALA O 20 -36.74 23.77 43.17
CA ALA O 20 -37.05 23.29 41.83
C ALA O 20 -35.78 22.89 41.09
N PHE O 21 -34.75 23.73 41.20
CA PHE O 21 -33.48 23.47 40.55
C PHE O 21 -32.80 22.20 41.11
N MET O 22 -32.68 22.13 42.42
CA MET O 22 -32.05 21.00 43.07
C MET O 22 -32.79 19.68 42.81
N LYS O 23 -34.10 19.71 42.76
CA LYS O 23 -34.85 18.51 42.41
C LYS O 23 -34.53 18.12 40.97
N ALA O 24 -34.56 19.09 40.05
CA ALA O 24 -34.29 18.87 38.61
C ALA O 24 -32.94 18.22 38.32
N ILE O 25 -31.97 18.44 39.19
CA ILE O 25 -30.63 17.89 38.97
C ILE O 25 -30.40 16.61 39.74
N GLY O 26 -31.43 16.16 40.45
CA GLY O 26 -31.44 14.87 41.11
C GLY O 26 -31.00 14.80 42.56
N LEU O 27 -31.05 15.92 43.29
CA LEU O 27 -30.66 15.92 44.70
C LEU O 27 -31.84 15.35 45.54
N PRO O 28 -31.60 14.53 46.57
CA PRO O 28 -32.79 14.06 47.34
C PRO O 28 -33.51 15.10 48.23
N GLU O 29 -34.77 14.82 48.55
CA GLU O 29 -35.62 15.78 49.26
C GLU O 29 -35.21 16.12 50.70
N GLU O 30 -34.81 15.11 51.47
CA GLU O 30 -34.27 15.39 52.79
C GLU O 30 -33.16 16.46 52.73
N LEU O 31 -32.26 16.33 51.76
CA LEU O 31 -31.09 17.20 51.66
C LEU O 31 -31.39 18.62 51.11
N ILE O 32 -32.27 18.68 50.10
CA ILE O 32 -32.81 19.95 49.60
C ILE O 32 -33.44 20.75 50.74
N GLN O 33 -34.09 20.05 51.67
CA GLN O 33 -34.77 20.70 52.78
C GLN O 33 -33.77 21.24 53.79
N LYS O 34 -32.70 20.48 54.03
CA LYS O 34 -31.64 20.93 54.94
C LYS O 34 -30.98 22.20 54.42
N GLY O 35 -30.83 22.32 53.10
CA GLY O 35 -30.01 23.37 52.52
C GLY O 35 -30.73 24.59 51.99
N LYS O 36 -32.03 24.45 51.71
CA LYS O 36 -32.80 25.50 51.05
C LYS O 36 -32.78 26.86 51.77
N ASP O 37 -32.48 26.85 53.06
CA ASP O 37 -32.56 28.08 53.86
C ASP O 37 -31.21 28.58 54.35
N ILE O 38 -30.15 27.84 54.03
CA ILE O 38 -28.80 28.27 54.37
C ILE O 38 -28.43 29.52 53.58
N LYS O 39 -27.93 30.53 54.29
CA LYS O 39 -27.44 31.75 53.67
C LYS O 39 -25.98 31.93 54.05
N GLY O 40 -25.12 31.21 53.33
CA GLY O 40 -23.70 31.17 53.66
C GLY O 40 -22.88 32.22 52.92
N VAL O 41 -21.56 32.04 52.99
CA VAL O 41 -20.63 32.98 52.36
C VAL O 41 -19.82 32.31 51.25
N SER O 42 -19.85 32.91 50.07
CA SER O 42 -19.04 32.46 48.95
C SER O 42 -17.86 33.39 48.76
N GLU O 43 -16.68 32.83 48.49
CA GLU O 43 -15.52 33.67 48.23
C GLU O 43 -15.01 33.57 46.79
N ILE O 44 -14.66 34.72 46.22
CA ILE O 44 -13.99 34.77 44.92
C ILE O 44 -12.62 35.42 45.07
N VAL O 45 -11.61 34.74 44.59
CA VAL O 45 -10.29 35.36 44.46
C VAL O 45 -9.98 35.50 42.97
N GLN O 46 -9.90 36.74 42.51
CA GLN O 46 -9.59 37.00 41.11
C GLN O 46 -8.18 37.55 40.92
N ASN O 47 -7.44 36.83 40.09
CA ASN O 47 -6.14 37.25 39.60
C ASN O 47 -6.18 37.34 38.08
N GLY O 48 -6.35 38.56 37.58
CA GLY O 48 -6.55 38.75 36.15
C GLY O 48 -7.66 37.89 35.60
N LYS O 49 -7.31 36.99 34.70
CA LYS O 49 -8.26 36.13 34.04
C LYS O 49 -8.39 34.85 34.84
N HIS O 50 -7.63 34.76 35.92
CA HIS O 50 -7.69 33.58 36.76
C HIS O 50 -8.64 33.81 37.93
N PHE O 51 -9.39 32.77 38.26
CA PHE O 51 -10.42 32.85 39.30
C PHE O 51 -10.36 31.62 40.19
N LYS O 52 -10.48 31.84 41.49
CA LYS O 52 -10.68 30.75 42.44
C LYS O 52 -12.00 30.96 43.16
N PHE O 53 -12.91 30.00 43.06
CA PHE O 53 -14.21 30.10 43.73
C PHE O 53 -14.29 29.12 44.89
N THR O 54 -14.67 29.61 46.05
CA THR O 54 -15.11 28.75 47.16
C THR O 54 -16.57 29.08 47.48
N ILE O 55 -17.49 28.28 46.95
CA ILE O 55 -18.91 28.57 46.97
C ILE O 55 -19.69 27.73 47.98
N THR O 56 -20.58 28.38 48.72
CA THR O 56 -21.52 27.68 49.60
C THR O 56 -22.84 27.49 48.90
N ALA O 57 -23.13 26.27 48.47
CA ALA O 57 -24.39 26.00 47.80
C ALA O 57 -25.18 25.02 48.62
N GLY O 58 -26.21 25.51 49.31
CA GLY O 58 -26.96 24.68 50.24
C GLY O 58 -26.00 24.22 51.33
N SER O 59 -25.98 22.93 51.58
CA SER O 59 -25.14 22.41 52.65
C SER O 59 -23.81 21.94 52.12
N LYS O 60 -23.48 22.32 50.89
CA LYS O 60 -22.26 21.83 50.24
C LYS O 60 -21.30 22.98 49.91
N VAL O 61 -20.01 22.76 50.13
CA VAL O 61 -19.00 23.71 49.68
C VAL O 61 -18.37 23.25 48.36
N ILE O 62 -18.47 24.12 47.34
CA ILE O 62 -18.03 23.79 45.99
C ILE O 62 -16.78 24.60 45.66
N GLN O 63 -15.77 23.93 45.12
CA GLN O 63 -14.53 24.62 44.76
C GLN O 63 -14.19 24.56 43.25
N ASN O 64 -13.95 25.73 42.68
CA ASN O 64 -13.62 25.85 41.27
C ASN O 64 -12.46 26.83 41.06
N GLU O 65 -11.44 26.39 40.31
CA GLU O 65 -10.38 27.26 39.83
C GLU O 65 -10.37 27.19 38.33
N PHE O 66 -10.20 28.33 37.70
CA PHE O 66 -10.07 28.37 36.25
C PHE O 66 -9.45 29.67 35.75
N THR O 67 -9.03 29.66 34.50
CA THR O 67 -8.63 30.86 33.81
C THR O 67 -9.62 31.04 32.68
N VAL O 68 -10.18 32.24 32.53
CA VAL O 68 -11.22 32.43 31.52
C VAL O 68 -10.66 32.16 30.13
N GLY O 69 -11.44 31.45 29.31
CA GLY O 69 -11.05 31.14 27.96
C GLY O 69 -10.31 29.82 27.84
N GLU O 70 -9.84 29.30 28.97
CA GLU O 70 -9.16 28.00 28.97
C GLU O 70 -10.13 26.91 29.39
N GLU O 71 -9.88 25.69 28.95
CA GLU O 71 -10.68 24.56 29.38
C GLU O 71 -10.45 24.35 30.88
N CYS O 72 -11.52 23.97 31.59
CA CYS O 72 -11.43 23.73 33.03
C CYS O 72 -12.43 22.65 33.45
N GLU O 73 -12.37 22.29 34.73
CA GLU O 73 -13.35 21.37 35.28
C GLU O 73 -14.14 22.05 36.38
N LEU O 74 -15.46 22.09 36.21
CA LEU O 74 -16.34 22.67 37.22
C LEU O 74 -16.90 21.56 38.07
N GLU O 75 -17.00 21.82 39.38
CA GLU O 75 -17.66 20.87 40.27
C GLU O 75 -19.16 21.12 40.34
N THR O 76 -19.90 20.02 40.29
CA THR O 76 -21.34 20.04 40.31
C THR O 76 -21.86 19.74 41.71
N MET O 77 -23.15 19.98 41.96
CA MET O 77 -23.75 19.65 43.26
C MET O 77 -23.58 18.19 43.60
N THR O 78 -23.66 17.33 42.58
CA THR O 78 -23.61 15.89 42.76
C THR O 78 -22.19 15.32 42.94
N GLY O 79 -21.18 16.19 42.98
CA GLY O 79 -19.80 15.79 43.21
C GLY O 79 -18.97 15.65 41.93
N GLU O 80 -19.69 15.47 40.83
CA GLU O 80 -19.13 15.26 39.50
C GLU O 80 -18.35 16.44 38.91
N LYS O 81 -17.31 16.15 38.12
CA LYS O 81 -16.51 17.18 37.47
C LYS O 81 -16.87 17.23 35.99
N VAL O 82 -17.15 18.41 35.45
CA VAL O 82 -17.49 18.52 34.04
C VAL O 82 -16.56 19.46 33.27
N LYS O 83 -16.09 19.01 32.11
CA LYS O 83 -15.20 19.83 31.29
C LYS O 83 -16.01 20.92 30.63
N THR O 84 -15.51 22.16 30.70
CA THR O 84 -16.13 23.27 29.98
C THR O 84 -15.18 24.47 29.93
N VAL O 85 -15.70 25.63 29.52
CA VAL O 85 -14.94 26.86 29.47
C VAL O 85 -15.79 27.99 30.03
N VAL O 86 -15.17 28.88 30.80
CA VAL O 86 -15.83 30.05 31.34
C VAL O 86 -15.34 31.30 30.60
N GLN O 87 -16.26 32.13 30.15
CA GLN O 87 -15.89 33.35 29.43
C GLN O 87 -16.23 34.62 30.20
N LEU O 88 -15.48 35.70 29.93
CA LEU O 88 -15.88 37.04 30.35
C LEU O 88 -16.69 37.69 29.25
N GLU O 89 -17.82 38.29 29.62
CA GLU O 89 -18.63 39.08 28.71
C GLU O 89 -18.77 40.48 29.26
N GLY O 90 -17.96 41.40 28.76
CA GLY O 90 -17.86 42.69 29.39
C GLY O 90 -16.93 42.48 30.57
N ASP O 91 -16.88 43.45 31.48
CA ASP O 91 -15.94 43.36 32.59
C ASP O 91 -16.54 42.66 33.80
N ASN O 92 -17.86 42.49 33.78
CA ASN O 92 -18.60 42.15 34.99
C ASN O 92 -19.49 40.89 34.89
N LYS O 93 -19.26 40.06 33.88
CA LYS O 93 -20.14 38.94 33.60
C LYS O 93 -19.34 37.69 33.30
N LEU O 94 -19.47 36.67 34.12
CA LEU O 94 -18.90 35.36 33.82
C LEU O 94 -20.01 34.47 33.27
N VAL O 95 -19.74 33.82 32.14
CA VAL O 95 -20.76 33.04 31.46
C VAL O 95 -20.21 31.66 31.12
N THR O 96 -21.02 30.62 31.35
CA THR O 96 -20.59 29.26 31.02
C THR O 96 -21.77 28.31 30.90
N THR O 97 -21.48 27.09 30.44
CA THR O 97 -22.49 26.06 30.28
C THR O 97 -21.92 24.70 30.66
N PHE O 98 -22.71 23.90 31.37
CA PHE O 98 -22.32 22.55 31.73
C PHE O 98 -23.56 21.75 32.04
N LYS O 99 -23.62 20.52 31.55
CA LYS O 99 -24.75 19.62 31.84
C LYS O 99 -26.10 20.27 31.50
N ASN O 100 -26.17 20.97 30.38
CA ASN O 100 -27.39 21.71 29.99
C ASN O 100 -27.84 22.85 30.90
N ILE O 101 -26.93 23.34 31.72
CA ILE O 101 -27.23 24.47 32.59
C ILE O 101 -26.55 25.68 31.99
N LYS O 102 -27.29 26.76 31.83
CA LYS O 102 -26.67 27.98 31.38
C LYS O 102 -26.46 28.80 32.62
N SER O 103 -25.25 29.34 32.75
CA SER O 103 -24.83 30.04 33.97
C SER O 103 -24.30 31.43 33.65
N VAL O 104 -24.89 32.46 34.28
CA VAL O 104 -24.40 33.82 34.14
C VAL O 104 -24.20 34.45 35.50
N THR O 105 -22.97 34.84 35.79
CA THR O 105 -22.61 35.44 37.08
C THR O 105 -22.23 36.89 36.86
N GLU O 106 -23.04 37.82 37.38
CA GLU O 106 -22.84 39.22 37.06
C GLU O 106 -22.60 40.06 38.32
N LEU O 107 -21.60 40.93 38.27
CA LEU O 107 -21.29 41.78 39.42
C LEU O 107 -21.66 43.24 39.14
N ASN O 108 -22.42 43.83 40.07
CA ASN O 108 -22.79 45.23 39.97
C ASN O 108 -22.51 45.88 41.31
N GLY O 109 -21.36 46.54 41.42
CA GLY O 109 -20.97 47.17 42.66
C GLY O 109 -20.65 46.14 43.73
N ASP O 110 -21.58 45.95 44.66
CA ASP O 110 -21.39 45.02 45.76
C ASP O 110 -22.33 43.83 45.67
N ILE O 111 -23.13 43.81 44.62
CA ILE O 111 -24.12 42.76 44.43
C ILE O 111 -23.76 41.83 43.28
N ILE O 112 -23.62 40.54 43.59
CA ILE O 112 -23.49 39.52 42.55
C ILE O 112 -24.83 38.84 42.30
N THR O 113 -25.15 38.69 41.01
CA THR O 113 -26.37 38.00 40.64
C THR O 113 -25.97 36.76 39.88
N ASN O 114 -26.21 35.61 40.47
CA ASN O 114 -25.91 34.35 39.82
C ASN O 114 -27.16 33.69 39.32
N THR O 115 -27.27 33.58 38.00
CA THR O 115 -28.46 33.04 37.36
C THR O 115 -28.12 31.76 36.61
N MET O 116 -28.74 30.67 37.02
CA MET O 116 -28.51 29.38 36.36
C MET O 116 -29.80 28.85 35.78
N THR O 117 -29.77 28.55 34.49
CA THR O 117 -30.98 28.14 33.78
C THR O 117 -30.89 26.70 33.30
N LEU O 118 -31.86 25.89 33.73
CA LEU O 118 -31.94 24.48 33.36
C LEU O 118 -33.36 24.15 32.91
N GLY O 119 -33.53 23.92 31.61
CA GLY O 119 -34.86 23.81 31.06
C GLY O 119 -35.61 25.11 31.29
N ASP O 120 -36.77 25.00 31.93
CA ASP O 120 -37.62 26.16 32.19
C ASP O 120 -37.48 26.63 33.65
N ILE O 121 -36.37 26.27 34.27
CA ILE O 121 -36.14 26.68 35.65
C ILE O 121 -35.06 27.75 35.72
N VAL O 122 -35.39 28.89 36.29
CA VAL O 122 -34.41 29.91 36.46
C VAL O 122 -34.07 30.03 37.94
N PHE O 123 -32.92 29.46 38.27
CA PHE O 123 -32.38 29.47 39.62
C PHE O 123 -31.54 30.74 39.78
N LYS O 124 -32.01 31.67 40.59
CA LYS O 124 -31.34 32.97 40.70
C LYS O 124 -30.88 33.23 42.14
N ARG O 125 -29.62 33.58 42.33
CA ARG O 125 -29.09 33.86 43.67
C ARG O 125 -28.53 35.26 43.70
N ILE O 126 -28.78 35.96 44.81
CA ILE O 126 -28.31 37.33 44.92
C ILE O 126 -27.49 37.48 46.18
N SER O 127 -26.22 37.87 46.03
CA SER O 127 -25.30 37.95 47.16
C SER O 127 -24.73 39.34 47.28
N LYS O 128 -24.32 39.71 48.49
CA LYS O 128 -23.79 41.05 48.75
C LYS O 128 -22.42 40.96 49.40
N ARG O 129 -21.49 41.80 48.95
CA ARG O 129 -20.14 41.79 49.51
C ARG O 129 -20.16 42.17 50.98
N ILE O 130 -19.35 41.47 51.80
CA ILE O 130 -19.26 41.77 53.24
C ILE O 130 -17.90 42.32 53.63
N SER P 2 -41.83 16.87 11.66
CA SER P 2 -41.54 15.84 12.66
C SER P 2 -41.58 14.44 12.03
N HIS P 3 -40.42 13.83 11.90
CA HIS P 3 -40.31 12.47 11.35
C HIS P 3 -40.43 11.37 12.40
N MET P 4 -40.38 10.11 11.95
CA MET P 4 -40.48 8.96 12.84
C MET P 4 -39.14 8.61 13.47
N SER P 5 -39.14 8.48 14.80
CA SER P 5 -37.90 8.32 15.56
C SER P 5 -37.76 7.01 16.30
N PHE P 6 -36.60 6.40 16.14
CA PHE P 6 -36.20 5.20 16.86
C PHE P 6 -35.61 5.58 18.20
N SER P 7 -35.33 6.86 18.40
CA SER P 7 -34.66 7.33 19.61
C SER P 7 -35.26 6.77 20.88
N GLY P 8 -34.41 6.25 21.76
CA GLY P 8 -34.84 5.78 23.05
C GLY P 8 -33.91 4.81 23.74
N LYS P 9 -34.30 4.38 24.92
CA LYS P 9 -33.58 3.35 25.63
C LYS P 9 -34.49 2.13 25.71
N TYR P 10 -33.95 0.98 25.33
CA TYR P 10 -34.75 -0.25 25.20
C TYR P 10 -34.23 -1.41 26.05
N GLN P 11 -35.10 -2.02 26.85
CA GLN P 11 -34.69 -3.17 27.61
C GLN P 11 -35.18 -4.43 26.95
N LEU P 12 -34.27 -5.38 26.74
CA LEU P 12 -34.61 -6.69 26.19
C LEU P 12 -35.69 -7.38 27.01
N GLN P 13 -36.74 -7.81 26.33
CA GLN P 13 -37.84 -8.54 27.00
C GLN P 13 -37.66 -10.05 26.84
N SER P 14 -37.36 -10.47 25.61
CA SER P 14 -37.14 -11.87 25.32
C SER P 14 -36.32 -12.04 24.05
N GLN P 15 -35.69 -13.20 23.90
CA GLN P 15 -34.96 -13.50 22.69
C GLN P 15 -35.00 -15.00 22.37
N GLU P 16 -34.97 -15.31 21.07
CA GLU P 16 -34.93 -16.68 20.62
C GLU P 16 -33.62 -16.95 19.91
N ASN P 17 -33.04 -18.12 20.18
CA ASN P 17 -31.86 -18.62 19.45
C ASN P 17 -30.56 -17.88 19.70
N PHE P 18 -30.43 -17.28 20.88
CA PHE P 18 -29.16 -16.64 21.27
C PHE P 18 -27.98 -17.61 21.19
N GLU P 19 -28.17 -18.81 21.73
CA GLU P 19 -27.07 -19.75 21.81
C GLU P 19 -26.66 -20.28 20.45
N ALA P 20 -27.66 -20.69 19.66
CA ALA P 20 -27.43 -21.19 18.32
C ALA P 20 -26.73 -20.14 17.46
N PHE P 21 -27.19 -18.91 17.55
CA PHE P 21 -26.61 -17.84 16.77
C PHE P 21 -25.16 -17.57 17.19
N MET P 22 -24.94 -17.46 18.50
CA MET P 22 -23.61 -17.16 19.02
C MET P 22 -22.60 -18.28 18.74
N LYS P 23 -23.05 -19.53 18.81
CA LYS P 23 -22.19 -20.65 18.41
C LYS P 23 -21.86 -20.59 16.90
N ALA P 24 -22.88 -20.29 16.09
CA ALA P 24 -22.69 -20.21 14.63
C ALA P 24 -21.66 -19.17 14.17
N ILE P 25 -21.41 -18.16 14.99
CA ILE P 25 -20.50 -17.08 14.64
C ILE P 25 -19.17 -17.25 15.35
N GLY P 26 -19.05 -18.33 16.12
CA GLY P 26 -17.78 -18.72 16.70
C GLY P 26 -17.47 -18.13 18.06
N LEU P 27 -18.50 -17.83 18.84
CA LEU P 27 -18.29 -17.36 20.21
C LEU P 27 -18.01 -18.54 21.16
N PRO P 28 -17.00 -18.39 22.05
CA PRO P 28 -16.66 -19.44 23.03
C PRO P 28 -17.85 -19.88 23.88
N GLU P 29 -17.89 -21.15 24.26
CA GLU P 29 -19.02 -21.70 25.03
C GLU P 29 -19.18 -20.99 26.38
N GLU P 30 -18.04 -20.59 26.93
CA GLU P 30 -17.95 -19.88 28.20
C GLU P 30 -18.79 -18.60 28.17
N LEU P 31 -18.45 -17.73 27.21
CA LEU P 31 -19.13 -16.44 27.03
C LEU P 31 -20.62 -16.62 26.77
N ILE P 32 -20.95 -17.54 25.86
CA ILE P 32 -22.34 -17.82 25.51
C ILE P 32 -23.20 -18.10 26.74
N GLN P 33 -22.66 -18.89 27.66
CA GLN P 33 -23.38 -19.20 28.88
C GLN P 33 -23.49 -18.00 29.84
N LYS P 34 -22.42 -17.22 29.90
CA LYS P 34 -22.42 -16.02 30.75
C LYS P 34 -23.47 -15.03 30.25
N GLY P 35 -23.59 -14.91 28.92
CA GLY P 35 -24.36 -13.85 28.29
C GLY P 35 -25.81 -14.16 27.97
N LYS P 36 -26.12 -15.44 27.79
CA LYS P 36 -27.42 -15.88 27.28
C LYS P 36 -28.63 -15.37 28.06
N ASP P 37 -28.44 -15.01 29.32
CA ASP P 37 -29.57 -14.62 30.16
C ASP P 37 -29.58 -13.14 30.55
N ILE P 38 -28.54 -12.41 30.14
CA ILE P 38 -28.51 -10.97 30.38
C ILE P 38 -29.63 -10.24 29.63
N LYS P 39 -30.37 -9.42 30.35
CA LYS P 39 -31.40 -8.59 29.75
C LYS P 39 -31.05 -7.13 29.99
N GLY P 40 -30.16 -6.60 29.16
CA GLY P 40 -29.65 -5.25 29.36
C GLY P 40 -30.40 -4.19 28.61
N VAL P 41 -29.80 -3.00 28.54
CA VAL P 41 -30.44 -1.86 27.92
C VAL P 41 -29.64 -1.39 26.72
N SER P 42 -30.31 -1.28 25.56
CA SER P 42 -29.70 -0.73 24.35
C SER P 42 -30.21 0.69 24.11
N GLU P 43 -29.33 1.57 23.68
CA GLU P 43 -29.77 2.93 23.40
C GLU P 43 -29.64 3.32 21.92
N ILE P 44 -30.66 3.97 21.40
CA ILE P 44 -30.58 4.52 20.06
C ILE P 44 -30.73 6.03 20.13
N VAL P 45 -29.80 6.75 19.52
CA VAL P 45 -29.99 8.18 19.31
C VAL P 45 -30.13 8.46 17.81
N GLN P 46 -31.31 8.95 17.42
CA GLN P 46 -31.56 9.22 16.01
C GLN P 46 -31.69 10.72 15.77
N ASN P 47 -30.87 11.27 14.88
CA ASN P 47 -31.09 12.64 14.40
C ASN P 47 -31.27 12.62 12.89
N GLY P 48 -32.45 13.03 12.44
CA GLY P 48 -32.80 12.85 11.05
C GLY P 48 -32.52 11.42 10.66
N LYS P 49 -31.71 11.24 9.62
CA LYS P 49 -31.37 9.91 9.13
C LYS P 49 -30.01 9.43 9.66
N HIS P 50 -29.51 10.10 10.70
CA HIS P 50 -28.27 9.71 11.36
C HIS P 50 -28.53 8.96 12.69
N PHE P 51 -27.84 7.82 12.88
CA PHE P 51 -28.08 6.94 14.03
C PHE P 51 -26.83 6.68 14.86
N LYS P 52 -26.98 6.69 16.18
CA LYS P 52 -25.95 6.20 17.07
C LYS P 52 -26.51 5.07 17.91
N PHE P 53 -25.90 3.89 17.83
CA PHE P 53 -26.32 2.75 18.63
C PHE P 53 -25.32 2.40 19.74
N THR P 54 -25.83 2.24 20.96
CA THR P 54 -25.05 1.63 22.04
C THR P 54 -25.84 0.41 22.52
N ILE P 55 -25.40 -0.77 22.06
CA ILE P 55 -26.15 -2.00 22.17
C ILE P 55 -25.55 -2.96 23.17
N THR P 56 -26.41 -3.58 23.98
CA THR P 56 -25.98 -4.59 24.93
C THR P 56 -26.30 -5.96 24.37
N ALA P 57 -25.26 -6.67 23.94
CA ALA P 57 -25.44 -7.98 23.34
C ALA P 57 -24.73 -9.03 24.15
N GLY P 58 -25.48 -9.75 24.97
CA GLY P 58 -24.87 -10.67 25.92
C GLY P 58 -24.03 -9.88 26.90
N SER P 59 -22.77 -10.23 27.01
CA SER P 59 -21.91 -9.58 27.99
C SER P 59 -21.03 -8.53 27.31
N LYS P 60 -21.39 -8.17 26.08
CA LYS P 60 -20.61 -7.20 25.32
C LYS P 60 -21.43 -5.96 24.97
N VAL P 61 -20.78 -4.79 25.03
CA VAL P 61 -21.40 -3.56 24.58
C VAL P 61 -20.87 -3.20 23.19
N ILE P 62 -21.79 -3.09 22.24
CA ILE P 62 -21.46 -2.85 20.85
C ILE P 62 -21.83 -1.45 20.47
N GLN P 63 -20.94 -0.75 19.78
CA GLN P 63 -21.20 0.62 19.37
C GLN P 63 -21.16 0.84 17.86
N ASN P 64 -22.23 1.43 17.32
CA ASN P 64 -22.35 1.72 15.90
C ASN P 64 -22.90 3.14 15.66
N GLU P 65 -22.22 3.90 14.81
CA GLU P 65 -22.73 5.17 14.27
C GLU P 65 -22.78 5.08 12.76
N PHE P 66 -23.86 5.59 12.18
CA PHE P 66 -23.97 5.60 10.73
C PHE P 66 -25.06 6.56 10.25
N THR P 67 -24.99 6.90 8.97
CA THR P 67 -26.06 7.61 8.29
C THR P 67 -26.65 6.63 7.29
N VAL P 68 -27.97 6.52 7.25
CA VAL P 68 -28.58 5.52 6.35
C VAL P 68 -28.26 5.88 4.91
N GLY P 69 -27.89 4.88 4.13
CA GLY P 69 -27.57 5.09 2.73
C GLY P 69 -26.09 5.33 2.48
N GLU P 70 -25.35 5.67 3.54
CA GLU P 70 -23.91 5.87 3.42
C GLU P 70 -23.17 4.61 3.85
N GLU P 71 -21.97 4.43 3.32
CA GLU P 71 -21.14 3.33 3.76
C GLU P 71 -20.75 3.55 5.24
N CYS P 72 -20.71 2.48 6.02
CA CYS P 72 -20.34 2.58 7.43
C CYS P 72 -19.63 1.32 7.87
N GLU P 73 -19.18 1.32 9.11
CA GLU P 73 -18.55 0.14 9.70
C GLU P 73 -19.35 -0.31 10.89
N LEU P 74 -19.82 -1.55 10.84
CA LEU P 74 -20.57 -2.13 11.94
C LEU P 74 -19.63 -2.96 12.78
N GLU P 75 -19.85 -2.95 14.08
CA GLU P 75 -19.06 -3.78 14.97
C GLU P 75 -19.75 -5.11 15.16
N THR P 76 -18.95 -6.16 15.18
CA THR P 76 -19.42 -7.53 15.31
C THR P 76 -19.20 -8.01 16.73
N MET P 77 -19.79 -9.15 17.09
CA MET P 77 -19.61 -9.72 18.43
C MET P 77 -18.14 -9.97 18.71
N THR P 78 -17.44 -10.40 17.67
CA THR P 78 -16.05 -10.83 17.77
C THR P 78 -15.06 -9.65 17.83
N GLY P 79 -15.57 -8.42 17.84
CA GLY P 79 -14.74 -7.22 17.88
C GLY P 79 -14.44 -6.60 16.51
N GLU P 80 -14.55 -7.40 15.46
CA GLU P 80 -14.23 -7.03 14.08
C GLU P 80 -15.14 -5.92 13.49
N LYS P 81 -14.60 -5.07 12.63
CA LYS P 81 -15.40 -4.06 11.91
C LYS P 81 -15.67 -4.50 10.47
N VAL P 82 -16.91 -4.38 10.01
CA VAL P 82 -17.26 -4.76 8.62
C VAL P 82 -17.90 -3.61 7.85
N LYS P 83 -17.42 -3.39 6.63
CA LYS P 83 -17.98 -2.35 5.79
C LYS P 83 -19.34 -2.82 5.30
N THR P 84 -20.33 -1.94 5.38
CA THR P 84 -21.64 -2.22 4.79
C THR P 84 -22.48 -0.95 4.73
N VAL P 85 -23.76 -1.10 4.40
CA VAL P 85 -24.68 0.04 4.35
C VAL P 85 -25.98 -0.33 5.06
N VAL P 86 -26.54 0.61 5.79
CA VAL P 86 -27.82 0.41 6.44
C VAL P 86 -28.90 1.23 5.74
N GLN P 87 -30.04 0.59 5.42
CA GLN P 87 -31.10 1.29 4.72
C GLN P 87 -32.34 1.43 5.57
N LEU P 88 -33.12 2.47 5.31
CA LEU P 88 -34.48 2.55 5.83
C LEU P 88 -35.45 1.90 4.84
N GLU P 89 -36.34 1.05 5.33
CA GLU P 89 -37.44 0.51 4.52
C GLU P 89 -38.79 0.85 5.15
N GLY P 90 -39.44 1.89 4.67
CA GLY P 90 -40.58 2.42 5.38
C GLY P 90 -39.98 3.33 6.43
N ASP P 91 -40.79 3.77 7.39
CA ASP P 91 -40.30 4.70 8.39
C ASP P 91 -39.74 3.97 9.60
N ASN P 92 -40.03 2.67 9.68
CA ASN P 92 -39.84 1.93 10.93
C ASN P 92 -38.95 0.70 10.84
N LYS P 93 -38.21 0.56 9.76
CA LYS P 93 -37.42 -0.65 9.54
C LYS P 93 -36.00 -0.31 9.09
N LEU P 94 -35.01 -0.75 9.85
CA LEU P 94 -33.62 -0.62 9.43
C LEU P 94 -33.17 -1.99 8.94
N VAL P 95 -32.58 -2.02 7.75
CA VAL P 95 -32.21 -3.27 7.12
C VAL P 95 -30.76 -3.22 6.69
N THR P 96 -30.03 -4.32 6.89
CA THR P 96 -28.62 -4.37 6.49
C THR P 96 -28.10 -5.80 6.47
N THR P 97 -26.91 -5.96 5.91
CA THR P 97 -26.29 -7.26 5.78
C THR P 97 -24.80 -7.14 6.05
N PHE P 98 -24.24 -8.11 6.75
CA PHE P 98 -22.81 -8.17 7.01
C PHE P 98 -22.42 -9.59 7.39
N LYS P 99 -21.29 -10.07 6.86
CA LYS P 99 -20.80 -11.42 7.16
C LYS P 99 -21.89 -12.50 6.98
N ASN P 100 -22.70 -12.37 5.93
CA ASN P 100 -23.80 -13.31 5.66
C ASN P 100 -24.92 -13.32 6.67
N ILE P 101 -24.92 -12.35 7.58
CA ILE P 101 -26.08 -12.13 8.42
C ILE P 101 -27.01 -11.18 7.67
N LYS P 102 -28.31 -11.43 7.75
CA LYS P 102 -29.32 -10.47 7.33
C LYS P 102 -30.03 -9.94 8.60
N SER P 103 -29.91 -8.63 8.81
CA SER P 103 -30.47 -7.95 9.98
C SER P 103 -31.67 -7.08 9.61
N VAL P 104 -32.76 -7.22 10.36
CA VAL P 104 -33.91 -6.34 10.22
C VAL P 104 -34.32 -5.83 11.59
N THR P 105 -34.29 -4.52 11.77
CA THR P 105 -34.64 -3.89 13.04
C THR P 105 -35.89 -3.05 12.86
N GLU P 106 -36.99 -3.49 13.47
CA GLU P 106 -38.26 -2.83 13.23
C GLU P 106 -38.88 -2.26 14.50
N LEU P 107 -39.38 -1.03 14.43
CA LEU P 107 -40.03 -0.40 15.57
C LEU P 107 -41.53 -0.32 15.42
N ASN P 108 -42.24 -0.77 16.44
CA ASN P 108 -43.70 -0.67 16.46
C ASN P 108 -44.15 -0.11 17.80
N GLY P 109 -44.43 1.18 17.84
CA GLY P 109 -44.77 1.84 19.07
C GLY P 109 -43.59 1.86 20.03
N ASP P 110 -43.63 1.00 21.03
CA ASP P 110 -42.59 0.96 22.05
C ASP P 110 -41.74 -0.30 21.94
N ILE P 111 -42.13 -1.19 21.04
CA ILE P 111 -41.45 -2.48 20.87
C ILE P 111 -40.53 -2.50 19.65
N ILE P 112 -39.25 -2.80 19.86
CA ILE P 112 -38.33 -3.03 18.76
C ILE P 112 -38.14 -4.52 18.59
N THR P 113 -38.23 -4.98 17.34
CA THR P 113 -37.99 -6.38 17.03
C THR P 113 -36.76 -6.47 16.16
N ASN P 114 -35.70 -7.03 16.71
CA ASN P 114 -34.46 -7.17 15.97
C ASN P 114 -34.29 -8.61 15.53
N THR P 115 -34.35 -8.82 14.23
CA THR P 115 -34.25 -10.17 13.68
C THR P 115 -32.99 -10.30 12.85
N MET P 116 -32.13 -11.22 13.25
CA MET P 116 -30.90 -11.49 12.50
C MET P 116 -30.87 -12.92 12.01
N THR P 117 -30.67 -13.08 10.70
CA THR P 117 -30.73 -14.39 10.08
C THR P 117 -29.39 -14.82 9.51
N LEU P 118 -28.92 -15.96 9.98
CA LEU P 118 -27.62 -16.51 9.56
C LEU P 118 -27.80 -18.00 9.21
N GLY P 119 -27.77 -18.31 7.91
CA GLY P 119 -28.12 -19.64 7.47
C GLY P 119 -29.59 -19.85 7.77
N ASP P 120 -29.91 -20.91 8.50
CA ASP P 120 -31.30 -21.20 8.83
C ASP P 120 -31.64 -20.78 10.26
N ILE P 121 -30.68 -20.10 10.91
CA ILE P 121 -30.86 -19.61 12.27
C ILE P 121 -31.50 -18.23 12.28
N VAL P 122 -32.64 -18.14 12.95
CA VAL P 122 -33.29 -16.85 13.10
C VAL P 122 -33.16 -16.38 14.56
N PHE P 123 -32.22 -15.46 14.76
CA PHE P 123 -31.95 -14.88 16.05
C PHE P 123 -32.88 -13.68 16.19
N LYS P 124 -33.84 -13.77 17.09
CA LYS P 124 -34.84 -12.71 17.27
C LYS P 124 -34.80 -12.10 18.68
N ARG P 125 -34.68 -10.77 18.77
CA ARG P 125 -34.69 -10.07 20.06
C ARG P 125 -35.84 -9.07 20.12
N ILE P 126 -36.53 -9.03 21.26
CA ILE P 126 -37.64 -8.12 21.43
C ILE P 126 -37.41 -7.23 22.64
N SER P 127 -37.37 -5.91 22.39
CA SER P 127 -37.05 -4.92 23.42
C SER P 127 -38.15 -3.88 23.55
N LYS P 128 -38.31 -3.32 24.74
CA LYS P 128 -39.38 -2.39 25.03
C LYS P 128 -38.77 -1.08 25.50
N ARG P 129 -39.30 0.04 25.05
CA ARG P 129 -38.78 1.33 25.48
C ARG P 129 -39.04 1.52 26.96
N ILE P 130 -38.07 2.10 27.66
CA ILE P 130 -38.21 2.38 29.10
C ILE P 130 -38.29 3.87 29.43
C01 WII Q . 17.63 4.07 -17.47
C02 WII Q . 17.09 5.45 -17.33
C04 WII Q . 15.65 4.29 -19.01
C06 WII Q . 13.82 6.60 -19.54
C07 WII Q . 13.43 5.25 -19.88
C11 WII Q . 19.45 2.40 -16.94
O12 WII Q . 18.99 1.56 -17.66
C13 WII Q . 21.24 0.00 -17.04
O14 WII Q . 21.50 0.07 -18.35
C16 WII Q . 17.57 6.52 -16.37
C19 WII Q . 18.44 7.42 -14.56
C21 WII Q . 19.18 7.62 -13.27
C22 WII Q . 20.26 8.58 -13.47
C23 WII Q . 18.24 8.15 -12.27
C24 WII Q . 19.75 6.26 -12.80
C25 WII Q . 20.69 2.24 -16.14
C26 WII Q . 21.53 1.14 -16.19
C27 WII Q . 22.68 1.25 -15.30
C28 WII Q . 22.52 2.70 -14.64
C03 WII Q . 15.83 5.61 -18.27
S05 WII Q . 16.75 3.29 -18.54
C08 WII Q . 14.45 4.22 -19.99
C09 WII Q . 14.84 6.80 -18.55
N10 WII Q . 18.84 3.63 -16.75
O15 WII Q . 20.71 -1.04 -16.52
N17 WII Q . 17.29 7.85 -16.40
O18 WII Q . 17.86 8.40 -15.28
N20 WII Q . 18.25 6.25 -15.22
C29 WII Q . 21.16 3.28 -15.22
S SCN R . -1.75 14.50 -11.18
C SCN R . 0.01 14.12 -11.24
N SCN R . 1.17 13.92 -11.29
C01 WII S . -8.23 -18.90 -38.68
C02 WII S . -9.21 -17.96 -39.28
C04 WII S . -7.94 -16.66 -37.59
C06 WII S . -9.28 -14.06 -38.16
C07 WII S . -8.67 -14.39 -36.90
C11 WII S . -7.26 -21.23 -38.60
O12 WII S . -6.43 -20.89 -37.85
C13 WII S . -5.68 -23.57 -37.52
O14 WII S . -6.07 -23.02 -36.37
C16 WII S . -10.17 -18.26 -40.40
C19 WII S . -10.99 -19.23 -42.18
C21 WII S . -11.19 -20.18 -43.33
C22 WII S . -12.39 -20.97 -43.06
C23 WII S . -11.35 -19.40 -44.57
C24 WII S . -9.93 -21.07 -43.42
C25 WII S . -7.40 -22.63 -39.09
C26 WII S . -6.68 -23.72 -38.59
C27 WII S . -6.99 -24.99 -39.25
C28 WII S . -8.15 -24.60 -40.29
C03 WII S . -9.05 -16.54 -38.63
S05 WII S . -7.38 -18.12 -37.57
C08 WII S . -7.62 -15.37 -36.85
C09 WII S . -9.79 -15.18 -38.88
N10 WII S . -8.19 -20.31 -39.09
O15 WII S . -4.46 -23.91 -37.73
N17 WII S . -11.30 -17.59 -40.73
O18 WII S . -11.82 -18.22 -41.83
N20 WII S . -9.95 -19.26 -41.31
C29 WII S . -8.34 -23.02 -40.17
S SCN T . -9.88 -10.47 -38.67
C SCN T . -10.44 -8.75 -38.88
N SCN T . -10.85 -7.64 -38.94
S SCN U . -9.62 0.80 -50.19
C SCN U . -9.96 -0.93 -49.83
N SCN U . -10.25 -2.05 -49.60
C01 WII V . -8.15 9.14 -50.32
C02 WII V . -9.14 8.16 -49.79
C04 WII V . -7.60 6.87 -51.31
C06 WII V . -8.94 4.26 -51.07
C07 WII V . -7.54 4.35 -51.45
C11 WII V . -7.22 11.49 -50.41
O12 WII V . -6.33 11.13 -51.08
C13 WII V . -5.54 13.83 -51.54
O14 WII V . -5.82 13.87 -52.85
C16 WII V . -10.25 8.50 -48.82
C19 WII V . -11.27 9.48 -47.16
C21 WII V . -11.55 10.38 -46.00
C22 WII V . -12.84 11.04 -46.20
C23 WII V . -11.54 9.58 -44.76
C24 WII V . -10.43 11.44 -45.90
C25 WII V . -7.34 12.91 -49.99
C26 WII V . -6.58 13.97 -50.52
C27 WII V . -6.91 15.25 -49.91
C28 WII V . -8.03 14.89 -48.81
C03 WII V . -8.82 6.72 -50.40
S05 WII V . -7.14 8.35 -51.28
C08 WII V . -7.07 5.60 -52.01
C09 WII V . -9.48 5.31 -50.26
N10 WII V . -8.19 10.58 -49.95
O15 WII V . -4.33 13.62 -51.14
N17 WII V . -11.49 7.96 -48.75
O18 WII V . -12.13 8.58 -47.71
N20 WII V . -10.10 9.42 -47.85
C29 WII V . -8.31 13.33 -48.97
C01 WII W . 18.78 -32.34 -41.76
C02 WII W . 18.02 -31.51 -40.80
C04 WII W . 16.35 -32.93 -41.96
C06 WII W . 14.09 -32.21 -40.20
C07 WII W . 13.84 -32.82 -41.49
C11 WII W . 20.96 -32.95 -42.86
O12 WII W . 20.42 -33.72 -43.59
C13 WII W . 22.89 -33.74 -45.11
O14 WII W . 21.91 -33.29 -45.90
C16 WII W . 18.62 -30.50 -39.85
C19 WII W . 20.06 -29.50 -38.58
C21 WII W . 21.31 -29.10 -37.86
C22 WII W . 21.39 -27.63 -37.95
C23 WII W . 21.21 -29.55 -36.46
C24 WII W . 22.56 -29.73 -38.54
C25 WII W . 22.42 -32.64 -42.90
C26 WII W . 23.30 -32.98 -43.95
C27 WII W . 24.66 -32.53 -43.74
C28 WII W . 24.44 -31.45 -42.56
C03 WII W . 16.49 -31.85 -40.89
S05 WII W . 17.75 -33.27 -42.54
C08 WII W . 14.91 -33.44 -42.24
C09 WII W . 15.22 -31.33 -40.13
N10 WII W . 20.24 -32.23 -41.92
O15 WII W . 23.46 -34.86 -45.33
N17 WII W . 17.98 -29.46 -39.30
O18 WII W . 18.89 -28.83 -38.50
N20 WII W . 19.90 -30.55 -39.41
C29 WII W . 23.10 -31.87 -41.84
S SCN X . 11.05 -31.96 -38.54
C SCN X . 9.56 -31.73 -37.51
N SCN X . 8.57 -31.57 -36.88
C01 WII Y . -15.81 -24.86 -17.61
C02 WII Y . -15.35 -23.85 -16.62
C04 WII Y . -17.15 -22.74 -17.93
C06 WII Y . -17.27 -20.28 -16.20
C07 WII Y . -17.88 -20.30 -17.51
C11 WII Y . -15.49 -27.13 -18.68
O12 WII Y . -16.37 -26.97 -19.43
C13 WII Y . -15.60 -29.32 -20.77
O14 WII Y . -15.28 -28.67 -21.88
C16 WII Y . -14.29 -24.06 -15.56
C19 WII Y . -12.91 -25.00 -14.16
C21 WII Y . -12.12 -26.01 -13.40
C22 WII Y . -10.70 -25.86 -13.80
C23 WII Y . -12.29 -25.77 -11.95
C24 WII Y . -12.67 -27.41 -13.76
C25 WII Y . -14.66 -28.34 -18.66
C26 WII Y . -14.68 -29.35 -19.64
C27 WII Y . -13.73 -30.42 -19.39
C28 WII Y . -12.73 -29.69 -18.38
C03 WII Y . -16.17 -22.52 -16.77
S05 WII Y . -16.96 -24.18 -18.51
C08 WII Y . -18.08 -21.54 -18.24
C09 WII Y . -16.15 -21.14 -15.99
N10 WII Y . -15.15 -26.17 -17.72
O15 WII Y . -16.73 -29.93 -20.61
N17 WII Y . -13.71 -23.07 -14.84
O18 WII Y . -12.84 -23.67 -13.98
N20 WII Y . -13.82 -25.25 -15.14
C29 WII Y . -13.64 -28.62 -17.65
S SCN Z . -18.58 -17.44 -14.58
C SCN Z . -19.19 -16.31 -13.29
N SCN Z . -19.57 -15.54 -12.46
S SCN AA . 10.57 8.24 -19.83
C SCN AA . 9.06 9.21 -19.93
N SCN AA . 8.07 9.84 -20.03
C01 WII BA . -10.06 15.75 -12.76
C02 WII BA . -8.71 16.27 -13.14
C04 WII BA . -8.32 14.77 -11.21
C06 WII BA . -5.35 14.96 -11.24
C07 WII BA . -6.06 14.54 -10.07
C11 WII BA . -12.60 15.76 -12.98
O12 WII BA . -12.74 15.03 -12.06
C13 WII BA . -15.55 15.07 -12.45
O14 WII BA . -15.35 15.45 -11.17
C16 WII BA . -8.41 17.21 -14.28
C19 WII BA . -8.44 18.05 -16.26
C21 WII BA . -8.80 18.31 -17.66
C22 WII BA . -9.16 19.73 -17.68
C23 WII BA . -7.66 18.01 -18.53
C24 WII BA . -10.01 17.42 -18.08
C25 WII BA . -13.76 16.30 -13.73
C26 WII BA . -15.11 15.99 -13.48
C27 WII BA . -16.04 16.68 -14.38
C28 WII BA . -15.08 17.35 -15.47
C03 WII BA . -7.60 15.67 -12.21
S05 WII BA . -9.85 14.80 -11.51
C08 WII BA . -7.42 14.05 -10.19
C09 WII BA . -6.05 15.84 -12.15
N10 WII BA . -11.32 16.15 -13.42
O15 WII BA . -16.10 13.93 -12.80
N17 WII BA . -7.55 18.25 -14.26
O18 WII BA . -7.59 18.79 -15.52
N20 WII BA . -8.96 17.06 -15.50
C29 WII BA . -13.62 17.26 -14.83
C01 WII CA . 20.10 -24.31 -6.22
C02 WII CA . 19.76 -23.58 -7.47
C04 WII CA . 21.43 -22.15 -6.25
C06 WII CA . 21.68 -20.07 -8.32
C07 WII CA . 22.00 -19.79 -6.94
C11 WII CA . 19.46 -26.13 -4.56
O12 WII CA . 19.97 -25.55 -3.67
C13 WII CA . 19.74 -27.87 -2.07
O14 WII CA . 19.42 -27.01 -1.09
C16 WII CA . 18.81 -24.07 -8.53
C19 WII CA . 17.53 -25.34 -9.74
C21 WII CA . 16.75 -26.49 -10.29
C22 WII CA . 15.34 -26.09 -10.23
C23 WII CA . 17.21 -26.72 -11.68
C24 WII CA . 17.00 -27.76 -9.43
C25 WII CA . 18.74 -27.40 -4.33
C26 WII CA . 18.84 -28.18 -3.16
C27 WII CA . 17.98 -29.36 -3.19
C28 WII CA . 16.94 -28.96 -4.34
C03 WII CA . 20.59 -22.23 -7.52
S05 WII CA . 21.15 -23.42 -5.40
C08 WII CA . 22.33 -20.91 -6.07
C09 WII CA . 20.67 -21.06 -8.57
N10 WII CA . 19.47 -25.61 -5.86
O15 WII CA . 20.89 -28.44 -2.10
N17 WII CA . 18.31 -23.30 -9.53
O18 WII CA . 17.50 -24.11 -10.28
N20 WII CA . 18.35 -25.33 -8.66
C29 WII CA . 17.74 -27.95 -5.27
S SCN DA . 22.97 -17.87 -10.76
C SCN DA . 23.49 -16.77 -12.13
N SCN DA . 23.80 -16.00 -12.98
C01 WII EA . 29.43 3.51 -37.58
C02 WII EA . 28.46 3.12 -38.65
C04 WII EA . 27.87 5.47 -37.99
C06 WII EA . 25.92 5.89 -40.17
C07 WII EA . 25.96 6.79 -39.05
C11 WII EA . 31.20 2.84 -35.92
O12 WII EA . 31.08 3.86 -35.38
C13 WII EA . 33.07 3.24 -33.60
O14 WII EA . 32.11 3.55 -32.71
C16 WII EA . 28.47 1.77 -39.37
C19 WII EA . 29.28 -0.14 -40.09
C21 WII EA . 30.22 -1.29 -40.32
C22 WII EA . 29.66 -2.52 -39.75
C23 WII EA . 30.43 -1.43 -41.77
C24 WII EA . 31.58 -0.96 -39.62
C25 WII EA . 32.13 1.80 -35.43
C26 WII EA . 32.98 1.97 -34.32
C27 WII EA . 33.77 0.79 -34.01
C28 WII EA . 32.92 -0.35 -34.76
C03 WII EA . 27.48 4.33 -38.95
S05 WII EA . 29.08 5.01 -37.11
C08 WII EA . 27.06 6.78 -38.10
C09 WII EA . 26.30 4.52 -39.97
N10 WII EA . 30.44 2.56 -37.06
O15 WII EA . 34.04 4.04 -33.88
N17 WII EA . 27.51 1.21 -40.14
O18 WII EA . 28.01 0.00 -40.58
N20 WII EA . 29.56 0.96 -39.35
C29 WII EA . 32.22 0.44 -35.96
S SCN FA . 23.99 7.40 -42.78
C SCN FA . 23.33 7.74 -44.44
N SCN FA . 22.86 7.93 -45.50
C01 WII GA . -19.31 -1.44 38.94
C02 WII GA . -18.83 -2.76 39.47
C04 WII GA . -17.10 -1.96 37.83
C06 WII GA . -15.10 -4.11 38.45
C07 WII GA . -14.86 -3.18 37.38
C11 WII GA . -21.15 0.26 38.79
O12 WII GA . -20.56 0.86 37.95
C13 WII GA . -22.87 2.45 37.68
O14 WII GA . -23.40 2.30 36.45
C16 WII GA . -19.50 -3.57 40.56
C19 WII GA . -20.64 -3.99 42.37
C21 WII GA . -21.52 -3.85 43.58
C22 WII GA . -22.64 -4.78 43.47
C23 WII GA . -20.73 -4.18 44.77
C24 WII GA . -22.03 -2.39 43.67
C25 WII GA . -22.49 0.61 39.32
C26 WII GA . -23.30 1.63 38.79
C27 WII GA . -24.58 1.75 39.48
C28 WII GA . -24.58 0.53 40.53
C03 WII GA . -17.44 -3.09 38.81
S05 WII GA . -18.25 -0.90 37.87
C08 WII GA . -15.77 -2.09 37.06
C09 WII GA . -16.43 -4.30 38.97
N10 WII GA . -20.61 -0.88 39.35
O15 WII GA . -21.93 3.29 37.90
N17 WII GA . -19.36 -4.89 40.81
O18 WII GA . -20.11 -5.15 41.93
N20 WII GA . -20.25 -3.00 41.54
C29 WII GA . -23.12 -0.11 40.42
S SCN HA . -1.35 -9.59 50.50
C SCN HA . -3.05 -9.24 50.03
N SCN HA . -4.19 -9.08 49.75
C01 WII IA . 9.98 16.13 16.89
C02 WII IA . 11.02 15.07 16.70
C04 WII IA . 9.42 14.22 18.43
C06 WII IA . 10.62 11.53 18.60
C07 WII IA . 9.89 12.11 19.67
C11 WII IA . 9.07 18.37 16.20
O12 WII IA . 8.10 18.17 16.84
C13 WII IA . 7.46 20.86 16.61
O14 WII IA . 7.69 20.46 17.86
C16 WII IA . 12.16 15.12 15.72
C19 WII IA . 13.21 15.65 13.87
C21 WII IA . 13.50 16.27 12.53
C22 WII IA . 14.79 16.98 12.64
C23 WII IA . 13.59 15.23 11.49
C24 WII IA . 12.37 17.27 12.17
C25 WII IA . 9.30 19.63 15.43
C26 WII IA . 8.54 20.80 15.63
C27 WII IA . 8.94 21.90 14.76
C28 WII IA . 10.01 21.22 13.76
C03 WII IA . 10.69 13.86 17.65
S05 WII IA . 8.92 15.64 17.99
C08 WII IA . 8.94 13.15 19.39
C09 WII IA . 11.41 12.48 17.86
N10 WII IA . 10.06 17.40 16.15
O15 WII IA . 6.30 21.26 16.28
N17 WII IA . 13.36 14.48 15.76
O18 WII IA . 14.03 14.84 14.60
N20 WII IA . 12.06 15.81 14.56
C29 WII IA . 10.33 19.80 14.40
S SCN JA . 11.44 7.98 19.38
C SCN JA . 11.96 6.25 19.60
N SCN JA . 12.29 5.13 19.81
S SCN KA . 12.66 -5.75 10.90
C SCN KA . 13.03 -4.00 11.07
N SCN KA . 13.39 -2.88 11.18
C01 WII LA . 11.04 -13.86 12.73
C02 WII LA . 12.00 -12.77 13.09
C04 WII LA . 10.84 -12.00 11.01
C06 WII LA . 11.93 -9.22 11.07
C07 WII LA . 10.78 -9.59 10.27
C11 WII LA . 10.28 -16.23 12.99
O12 WII LA . 9.82 -16.20 11.92
C13 WII LA . 8.48 -18.60 12.45
O14 WII LA . 8.95 -18.82 11.20
C16 WII LA . 12.90 -12.82 14.30
C19 WII LA . 13.62 -13.32 16.29
C21 WII LA . 13.69 -13.91 17.66
C22 WII LA . 15.00 -14.55 17.83
C23 WII LA . 13.46 -12.80 18.61
C24 WII LA . 12.59 -14.97 17.83
C25 WII LA . 10.22 -17.44 13.84
C26 WII LA . 9.39 -18.54 13.58
C27 WII LA . 9.53 -19.60 14.57
C28 WII LA . 10.69 -19.07 15.55
C03 WII LA . 11.90 -11.59 12.05
S05 WII LA . 10.29 -13.40 11.40
C08 WII LA . 10.57 -10.98 9.90
C09 WII LA . 12.61 -10.21 11.87
N10 WII LA . 10.92 -15.11 13.51
O15 WII LA . 7.22 -18.41 12.68
N17 WII LA . 14.10 -12.20 14.45
O18 WII LA . 14.54 -12.53 15.71
N20 WII LA . 12.60 -13.51 15.42
C29 WII LA . 11.05 -17.61 15.05
C01 WII MA . -15.95 27.87 6.44
C02 WII MA . -15.36 27.36 7.70
C04 WII MA . -13.49 28.45 6.45
C06 WII MA . -11.56 28.35 8.69
C07 WII MA . -11.10 28.68 7.36
C11 WII MA . -17.95 28.24 4.97
O12 WII MA . -17.32 28.89 4.23
C13 WII MA . -19.62 28.46 2.26
O14 WII MA . -20.10 27.90 1.14
C16 WII MA . -16.12 26.64 8.79
C19 WII MA . -17.77 25.95 10.03
C21 WII MA . -19.13 25.69 10.58
C22 WII MA . -19.20 24.23 10.73
C23 WII MA . -19.25 26.38 11.88
C24 WII MA . -20.24 26.17 9.61
C25 WII MA . -19.40 27.93 4.79
C26 WII MA . -20.12 28.02 3.57
C27 WII MA . -21.49 27.60 3.72
C28 WII MA . -21.54 27.00 5.22
C03 WII MA . -13.82 27.71 7.75
S05 WII MA . -14.79 28.58 5.60
C08 WII MA . -12.02 28.89 6.26
C09 WII MA . -12.67 27.45 8.79
N10 WII MA . -17.38 27.68 6.10
O15 WII MA . -18.74 29.38 2.16
N17 WII MA . -15.58 25.89 9.77
O18 WII MA . -16.62 25.45 10.53
N20 WII MA . -17.47 26.70 8.94
C29 WII MA . -20.19 27.43 5.92
S SCN NA . -8.86 28.39 10.84
C SCN NA . -7.65 28.63 12.18
N SCN NA . -6.84 28.74 13.03
C01 WII OA . 14.25 27.17 36.81
C02 WII OA . 13.64 26.43 37.95
C04 WII OA . 15.64 25.12 37.24
C06 WII OA . 15.55 23.21 39.49
C07 WII OA . 16.32 22.90 38.32
C11 WII OA . 14.24 29.14 35.26
O12 WII OA . 15.30 28.85 34.82
C13 WII OA . 14.76 30.77 32.76
O14 WII OA . 14.69 29.82 31.82
C16 WII OA . 12.41 26.88 38.72
C19 WII OA . 10.88 28.17 39.57
C21 WII OA . 10.05 29.38 39.89
C22 WII OA . 8.68 29.13 39.43
C23 WII OA . 10.13 29.59 41.35
C24 WII OA . 10.67 30.58 39.12
C25 WII OA . 13.42 30.30 34.80
C26 WII OA . 13.62 31.02 33.63
C27 WII OA . 12.65 32.08 33.41
C28 WII OA . 11.51 31.70 34.48
C03 WII OA . 14.49 25.15 38.26
S05 WII OA . 15.52 26.35 36.30
C08 WII OA . 16.63 23.94 37.36
C09 WII OA . 14.37 24.01 39.34
N10 WII OA . 13.65 28.39 36.25
O15 WII OA . 15.81 31.48 32.94
N17 WII OA . 11.61 26.10 39.48
O18 WII OA . 10.63 26.92 40.00
N20 WII OA . 11.98 28.16 38.79
C29 WII OA . 12.22 30.74 35.51
S SCN PA . 16.54 20.98 42.04
C SCN PA . 16.80 20.08 43.60
N SCN PA . 16.96 19.47 44.61
S SCN QA . -12.10 -5.93 38.69
C SCN QA . -10.62 -6.82 39.19
N SCN QA . -9.64 -7.41 39.48
C01 WII RA . 7.02 -10.94 50.56
C02 WII RA . 5.74 -11.55 50.09
C04 WII RA . 5.08 -9.68 51.61
C06 WII RA . 2.16 -9.84 51.04
C07 WII RA . 2.64 -9.03 52.14
C11 WII RA . 9.55 -10.97 50.76
O12 WII RA . 9.55 -10.08 51.53
C13 WII RA . 12.33 -10.12 51.63
O14 WII RA . 11.89 -10.19 52.90
C16 WII RA . 5.59 -12.70 49.13
C19 WII RA . 5.99 -14.03 47.46
C21 WII RA . 6.61 -14.68 46.29
C22 WII RA . 6.81 -16.08 46.65
C23 WII RA . 5.70 -14.52 45.16
C24 WII RA . 7.97 -13.98 45.97
C25 WII RA . 10.81 -11.64 50.33
C26 WII RA . 12.09 -11.25 50.75
C27 WII RA . 13.15 -12.07 50.20
C28 WII RA . 12.39 -13.11 49.24
C03 WII RA . 4.50 -10.79 50.71
S05 WII RA . 6.63 -9.76 51.55
C08 WII RA . 4.05 -8.77 52.32
C09 WII RA . 2.95 -10.95 50.58
N10 WII RA . 8.35 -11.46 50.18
O15 WII RA . 12.94 -9.07 51.14
N17 WII RA . 4.59 -13.61 49.10
O18 WII RA . 4.85 -14.45 48.05
N20 WII RA . 6.45 -12.93 48.10
C29 WII RA . 10.84 -12.81 49.45
C01 WII SA . -23.00 28.70 42.30
C02 WII SA . -22.51 27.72 41.29
C04 WII SA . -24.39 26.57 42.50
C06 WII SA . -24.50 24.20 40.74
C07 WII SA . -25.13 24.16 42.04
C11 WII SA . -22.83 30.97 43.46
O12 WII SA . -23.73 30.71 44.17
C13 WII SA . -23.11 32.98 45.79
O14 WII SA . -22.66 32.88 47.05
C16 WII SA . -21.39 27.97 40.29
C19 WII SA . -19.90 28.97 39.05
C21 WII SA . -18.98 29.97 38.40
C22 WII SA . -17.63 29.64 38.87
C23 WII SA . -19.11 29.76 36.94
C24 WII SA . -19.34 31.44 38.74
C25 WII SA . -22.10 32.26 43.56
C26 WII SA . -22.21 33.17 44.65
C27 WII SA . -21.34 34.32 44.51
C28 WII SA . -20.34 33.84 43.34
C03 WII SA . -23.35 26.38 41.37
S05 WII SA . -24.19 27.98 43.10
C08 WII SA . -25.35 25.38 42.79
C09 WII SA . -23.34 25.03 40.59
N10 WII SA . -22.40 30.04 42.50
O15 WII SA . -24.35 32.87 45.58
N17 WII SA . -20.82 27.03 39.53
O18 WII SA . -19.88 27.65 38.76
N20 WII SA . -20.84 29.18 40.00
C29 WII SA . -21.12 32.69 42.56
S SCN TA . -25.26 21.34 39.05
C SCN TA . -25.61 19.98 37.88
N SCN TA . -25.84 19.05 37.17
C01 WII UA . -27.88 -6.01 17.74
C02 WII UA . -26.78 -5.89 16.73
C04 WII UA . -26.35 -8.01 18.01
C06 WII UA . -23.93 -8.80 16.47
C07 WII UA . -24.21 -9.31 17.80
C11 WII UA . -29.89 -5.02 18.89
O12 WII UA . -29.93 -5.92 19.64
C13 WII UA . -31.94 -4.79 21.10
O14 WII UA . -31.18 -4.68 22.19
C16 WII UA . -26.66 -4.77 15.72
C19 WII UA . -27.26 -3.12 14.42
C21 WII UA . -28.11 -2.11 13.73
C22 WII UA . -27.63 -0.78 14.08
C23 WII UA . -28.07 -2.36 12.26
C24 WII UA . -29.56 -2.29 14.25
C25 WII UA . -30.87 -3.92 19.00
C26 WII UA . -31.80 -3.80 20.04
C27 WII UA . -32.62 -2.60 19.94
C28 WII UA . -31.85 -1.75 18.82
C03 WII UA . -25.81 -7.13 16.86
S05 WII UA . -27.62 -7.34 18.59
C08 WII UA . -25.56 -9.30 18.34
C09 WII UA . -24.51 -7.55 16.06
N10 WII UA . -28.93 -4.96 17.89
O15 WII UA . -32.76 -5.77 20.91
N17 WII UA . -25.54 -4.34 15.08
O18 WII UA . -25.93 -3.30 14.27
N20 WII UA . -27.72 -4.03 15.31
C29 WII UA . -30.90 -2.78 18.08
S SCN VA . -21.82 -10.93 14.47
C SCN VA . -20.87 -11.70 13.11
N SCN VA . -20.22 -12.16 12.24
#